data_1TSU
# 
_entry.id   1TSU 
# 
_audit_conform.dict_name       mmcif_pdbx.dic 
_audit_conform.dict_version    5.376 
_audit_conform.dict_location   http://mmcif.pdb.org/dictionaries/ascii/mmcif_pdbx.dic 
# 
loop_
_database_2.database_id 
_database_2.database_code 
_database_2.pdbx_database_accession 
_database_2.pdbx_DOI 
PDB   1TSU         pdb_00001tsu 10.2210/pdb1tsu/pdb 
RCSB  RCSB022876   ?            ?                   
WWPDB D_1000022876 ?            ?                   
# 
_pdbx_database_status.status_code                     REL 
_pdbx_database_status.entry_id                        1TSU 
_pdbx_database_status.recvd_initial_deposition_date   2004-06-21 
_pdbx_database_status.deposit_site                    RCSB 
_pdbx_database_status.process_site                    RCSB 
_pdbx_database_status.status_code_sf                  ? 
_pdbx_database_status.status_code_mr                  ? 
_pdbx_database_status.SG_entry                        ? 
_pdbx_database_status.pdb_format_compatible           Y 
_pdbx_database_status.status_code_cs                  ? 
_pdbx_database_status.methods_development_category    ? 
_pdbx_database_status.status_code_nmr_data            ? 
# 
loop_
_audit_author.name 
_audit_author.pdbx_ordinal 
'Prabu-Jeyabalan, M.' 1 
'Nalivaika, E.A.'     2 
'King, N.M.'          3 
'Schiffer, C.A.'      4 
# 
_citation.id                        primary 
_citation.title                     
;Structural basis for coevolution of a human immunodeficiency virus type 1 nucleocapsid-p1 cleavage site with a V82A drug-resistant mutation in viral protease
;
_citation.journal_abbrev            J.Virol. 
_citation.journal_volume            78 
_citation.page_first                12446 
_citation.page_last                 12454 
_citation.year                      2004 
_citation.journal_id_ASTM           JOVIAM 
_citation.country                   US 
_citation.journal_id_ISSN           0022-538X 
_citation.journal_id_CSD            0825 
_citation.book_publisher            ? 
_citation.pdbx_database_id_PubMed   15507631 
_citation.pdbx_database_id_DOI      10.1128/JVI.78.22.12446-12454.2004 
# 
loop_
_citation_author.citation_id 
_citation_author.name 
_citation_author.ordinal 
_citation_author.identifier_ORCID 
primary 'Prabu-Jeyabalan, M.' 1 ? 
primary 'Nalivaika, E.A.'     2 ? 
primary 'King, N.M.'          3 ? 
primary 'Schiffer, C.A.'      4 ? 
# 
_cell.entry_id           1TSU 
_cell.length_a           51.058 
_cell.length_b           57.731 
_cell.length_c           61.495 
_cell.angle_alpha        90.00 
_cell.angle_beta         90.00 
_cell.angle_gamma        90.00 
_cell.Z_PDB              8 
_cell.pdbx_unique_axis   ? 
# 
_symmetry.entry_id                         1TSU 
_symmetry.space_group_name_H-M             'P 21 21 21' 
_symmetry.pdbx_full_space_group_name_H-M   ? 
_symmetry.cell_setting                     ? 
_symmetry.Int_Tables_number                19 
_symmetry.space_group_name_Hall            ? 
# 
loop_
_entity.id 
_entity.type 
_entity.src_method 
_entity.pdbx_description 
_entity.formula_weight 
_entity.pdbx_number_of_molecules 
_entity.pdbx_ec 
_entity.pdbx_mutation 
_entity.pdbx_fragment 
_entity.details 
1 polymer syn 'Pol polyprotein'         10800.777 2   3.4.23.16 Q7K,D25N,L63P Protease ? 
2 polymer syn 'NC-P1 SUBSTRATE PEPTIDE' 935.082   1   ?         ?             ?        ? 
3 water   nat water                     18.015    112 ?         ?             ?        ? 
# 
loop_
_entity_poly.entity_id 
_entity_poly.type 
_entity_poly.nstd_linkage 
_entity_poly.nstd_monomer 
_entity_poly.pdbx_seq_one_letter_code 
_entity_poly.pdbx_seq_one_letter_code_can 
_entity_poly.pdbx_strand_id 
_entity_poly.pdbx_target_identifier 
1 'polypeptide(L)' no no 
;PQITLWKRPLVTIRIGGQLKEALLNTGADDTVLEEMNLPGKWKPKMIGGIGGFIKVRQYDQIPVEICGHKAIGTVLVGPT
PVNIIGRNLLTQIGCTLNF
;
;PQITLWKRPLVTIRIGGQLKEALLNTGADDTVLEEMNLPGKWKPKMIGGIGGFIKVRQYDQIPVEICGHKAIGTVLVGPT
PVNIIGRNLLTQIGCTLNF
;
A,B ? 
2 'polypeptide(L)' no no RQANFLGK                                                                                               
RQANFLGK                                                                                               P   ? 
# 
loop_
_entity_poly_seq.entity_id 
_entity_poly_seq.num 
_entity_poly_seq.mon_id 
_entity_poly_seq.hetero 
1 1  PRO n 
1 2  GLN n 
1 3  ILE n 
1 4  THR n 
1 5  LEU n 
1 6  TRP n 
1 7  LYS n 
1 8  ARG n 
1 9  PRO n 
1 10 LEU n 
1 11 VAL n 
1 12 THR n 
1 13 ILE n 
1 14 ARG n 
1 15 ILE n 
1 16 GLY n 
1 17 GLY n 
1 18 GLN n 
1 19 LEU n 
1 20 LYS n 
1 21 GLU n 
1 22 ALA n 
1 23 LEU n 
1 24 LEU n 
1 25 ASN n 
1 26 THR n 
1 27 GLY n 
1 28 ALA n 
1 29 ASP n 
1 30 ASP n 
1 31 THR n 
1 32 VAL n 
1 33 LEU n 
1 34 GLU n 
1 35 GLU n 
1 36 MET n 
1 37 ASN n 
1 38 LEU n 
1 39 PRO n 
1 40 GLY n 
1 41 LYS n 
1 42 TRP n 
1 43 LYS n 
1 44 PRO n 
1 45 LYS n 
1 46 MET n 
1 47 ILE n 
1 48 GLY n 
1 49 GLY n 
1 50 ILE n 
1 51 GLY n 
1 52 GLY n 
1 53 PHE n 
1 54 ILE n 
1 55 LYS n 
1 56 VAL n 
1 57 ARG n 
1 58 GLN n 
1 59 TYR n 
1 60 ASP n 
1 61 GLN n 
1 62 ILE n 
1 63 PRO n 
1 64 VAL n 
1 65 GLU n 
1 66 ILE n 
1 67 CYS n 
1 68 GLY n 
1 69 HIS n 
1 70 LYS n 
1 71 ALA n 
1 72 ILE n 
1 73 GLY n 
1 74 THR n 
1 75 VAL n 
1 76 LEU n 
1 77 VAL n 
1 78 GLY n 
1 79 PRO n 
1 80 THR n 
1 81 PRO n 
1 82 VAL n 
1 83 ASN n 
1 84 ILE n 
1 85 ILE n 
1 86 GLY n 
1 87 ARG n 
1 88 ASN n 
1 89 LEU n 
1 90 LEU n 
1 91 THR n 
1 92 GLN n 
1 93 ILE n 
1 94 GLY n 
1 95 CYS n 
1 96 THR n 
1 97 LEU n 
1 98 ASN n 
1 99 PHE n 
2 1  ARG n 
2 2  GLN n 
2 3  ALA n 
2 4  ASN n 
2 5  PHE n 
2 6  LEU n 
2 7  GLY n 
2 8  LYS n 
# 
loop_
_struct_ref.id 
_struct_ref.db_name 
_struct_ref.db_code 
_struct_ref.pdbx_db_accession 
_struct_ref.entity_id 
_struct_ref.pdbx_seq_one_letter_code 
_struct_ref.pdbx_align_begin 
_struct_ref.pdbx_db_isoform 
1 UNP POL_HV1A2 P03369 1 
;PQITLWQRPLVTIRIGGQLKEALLDTGADDTVLEEMNLPGKWKPKMIGGIGGFIKVRQYDQIPVEICGHKAIGTVLVGPT
PVNIIGRNLLTQIGCTLNF
;
57  ? 
2 UNP GAG_HV1H2 P04591 2 RQANFLGK                                                                                               
428 ? 
# 
loop_
_struct_ref_seq.align_id 
_struct_ref_seq.ref_id 
_struct_ref_seq.pdbx_PDB_id_code 
_struct_ref_seq.pdbx_strand_id 
_struct_ref_seq.seq_align_beg 
_struct_ref_seq.pdbx_seq_align_beg_ins_code 
_struct_ref_seq.seq_align_end 
_struct_ref_seq.pdbx_seq_align_end_ins_code 
_struct_ref_seq.pdbx_db_accession 
_struct_ref_seq.db_align_beg 
_struct_ref_seq.pdbx_db_align_beg_ins_code 
_struct_ref_seq.db_align_end 
_struct_ref_seq.pdbx_db_align_end_ins_code 
_struct_ref_seq.pdbx_auth_seq_align_beg 
_struct_ref_seq.pdbx_auth_seq_align_end 
1 1 1TSU A 1 ? 99 ? P03369 57  ? 155 ? 1 99 
2 1 1TSU B 1 ? 99 ? P03369 57  ? 155 ? 1 99 
3 2 1TSU P 1 ? 8  ? P04591 428 ? 434 ? 2 9  
# 
loop_
_struct_ref_seq_dif.align_id 
_struct_ref_seq_dif.pdbx_pdb_id_code 
_struct_ref_seq_dif.mon_id 
_struct_ref_seq_dif.pdbx_pdb_strand_id 
_struct_ref_seq_dif.seq_num 
_struct_ref_seq_dif.pdbx_pdb_ins_code 
_struct_ref_seq_dif.pdbx_seq_db_name 
_struct_ref_seq_dif.pdbx_seq_db_accession_code 
_struct_ref_seq_dif.db_mon_id 
_struct_ref_seq_dif.pdbx_seq_db_seq_num 
_struct_ref_seq_dif.details 
_struct_ref_seq_dif.pdbx_auth_seq_num 
_struct_ref_seq_dif.pdbx_ordinal 
1 1TSU LYS A 7  ? UNP P03369 GLN 63 'engineered mutation' 7  1 
1 1TSU ASN A 25 ? UNP P03369 ASP 81 'engineered mutation' 25 2 
2 1TSU LYS B 7  ? UNP P03369 GLN 63 'engineered mutation' 7  3 
2 1TSU ASN B 25 ? UNP P03369 ASP 81 'engineered mutation' 25 4 
# 
loop_
_chem_comp.id 
_chem_comp.type 
_chem_comp.mon_nstd_flag 
_chem_comp.name 
_chem_comp.pdbx_synonyms 
_chem_comp.formula 
_chem_comp.formula_weight 
ALA 'L-peptide linking' y ALANINE         ? 'C3 H7 N O2'     89.093  
ARG 'L-peptide linking' y ARGININE        ? 'C6 H15 N4 O2 1' 175.209 
ASN 'L-peptide linking' y ASPARAGINE      ? 'C4 H8 N2 O3'    132.118 
ASP 'L-peptide linking' y 'ASPARTIC ACID' ? 'C4 H7 N O4'     133.103 
CYS 'L-peptide linking' y CYSTEINE        ? 'C3 H7 N O2 S'   121.158 
GLN 'L-peptide linking' y GLUTAMINE       ? 'C5 H10 N2 O3'   146.144 
GLU 'L-peptide linking' y 'GLUTAMIC ACID' ? 'C5 H9 N O4'     147.129 
GLY 'peptide linking'   y GLYCINE         ? 'C2 H5 N O2'     75.067  
HIS 'L-peptide linking' y HISTIDINE       ? 'C6 H10 N3 O2 1' 156.162 
HOH non-polymer         . WATER           ? 'H2 O'           18.015  
ILE 'L-peptide linking' y ISOLEUCINE      ? 'C6 H13 N O2'    131.173 
LEU 'L-peptide linking' y LEUCINE         ? 'C6 H13 N O2'    131.173 
LYS 'L-peptide linking' y LYSINE          ? 'C6 H15 N2 O2 1' 147.195 
MET 'L-peptide linking' y METHIONINE      ? 'C5 H11 N O2 S'  149.211 
PHE 'L-peptide linking' y PHENYLALANINE   ? 'C9 H11 N O2'    165.189 
PRO 'L-peptide linking' y PROLINE         ? 'C5 H9 N O2'     115.130 
THR 'L-peptide linking' y THREONINE       ? 'C4 H9 N O3'     119.119 
TRP 'L-peptide linking' y TRYPTOPHAN      ? 'C11 H12 N2 O2'  204.225 
TYR 'L-peptide linking' y TYROSINE        ? 'C9 H11 N O3'    181.189 
VAL 'L-peptide linking' y VALINE          ? 'C5 H11 N O2'    117.146 
# 
_exptl.entry_id          1TSU 
_exptl.method            'X-RAY DIFFRACTION' 
_exptl.crystals_number   1 
# 
_exptl_crystal.id                    1 
_exptl_crystal.density_meas          ? 
_exptl_crystal.density_Matthews      2.01 
_exptl_crystal.density_percent_sol   38.83 
_exptl_crystal.description           ? 
_exptl_crystal.F_000                 ? 
_exptl_crystal.preparation           ? 
# 
_exptl_crystal_grow.crystal_id      1 
_exptl_crystal_grow.method          'VAPOR DIFFUSION, HANGING DROP' 
_exptl_crystal_grow.temp            298 
_exptl_crystal_grow.temp_details    ? 
_exptl_crystal_grow.pH              6.2 
_exptl_crystal_grow.pdbx_details    
'SODIUM PHOSPHATE, SODIUM CITRATE, AMMONIUM SULPHATE, pH 6.2, VAPOR DIFFUSION, HANGING DROP, temperature 298K' 
_exptl_crystal_grow.pdbx_pH_range   . 
# 
_diffrn.id                     1 
_diffrn.ambient_temp           220 
_diffrn.ambient_temp_details   ? 
_diffrn.crystal_id             1 
# 
_diffrn_detector.diffrn_id              1 
_diffrn_detector.detector               'IMAGE PLATE' 
_diffrn_detector.type                   'RIGAKU RAXIS' 
_diffrn_detector.pdbx_collection_date   2002-10-29 
_diffrn_detector.details                'OSMIC MIRRORS' 
# 
_diffrn_radiation.diffrn_id                        1 
_diffrn_radiation.wavelength_id                    1 
_diffrn_radiation.pdbx_monochromatic_or_laue_m_l   M 
_diffrn_radiation.monochromator                    ? 
_diffrn_radiation.pdbx_diffrn_protocol             'SINGLE WAVELENGTH' 
_diffrn_radiation.pdbx_scattering_type             x-ray 
# 
_diffrn_radiation_wavelength.id           1 
_diffrn_radiation_wavelength.wavelength   1.5418 
_diffrn_radiation_wavelength.wt           1.0 
# 
_diffrn_source.diffrn_id                   1 
_diffrn_source.source                      'ROTATING ANODE' 
_diffrn_source.type                        RIGAKU 
_diffrn_source.pdbx_synchrotron_site       ? 
_diffrn_source.pdbx_synchrotron_beamline   ? 
_diffrn_source.pdbx_wavelength             ? 
_diffrn_source.pdbx_wavelength_list        1.5418 
# 
_reflns.entry_id                     1TSU 
_reflns.observed_criterion_sigma_F   -3 
_reflns.observed_criterion_sigma_I   -3 
_reflns.d_resolution_high            2.1 
_reflns.d_resolution_low             42.26 
_reflns.number_all                   10450 
_reflns.number_obs                   10450 
_reflns.percent_possible_obs         94.1 
_reflns.pdbx_Rmerge_I_obs            0.092 
_reflns.pdbx_Rsym_value              ? 
_reflns.pdbx_netI_over_sigmaI        ? 
_reflns.B_iso_Wilson_estimate        ? 
_reflns.pdbx_redundancy              ? 
_reflns.R_free_details               ? 
_reflns.limit_h_max                  ? 
_reflns.limit_h_min                  ? 
_reflns.limit_k_max                  ? 
_reflns.limit_k_min                  ? 
_reflns.limit_l_max                  ? 
_reflns.limit_l_min                  ? 
_reflns.observed_criterion_F_max     ? 
_reflns.observed_criterion_F_min     ? 
_reflns.pdbx_chi_squared             ? 
_reflns.pdbx_scaling_rejects         ? 
_reflns.pdbx_diffrn_id               1 
_reflns.pdbx_ordinal                 1 
# 
_refine.entry_id                                 1TSU 
_refine.ls_number_reflns_obs                     9912 
_refine.ls_number_reflns_all                     9912 
_refine.pdbx_ls_sigma_I                          ? 
_refine.pdbx_ls_sigma_F                          -3 
_refine.pdbx_data_cutoff_high_absF               ? 
_refine.pdbx_data_cutoff_low_absF                ? 
_refine.pdbx_data_cutoff_high_rms_absF           ? 
_refine.ls_d_res_low                             42.26 
_refine.ls_d_res_high                            2.10 
_refine.ls_percent_reflns_obs                    93.93 
_refine.ls_R_factor_obs                          0.20717 
_refine.ls_R_factor_all                          ? 
_refine.ls_R_factor_R_work                       0.20587 
_refine.ls_R_factor_R_free                       0.23355 
_refine.ls_R_factor_R_free_error                 ? 
_refine.ls_R_factor_R_free_error_details         ? 
_refine.ls_percent_reflns_R_free                 4.7 
_refine.ls_number_reflns_R_free                  493 
_refine.ls_number_parameters                     ? 
_refine.ls_number_restraints                     ? 
_refine.occupancy_min                            ? 
_refine.occupancy_max                            ? 
_refine.correlation_coeff_Fo_to_Fc               0.941 
_refine.correlation_coeff_Fo_to_Fc_free          0.921 
_refine.B_iso_mean                               40.067 
_refine.aniso_B[1][1]                            -1.00 
_refine.aniso_B[2][2]                            -0.34 
_refine.aniso_B[3][3]                            1.34 
_refine.aniso_B[1][2]                            0.00 
_refine.aniso_B[1][3]                            0.00 
_refine.aniso_B[2][3]                            0.00 
_refine.solvent_model_details                    'BABINET MODEL WITH MASK' 
_refine.solvent_model_param_ksol                 ? 
_refine.solvent_model_param_bsol                 ? 
_refine.pdbx_solvent_vdw_probe_radii             1.40 
_refine.pdbx_solvent_ion_probe_radii             0.80 
_refine.pdbx_solvent_shrinkage_radii             0.80 
_refine.pdbx_ls_cross_valid_method               THROUGHOUT 
_refine.details                                  ? 
_refine.pdbx_starting_model                      1MTR 
_refine.pdbx_method_to_determine_struct          'MOLECULAR REPLACEMENT' 
_refine.pdbx_isotropic_thermal_model             ? 
_refine.pdbx_stereochemistry_target_values       'MAXIMUM LIKELIHOOD' 
_refine.pdbx_stereochem_target_val_spec_case     ? 
_refine.pdbx_R_Free_selection_details            RANDOM 
_refine.pdbx_overall_ESU_R                       0.329 
_refine.pdbx_overall_ESU_R_Free                  0.216 
_refine.overall_SU_ML                            0.174 
_refine.overall_SU_B                             7.560 
_refine.ls_redundancy_reflns_obs                 ? 
_refine.B_iso_min                                ? 
_refine.B_iso_max                                ? 
_refine.overall_SU_R_Cruickshank_DPI             ? 
_refine.overall_SU_R_free                        ? 
_refine.ls_wR_factor_R_free                      ? 
_refine.ls_wR_factor_R_work                      ? 
_refine.overall_FOM_free_R_set                   ? 
_refine.overall_FOM_work_R_set                   ? 
_refine.pdbx_refine_id                           'X-RAY DIFFRACTION' 
_refine.pdbx_diffrn_id                           1 
_refine.pdbx_TLS_residual_ADP_flag               ? 
_refine.pdbx_overall_phase_error                 ? 
_refine.pdbx_overall_SU_R_free_Cruickshank_DPI   ? 
_refine.pdbx_overall_SU_R_Blow_DPI               ? 
_refine.pdbx_overall_SU_R_free_Blow_DPI          ? 
# 
_refine_hist.pdbx_refine_id                   'X-RAY DIFFRACTION' 
_refine_hist.cycle_id                         LAST 
_refine_hist.pdbx_number_atoms_protein        1526 
_refine_hist.pdbx_number_atoms_nucleic_acid   0 
_refine_hist.pdbx_number_atoms_ligand         0 
_refine_hist.number_atoms_solvent             112 
_refine_hist.number_atoms_total               1638 
_refine_hist.d_res_high                       2.10 
_refine_hist.d_res_low                        42.26 
# 
loop_
_refine_ls_restr.type 
_refine_ls_restr.dev_ideal 
_refine_ls_restr.dev_ideal_target 
_refine_ls_restr.weight 
_refine_ls_restr.number 
_refine_ls_restr.pdbx_refine_id 
_refine_ls_restr.pdbx_restraint_function 
r_bond_refined_d         0.014 0.022 ? 1553 'X-RAY DIFFRACTION' ? 
r_angle_refined_deg      1.462 1.968 ? 2116 'X-RAY DIFFRACTION' ? 
r_dihedral_angle_1_deg   4.286 5.000 ? 203  'X-RAY DIFFRACTION' ? 
r_chiral_restr           0.178 0.200 ? 254  'X-RAY DIFFRACTION' ? 
r_gen_planes_refined     0.017 0.020 ? 1155 'X-RAY DIFFRACTION' ? 
r_nbd_refined            0.248 0.200 ? 656  'X-RAY DIFFRACTION' ? 
r_xyhbond_nbd_refined    0.520 0.200 ? 78   'X-RAY DIFFRACTION' ? 
r_symmetry_vdw_refined   0.465 0.200 ? 80   'X-RAY DIFFRACTION' ? 
r_symmetry_hbond_refined 0.310 0.200 ? 4    'X-RAY DIFFRACTION' ? 
r_mcbond_it              3.623 1.500 ? 1017 'X-RAY DIFFRACTION' ? 
r_mcangle_it             5.128 2.000 ? 1633 'X-RAY DIFFRACTION' ? 
r_scbond_it              7.225 3.000 ? 536  'X-RAY DIFFRACTION' ? 
r_scangle_it             9.961 4.500 ? 483  'X-RAY DIFFRACTION' ? 
# 
_refine_ls_shell.pdbx_total_number_of_bins_used   10 
_refine_ls_shell.d_res_high                       2.100 
_refine_ls_shell.d_res_low                        2.214 
_refine_ls_shell.number_reflns_R_work             1244 
_refine_ls_shell.R_factor_R_work                  0.338 
_refine_ls_shell.percent_reflns_obs               ? 
_refine_ls_shell.R_factor_R_free                  0.4 
_refine_ls_shell.R_factor_R_free_error            ? 
_refine_ls_shell.percent_reflns_R_free            ? 
_refine_ls_shell.number_reflns_R_free             62 
_refine_ls_shell.number_reflns_obs                ? 
_refine_ls_shell.redundancy_reflns_obs            ? 
_refine_ls_shell.number_reflns_all                ? 
_refine_ls_shell.pdbx_refine_id                   'X-RAY DIFFRACTION' 
_refine_ls_shell.R_factor_all                     ? 
# 
_struct.entry_id                  1TSU 
_struct.title                     
'CRYSTAL STRUCTURE OF DECAMER NCP1 SUBSTRATE PEPTIDE IN COMPLEX WITH WILD-TYPE D25N HIV-1 PROTEASE VARIANT' 
_struct.pdbx_model_details        ? 
_struct.pdbx_CASP_flag            ? 
_struct.pdbx_model_type_details   ? 
# 
_struct_keywords.entry_id        1TSU 
_struct_keywords.pdbx_keywords   'Viral protein/hydrolase' 
_struct_keywords.text            
'CO-EVOLUTION, NUCLEOCAPDIS, SUBSTRATE RECOGNITION, HIV-1 PROTEASE, Viral protein-hydrolase COMPLEX' 
# 
loop_
_struct_asym.id 
_struct_asym.pdbx_blank_PDB_chainid_flag 
_struct_asym.pdbx_modified 
_struct_asym.entity_id 
_struct_asym.details 
A N N 1 ? 
B N N 1 ? 
C N N 2 ? 
D N N 3 ? 
E N N 3 ? 
F N N 3 ? 
# 
loop_
_struct_conf.conf_type_id 
_struct_conf.id 
_struct_conf.pdbx_PDB_helix_id 
_struct_conf.beg_label_comp_id 
_struct_conf.beg_label_asym_id 
_struct_conf.beg_label_seq_id 
_struct_conf.pdbx_beg_PDB_ins_code 
_struct_conf.end_label_comp_id 
_struct_conf.end_label_asym_id 
_struct_conf.end_label_seq_id 
_struct_conf.pdbx_end_PDB_ins_code 
_struct_conf.beg_auth_comp_id 
_struct_conf.beg_auth_asym_id 
_struct_conf.beg_auth_seq_id 
_struct_conf.end_auth_comp_id 
_struct_conf.end_auth_asym_id 
_struct_conf.end_auth_seq_id 
_struct_conf.pdbx_PDB_helix_class 
_struct_conf.details 
_struct_conf.pdbx_PDB_helix_length 
HELX_P HELX_P1 1 GLY A 86 ? THR A 91 ? GLY A 86 THR A 91 1 ? 6 
HELX_P HELX_P2 2 GLN A 92 ? GLY A 94 ? GLN A 92 GLY A 94 5 ? 3 
HELX_P HELX_P3 3 GLY B 86 ? ILE B 93 ? GLY B 86 ILE B 93 1 ? 8 
# 
_struct_conf_type.id          HELX_P 
_struct_conf_type.criteria    ? 
_struct_conf_type.reference   ? 
# 
loop_
_struct_sheet.id 
_struct_sheet.type 
_struct_sheet.number_strands 
_struct_sheet.details 
A ? 4 ? 
B ? 8 ? 
C ? 8 ? 
D ? 2 ? 
# 
loop_
_struct_sheet_order.sheet_id 
_struct_sheet_order.range_id_1 
_struct_sheet_order.range_id_2 
_struct_sheet_order.offset 
_struct_sheet_order.sense 
A 1 2 ? anti-parallel 
A 2 3 ? anti-parallel 
A 3 4 ? anti-parallel 
B 1 2 ? anti-parallel 
B 2 3 ? anti-parallel 
B 3 4 ? parallel      
B 4 5 ? anti-parallel 
B 5 6 ? parallel      
B 6 7 ? anti-parallel 
B 7 8 ? anti-parallel 
C 1 2 ? anti-parallel 
C 2 3 ? anti-parallel 
C 3 4 ? parallel      
C 4 5 ? anti-parallel 
C 5 6 ? parallel      
C 6 7 ? anti-parallel 
C 7 8 ? anti-parallel 
D 1 2 ? anti-parallel 
# 
loop_
_struct_sheet_range.sheet_id 
_struct_sheet_range.id 
_struct_sheet_range.beg_label_comp_id 
_struct_sheet_range.beg_label_asym_id 
_struct_sheet_range.beg_label_seq_id 
_struct_sheet_range.pdbx_beg_PDB_ins_code 
_struct_sheet_range.end_label_comp_id 
_struct_sheet_range.end_label_asym_id 
_struct_sheet_range.end_label_seq_id 
_struct_sheet_range.pdbx_end_PDB_ins_code 
_struct_sheet_range.beg_auth_comp_id 
_struct_sheet_range.beg_auth_asym_id 
_struct_sheet_range.beg_auth_seq_id 
_struct_sheet_range.end_auth_comp_id 
_struct_sheet_range.end_auth_asym_id 
_struct_sheet_range.end_auth_seq_id 
A 1 GLN A 2  ? THR A 4  ? GLN A 2  THR A 4  
A 2 THR B 96 ? ASN B 98 ? THR B 96 ASN B 98 
A 3 THR A 96 ? ASN A 98 ? THR A 96 ASN A 98 
A 4 GLN B 2  ? THR B 4  ? GLN B 2  THR B 4  
B 1 TRP A 42 ? GLY A 49 ? TRP A 42 GLY A 49 
B 2 GLY A 52 ? ILE A 66 ? GLY A 52 ILE A 66 
B 3 HIS A 69 ? GLY A 78 ? HIS A 69 GLY A 78 
B 4 VAL A 32 ? GLU A 34 ? VAL A 32 GLU A 34 
B 5 ASN A 83 ? ILE A 85 ? ASN A 83 ILE A 85 
B 6 GLN A 18 ? LEU A 24 ? GLN A 18 LEU A 24 
B 7 LEU A 10 ? ILE A 15 ? LEU A 10 ILE A 15 
B 8 GLY A 52 ? ILE A 66 ? GLY A 52 ILE A 66 
C 1 LYS B 43 ? MET B 46 ? LYS B 43 MET B 46 
C 2 LYS B 55 ? ILE B 66 ? LYS B 55 ILE B 66 
C 3 HIS B 69 ? VAL B 77 ? HIS B 69 VAL B 77 
C 4 VAL B 32 ? LEU B 33 ? VAL B 32 LEU B 33 
C 5 ILE B 84 ? ILE B 85 ? ILE B 84 ILE B 85 
C 6 GLN B 18 ? LEU B 24 ? GLN B 18 LEU B 24 
C 7 LEU B 10 ? ILE B 15 ? LEU B 10 ILE B 15 
C 8 LYS B 55 ? ILE B 66 ? LYS B 55 ILE B 66 
D 1 GLY B 48 ? GLY B 49 ? GLY B 48 GLY B 49 
D 2 LEU C 6  ? GLY C 7  ? LEU P 7  GLY P 8  
# 
loop_
_pdbx_struct_sheet_hbond.sheet_id 
_pdbx_struct_sheet_hbond.range_id_1 
_pdbx_struct_sheet_hbond.range_id_2 
_pdbx_struct_sheet_hbond.range_1_label_atom_id 
_pdbx_struct_sheet_hbond.range_1_label_comp_id 
_pdbx_struct_sheet_hbond.range_1_label_asym_id 
_pdbx_struct_sheet_hbond.range_1_label_seq_id 
_pdbx_struct_sheet_hbond.range_1_PDB_ins_code 
_pdbx_struct_sheet_hbond.range_1_auth_atom_id 
_pdbx_struct_sheet_hbond.range_1_auth_comp_id 
_pdbx_struct_sheet_hbond.range_1_auth_asym_id 
_pdbx_struct_sheet_hbond.range_1_auth_seq_id 
_pdbx_struct_sheet_hbond.range_2_label_atom_id 
_pdbx_struct_sheet_hbond.range_2_label_comp_id 
_pdbx_struct_sheet_hbond.range_2_label_asym_id 
_pdbx_struct_sheet_hbond.range_2_label_seq_id 
_pdbx_struct_sheet_hbond.range_2_PDB_ins_code 
_pdbx_struct_sheet_hbond.range_2_auth_atom_id 
_pdbx_struct_sheet_hbond.range_2_auth_comp_id 
_pdbx_struct_sheet_hbond.range_2_auth_asym_id 
_pdbx_struct_sheet_hbond.range_2_auth_seq_id 
A 1 2 N ILE A 3  ? N ILE A 3  O LEU B 97 ? O LEU B 97 
A 2 3 O ASN B 98 ? O ASN B 98 N THR A 96 ? N THR A 96 
A 3 4 N LEU A 97 ? N LEU A 97 O ILE B 3  ? O ILE B 3  
B 1 2 N LYS A 43 ? N LYS A 43 O GLN A 58 ? O GLN A 58 
B 2 3 N VAL A 64 ? N VAL A 64 O ALA A 71 ? O ALA A 71 
B 3 4 O LEU A 76 ? O LEU A 76 N LEU A 33 ? N LEU A 33 
B 4 5 N VAL A 32 ? N VAL A 32 O ILE A 84 ? O ILE A 84 
B 5 6 O ASN A 83 ? O ASN A 83 N LEU A 23 ? N LEU A 23 
B 6 7 O ALA A 22 ? O ALA A 22 N VAL A 11 ? N VAL A 11 
B 7 8 N ARG A 14 ? N ARG A 14 O GLU A 65 ? O GLU A 65 
C 1 2 N LYS B 43 ? N LYS B 43 O GLN B 58 ? O GLN B 58 
C 2 3 N ILE B 66 ? N ILE B 66 O HIS B 69 ? O HIS B 69 
C 3 4 O LEU B 76 ? O LEU B 76 N LEU B 33 ? N LEU B 33 
C 4 5 N VAL B 32 ? N VAL B 32 O ILE B 84 ? O ILE B 84 
C 5 6 O ILE B 85 ? O ILE B 85 N LEU B 23 ? N LEU B 23 
C 6 7 O ALA B 22 ? O ALA B 22 N VAL B 11 ? N VAL B 11 
C 7 8 N ARG B 14 ? N ARG B 14 O GLU B 65 ? O GLU B 65 
D 1 2 N GLY B 48 ? N GLY B 48 O GLY C 7  ? O GLY P 8  
# 
_atom_sites.entry_id                    1TSU 
_atom_sites.fract_transf_matrix[1][1]   0.00901785 
_atom_sites.fract_transf_matrix[1][2]   0.00265299 
_atom_sites.fract_transf_matrix[1][3]   -0.01718288 
_atom_sites.fract_transf_matrix[2][1]   0.00767698 
_atom_sites.fract_transf_matrix[2][2]   0.01422535 
_atom_sites.fract_transf_matrix[2][3]   0.00622536 
_atom_sites.fract_transf_matrix[3][1]   0.01250714 
_atom_sites.fract_transf_matrix[3][2]   -0.00901325 
_atom_sites.fract_transf_matrix[3][3]   0.00517232 
_atom_sites.fract_transf_vector[1]      0.398586 
_atom_sites.fract_transf_vector[2]      0.019279 
_atom_sites.fract_transf_vector[3]      0.209888 
# 
loop_
_atom_type.symbol 
C 
N 
O 
S 
# 
loop_
_atom_site.group_PDB 
_atom_site.id 
_atom_site.type_symbol 
_atom_site.label_atom_id 
_atom_site.label_alt_id 
_atom_site.label_comp_id 
_atom_site.label_asym_id 
_atom_site.label_entity_id 
_atom_site.label_seq_id 
_atom_site.pdbx_PDB_ins_code 
_atom_site.Cartn_x 
_atom_site.Cartn_y 
_atom_site.Cartn_z 
_atom_site.occupancy 
_atom_site.B_iso_or_equiv 
_atom_site.pdbx_formal_charge 
_atom_site.auth_seq_id 
_atom_site.auth_comp_id 
_atom_site.auth_asym_id 
_atom_site.auth_atom_id 
_atom_site.pdbx_PDB_model_num 
ATOM   1    N N   . PRO A 1 1  ? -6.758  16.396  7.895   1.00 49.27 ? 1   PRO A N   1 
ATOM   2    C CA  . PRO A 1 1  ? -5.254  16.448  7.795   1.00 44.82 ? 1   PRO A CA  1 
ATOM   3    C C   . PRO A 1 1  ? -4.743  16.206  6.342   1.00 45.59 ? 1   PRO A C   1 
ATOM   4    O O   . PRO A 1 1  ? -5.438  15.649  5.443   1.00 39.70 ? 1   PRO A O   1 
ATOM   5    C CB  . PRO A 1 1  ? -4.651  15.370  8.738   1.00 44.08 ? 1   PRO A CB  1 
ATOM   6    C CG  . PRO A 1 1  ? -5.886  14.666  9.344   1.00 43.81 ? 1   PRO A CG  1 
ATOM   7    C CD  . PRO A 1 1  ? -7.201  15.202  8.641   1.00 45.02 ? 1   PRO A CD  1 
ATOM   8    N N   . GLN A 1 2  ? -3.558  16.736  6.092   1.00 46.12 ? 2   GLN A N   1 
ATOM   9    C CA  . GLN A 1 2  ? -2.915  16.432  4.841   1.00 44.80 ? 2   GLN A CA  1 
ATOM   10   C C   . GLN A 1 2  ? -1.588  15.749  5.224   1.00 44.60 ? 2   GLN A C   1 
ATOM   11   O O   . GLN A 1 2  ? -0.730  16.299  5.974   1.00 40.67 ? 2   GLN A O   1 
ATOM   12   C CB  . GLN A 1 2  ? -2.657  17.628  3.974   1.00 43.08 ? 2   GLN A CB  1 
ATOM   13   C CG  . GLN A 1 2  ? -1.992  17.234  2.711   1.00 41.26 ? 2   GLN A CG  1 
ATOM   14   C CD  . GLN A 1 2  ? -1.825  18.412  1.845   1.00 53.14 ? 2   GLN A CD  1 
ATOM   15   O OE1 . GLN A 1 2  ? -0.838  19.212  2.003   1.00 54.81 ? 2   GLN A OE1 1 
ATOM   16   N NE2 . GLN A 1 2  ? -2.787  18.591  0.917   1.00 36.51 ? 2   GLN A NE2 1 
ATOM   17   N N   . ILE A 1 3  ? -1.518  14.481  4.801   1.00 40.04 ? 3   ILE A N   1 
ATOM   18   C CA  . ILE A 1 3  ? -0.377  13.624  5.051   1.00 36.99 ? 3   ILE A CA  1 
ATOM   19   C C   . ILE A 1 3  ? 0.459   13.511  3.746   1.00 34.53 ? 3   ILE A C   1 
ATOM   20   O O   . ILE A 1 3  ? -0.059  13.030  2.726   1.00 34.14 ? 3   ILE A O   1 
ATOM   21   C CB  . ILE A 1 3  ? -0.872  12.244  5.472   1.00 33.12 ? 3   ILE A CB  1 
ATOM   22   C CG1 . ILE A 1 3  ? -2.014  12.407  6.513   1.00 32.88 ? 3   ILE A CG1 1 
ATOM   23   C CG2 . ILE A 1 3  ? 0.316   11.397  5.861   1.00 35.17 ? 3   ILE A CG2 1 
ATOM   24   C CD1 . ILE A 1 3  ? -1.975  11.446  7.609   1.00 39.63 ? 3   ILE A CD1 1 
ATOM   25   N N   . THR A 1 4  ? 1.731   13.966  3.795   1.00 36.85 ? 4   THR A N   1 
ATOM   26   C CA  . THR A 1 4  ? 2.644   13.846  2.587   1.00 36.08 ? 4   THR A CA  1 
ATOM   27   C C   . THR A 1 4  ? 3.319   12.433  2.618   1.00 31.23 ? 4   THR A C   1 
ATOM   28   O O   . THR A 1 4  ? 3.340   11.697  3.667   1.00 30.58 ? 4   THR A O   1 
ATOM   29   C CB  . THR A 1 4  ? 3.726   14.980  2.514   1.00 34.34 ? 4   THR A CB  1 
ATOM   30   O OG1 . THR A 1 4  ? 4.377   15.063  3.796   1.00 44.74 ? 4   THR A OG1 1 
ATOM   31   C CG2 . THR A 1 4  ? 3.098   16.421  2.153   1.00 37.76 ? 4   THR A CG2 1 
ATOM   32   N N   . LEU A 1 5  ? 3.821   12.069  1.470   1.00 33.08 ? 5   LEU A N   1 
ATOM   33   C CA  . LEU A 1 5  ? 4.399   10.759  1.268   1.00 30.60 ? 5   LEU A CA  1 
ATOM   34   C C   . LEU A 1 5  ? 5.971   10.671  1.291   1.00 32.72 ? 5   LEU A C   1 
ATOM   35   O O   . LEU A 1 5  ? 6.548   9.647   0.840   1.00 37.98 ? 5   LEU A O   1 
ATOM   36   C CB  . LEU A 1 5  ? 3.758   10.168  -0.038  1.00 24.36 ? 5   LEU A CB  1 
ATOM   37   C CG  . LEU A 1 5  ? 2.208   10.175  0.039   1.00 28.19 ? 5   LEU A CG  1 
ATOM   38   C CD1 . LEU A 1 5  ? 1.644   9.680   -1.255  1.00 20.08 ? 5   LEU A CD1 1 
ATOM   39   C CD2 . LEU A 1 5  ? 1.724   9.290   1.283   1.00 19.74 ? 5   LEU A CD2 1 
ATOM   40   N N   . TRP A 1 6  ? 6.665   11.697  1.823   1.00 31.73 ? 6   TRP A N   1 
ATOM   41   C CA  . TRP A 1 6  ? 8.197   11.669  2.004   1.00 30.67 ? 6   TRP A CA  1 
ATOM   42   C C   . TRP A 1 6  ? 8.600   10.538  2.965   1.00 29.59 ? 6   TRP A C   1 
ATOM   43   O O   . TRP A 1 6  ? 9.634   9.836   2.762   1.00 35.73 ? 6   TRP A O   1 
ATOM   44   C CB  . TRP A 1 6  ? 8.693   12.955  2.647   1.00 28.39 ? 6   TRP A CB  1 
ATOM   45   C CG  . TRP A 1 6  ? 8.407   14.209  1.890   1.00 26.48 ? 6   TRP A CG  1 
ATOM   46   C CD1 . TRP A 1 6  ? 7.529   15.194  2.243   1.00 23.04 ? 6   TRP A CD1 1 
ATOM   47   C CD2 . TRP A 1 6  ? 9.017   14.636  0.657   1.00 30.79 ? 6   TRP A CD2 1 
ATOM   48   N NE1 . TRP A 1 6  ? 7.553   16.215  1.300   1.00 34.95 ? 6   TRP A NE1 1 
ATOM   49   C CE2 . TRP A 1 6  ? 8.456   15.912  0.328   1.00 32.67 ? 6   TRP A CE2 1 
ATOM   50   C CE3 . TRP A 1 6  ? 9.957   14.068  -0.206  1.00 25.42 ? 6   TRP A CE3 1 
ATOM   51   C CZ2 . TRP A 1 6  ? 8.825   16.636  -0.838  1.00 34.59 ? 6   TRP A CZ2 1 
ATOM   52   C CZ3 . TRP A 1 6  ? 10.341  14.799  -1.358  1.00 30.17 ? 6   TRP A CZ3 1 
ATOM   53   C CH2 . TRP A 1 6  ? 9.766   16.074  -1.652  1.00 33.83 ? 6   TRP A CH2 1 
ATOM   54   N N   . LYS A 1 7  ? 7.741   10.354  3.977   1.00 29.14 ? 7   LYS A N   1 
ATOM   55   C CA  . LYS A 1 7  ? 7.867   9.307   5.002   1.00 28.67 ? 7   LYS A CA  1 
ATOM   56   C C   . LYS A 1 7  ? 6.670   8.289   4.850   1.00 29.72 ? 7   LYS A C   1 
ATOM   57   O O   . LYS A 1 7  ? 5.647   8.579   4.216   1.00 30.37 ? 7   LYS A O   1 
ATOM   58   C CB  . LYS A 1 7  ? 7.854   9.993   6.535   1.00 25.45 ? 7   LYS A CB  1 
ATOM   59   N N   . ARG A 1 8  ? 6.794   7.122   5.476   1.00 33.20 ? 8   ARG A N   1 
ATOM   60   C CA  . ARG A 1 8  ? 5.716   6.155   5.491   1.00 34.94 ? 8   ARG A CA  1 
ATOM   61   C C   . ARG A 1 8  ? 4.622   6.863   6.227   1.00 34.03 ? 8   ARG A C   1 
ATOM   62   O O   . ARG A 1 8  ? 4.893   7.430   7.276   1.00 35.42 ? 8   ARG A O   1 
ATOM   63   C CB  . ARG A 1 8  ? 6.132   4.940   6.307   1.00 36.25 ? 8   ARG A CB  1 
ATOM   64   C CG  . ARG A 1 8  ? 7.344   4.224   5.805   1.00 44.62 ? 8   ARG A CG  1 
ATOM   65   C CD  . ARG A 1 8  ? 7.871   3.172   6.797   1.00 51.79 ? 8   ARG A CD  1 
ATOM   66   N NE  . ARG A 1 8  ? 8.708   2.226   6.057   1.00 52.08 ? 8   ARG A NE  1 
ATOM   67   C CZ  . ARG A 1 8  ? 8.670   0.915   6.208   1.00 65.10 ? 8   ARG A CZ  1 
ATOM   68   N NH1 . ARG A 1 8  ? 7.838   0.353   7.161   1.00 57.02 ? 8   ARG A NH1 1 
ATOM   69   N NH2 . ARG A 1 8  ? 9.443   0.139   5.394   1.00 53.03 ? 8   ARG A NH2 1 
ATOM   70   N N   . PRO A 1 9  ? 3.378   6.885   5.676   1.00 34.41 ? 9   PRO A N   1 
ATOM   71   C CA  . PRO A 1 9  ? 2.176   7.590   6.291   1.00 34.49 ? 9   PRO A CA  1 
ATOM   72   C C   . PRO A 1 9  ? 1.585   6.949   7.583   1.00 31.83 ? 9   PRO A C   1 
ATOM   73   O O   . PRO A 1 9  ? 0.395   6.486   7.581   1.00 35.15 ? 9   PRO A O   1 
ATOM   74   C CB  . PRO A 1 9  ? 1.139   7.592   5.158   1.00 27.56 ? 9   PRO A CB  1 
ATOM   75   C CG  . PRO A 1 9  ? 1.581   6.163   4.313   1.00 24.69 ? 9   PRO A CG  1 
ATOM   76   C CD  . PRO A 1 9  ? 3.121   6.468   4.276   1.00 28.89 ? 9   PRO A CD  1 
ATOM   77   N N   . LEU A 1 10 ? 2.427   6.898   8.627   1.00 35.52 ? 10  LEU A N   1 
ATOM   78   C CA  . LEU A 1 10 ? 2.170   6.311   9.982   1.00 37.35 ? 10  LEU A CA  1 
ATOM   79   C C   . LEU A 1 10 ? 1.423   7.292   10.852  1.00 40.26 ? 10  LEU A C   1 
ATOM   80   O O   . LEU A 1 10 ? 1.805   8.504   10.983  1.00 42.55 ? 10  LEU A O   1 
ATOM   81   C CB  . LEU A 1 10 ? 3.489   5.910   10.696  1.00 33.63 ? 10  LEU A CB  1 
ATOM   82   C CG  . LEU A 1 10 ? 4.258   4.739   10.117  1.00 50.41 ? 10  LEU A CG  1 
ATOM   83   C CD1 . LEU A 1 10 ? 5.628   4.558   10.895  1.00 47.96 ? 10  LEU A CD1 1 
ATOM   84   C CD2 . LEU A 1 10 ? 3.414   3.453   10.127  1.00 43.94 ? 10  LEU A CD2 1 
ATOM   85   N N   . VAL A 1 11 ? 0.322   6.769   11.388  1.00 42.56 ? 11  VAL A N   1 
ATOM   86   C CA  . VAL A 1 11 ? -0.554  7.477   12.263  1.00 42.28 ? 11  VAL A CA  1 
ATOM   87   C C   . VAL A 1 11 ? -0.944  6.574   13.454  1.00 49.36 ? 11  VAL A C   1 
ATOM   88   O O   . VAL A 1 11 ? -0.766  5.333   13.448  1.00 46.67 ? 11  VAL A O   1 
ATOM   89   C CB  . VAL A 1 11 ? -1.859  7.946   11.579  1.00 48.60 ? 11  VAL A CB  1 
ATOM   90   C CG1 . VAL A 1 11 ? -1.552  8.840   10.393  1.00 48.54 ? 11  VAL A CG1 1 
ATOM   91   C CG2 . VAL A 1 11 ? -2.774  6.708   11.233  1.00 39.94 ? 11  VAL A CG2 1 
ATOM   92   N N   . THR A 1 12 ? -1.483  7.217   14.485  1.00 54.45 ? 12  THR A N   1 
ATOM   93   C CA  . THR A 1 12 ? -1.892  6.480   15.663  1.00 53.63 ? 12  THR A CA  1 
ATOM   94   C C   . THR A 1 12 ? -3.371  6.108   15.611  1.00 47.03 ? 12  THR A C   1 
ATOM   95   O O   . THR A 1 12 ? -4.290  6.950   15.271  1.00 45.57 ? 12  THR A O   1 
ATOM   96   C CB  . THR A 1 12 ? -1.477  7.261   17.017  1.00 57.57 ? 12  THR A CB  1 
ATOM   97   O OG1 . THR A 1 12 ? -1.816  8.663   16.889  1.00 55.73 ? 12  THR A OG1 1 
ATOM   98   C CG2 . THR A 1 12 ? 0.088   7.110   17.294  1.00 50.74 ? 12  THR A CG2 1 
ATOM   99   N N   . ILE A 1 13 ? -3.596  4.778   15.796  1.00 44.86 ? 13  ILE A N   1 
ATOM   100  C CA  . ILE A 1 13 ? -4.981  4.293   15.968  1.00 48.22 ? 13  ILE A CA  1 
ATOM   101  C C   . ILE A 1 13 ? -5.181  3.741   17.382  1.00 50.11 ? 13  ILE A C   1 
ATOM   102  O O   . ILE A 1 13 ? -4.205  3.420   18.087  1.00 55.30 ? 13  ILE A O   1 
ATOM   103  C CB  . ILE A 1 13 ? -5.282  3.181   14.972  1.00 38.50 ? 13  ILE A CB  1 
ATOM   104  C CG1 . ILE A 1 13 ? -4.221  2.093   14.976  1.00 44.66 ? 13  ILE A CG1 1 
ATOM   105  C CG2 . ILE A 1 13 ? -5.373  3.683   13.541  1.00 53.00 ? 13  ILE A CG2 1 
ATOM   106  C CD1 . ILE A 1 13 ? -4.805  0.687   14.943  1.00 50.55 ? 13  ILE A CD1 1 
ATOM   107  N N   . ARG A 1 14 ? -6.440  3.638   17.727  1.00 49.95 ? 14  ARG A N   1 
ATOM   108  C CA  . ARG A 1 14 ? -6.884  3.155   19.026  1.00 50.51 ? 14  ARG A CA  1 
ATOM   109  C C   . ARG A 1 14 ? -7.989  2.069   18.807  1.00 50.54 ? 14  ARG A C   1 
ATOM   110  O O   . ARG A 1 14 ? -8.997  2.320   18.108  1.00 47.03 ? 14  ARG A O   1 
ATOM   111  C CB  . ARG A 1 14 ? -7.414  4.369   19.828  1.00 48.40 ? 14  ARG A CB  1 
ATOM   112  C CG  . ARG A 1 14 ? -8.179  4.030   21.129  1.00 56.01 ? 14  ARG A CG  1 
ATOM   113  C CD  . ARG A 1 14 ? -8.731  5.307   21.882  1.00 56.26 ? 14  ARG A CD  1 
ATOM   114  N NE  . ARG A 1 14 ? -10.170 5.554   21.626  1.00 54.06 ? 14  ARG A NE  1 
ATOM   115  C CZ  . ARG A 1 14 ? -11.136 4.596   21.673  1.00 62.01 ? 14  ARG A CZ  1 
ATOM   116  N NH1 . ARG A 1 14 ? -10.832 3.309   21.987  1.00 49.05 ? 14  ARG A NH1 1 
ATOM   117  N NH2 . ARG A 1 14 ? -12.442 4.835   21.420  1.00 58.64 ? 14  ARG A NH2 1 
ATOM   118  N N   . ILE A 1 15 ? -7.723  0.899   19.393  1.00 47.35 ? 15  ILE A N   1 
ATOM   119  C CA  . ILE A 1 15 ? -8.661  -0.248  19.442  1.00 44.37 ? 15  ILE A CA  1 
ATOM   120  C C   . ILE A 1 15 ? -8.751  -0.688  20.891  1.00 47.32 ? 15  ILE A C   1 
ATOM   121  O O   . ILE A 1 15 ? -7.753  -1.124  21.494  1.00 46.15 ? 15  ILE A O   1 
ATOM   122  C CB  . ILE A 1 15 ? -8.202  -1.415  18.565  1.00 44.13 ? 15  ILE A CB  1 
ATOM   123  C CG1 . ILE A 1 15 ? -8.149  -1.038  17.096  1.00 47.51 ? 15  ILE A CG1 1 
ATOM   124  C CG2 . ILE A 1 15 ? -9.140  -2.639  18.660  1.00 47.79 ? 15  ILE A CG2 1 
ATOM   125  C CD1 . ILE A 1 15 ? -7.949  -2.234  16.162  1.00 59.72 ? 15  ILE A CD1 1 
ATOM   126  N N   . GLY A 1 16 ? -9.939  -0.505  21.405  1.00 50.28 ? 16  GLY A N   1 
ATOM   127  C CA  . GLY A 1 16 ? -10.262 -0.850  22.785  1.00 52.26 ? 16  GLY A CA  1 
ATOM   128  C C   . GLY A 1 16 ? -9.168  -0.363  23.753  1.00 52.23 ? 16  GLY A C   1 
ATOM   129  O O   . GLY A 1 16 ? -8.556  -1.170  24.494  1.00 53.49 ? 16  GLY A O   1 
ATOM   130  N N   . GLY A 1 17 ? -8.937  0.938   23.730  1.00 48.22 ? 17  GLY A N   1 
ATOM   131  C CA  . GLY A 1 17 ? -7.939  1.592   24.607  1.00 59.72 ? 17  GLY A CA  1 
ATOM   132  C C   . GLY A 1 17 ? -6.578  0.875   24.531  1.00 65.31 ? 17  GLY A C   1 
ATOM   133  O O   . GLY A 1 17 ? -5.715  1.029   25.426  1.00 70.45 ? 17  GLY A O   1 
ATOM   134  N N   . GLN A 1 18 ? -6.281  0.256   23.378  1.00 65.16 ? 18  GLN A N   1 
ATOM   135  C CA  . GLN A 1 18 ? -4.942  -0.227  23.028  1.00 61.62 ? 18  GLN A CA  1 
ATOM   136  C C   . GLN A 1 18 ? -4.482  0.691   21.861  1.00 58.88 ? 18  GLN A C   1 
ATOM   137  O O   . GLN A 1 18 ? -5.092  0.735   20.800  1.00 59.98 ? 18  GLN A O   1 
ATOM   138  C CB  . GLN A 1 18 ? -4.968  -1.666  22.620  1.00 56.92 ? 18  GLN A CB  1 
ATOM   139  C CG  . GLN A 1 18 ? -3.703  -2.309  23.010  1.00 70.93 ? 18  GLN A CG  1 
ATOM   140  C CD  . GLN A 1 18 ? -3.606  -3.755  22.602  1.00 84.94 ? 18  GLN A CD  1 
ATOM   141  O OE1 . GLN A 1 18 ? -2.469  -4.298  22.398  1.00 89.05 ? 18  GLN A OE1 1 
ATOM   142  N NE2 . GLN A 1 18 ? -4.776  -4.420  22.476  1.00 80.62 ? 18  GLN A NE2 1 
ATOM   143  N N   . LEU A 1 19 ? -3.475  1.513   22.141  1.00 62.08 ? 19  LEU A N   1 
ATOM   144  C CA  . LEU A 1 19 ? -3.003  2.485   21.163  1.00 63.98 ? 19  LEU A CA  1 
ATOM   145  C C   . LEU A 1 19 ? -1.670  2.019   20.480  1.00 64.51 ? 19  LEU A C   1 
ATOM   146  O O   . LEU A 1 19 ? -0.627  1.758   21.165  1.00 61.07 ? 19  LEU A O   1 
ATOM   147  C CB  . LEU A 1 19 ? -2.869  3.893   21.830  1.00 63.87 ? 19  LEU A CB  1 
ATOM   148  N N   . LYS A 1 20 ? -1.783  1.880   19.123  1.00 62.14 ? 20  LYS A N   1 
ATOM   149  C CA  . LYS A 1 20 ? -0.752  1.396   18.188  1.00 55.15 ? 20  LYS A CA  1 
ATOM   150  C C   . LYS A 1 20 ? -0.489  2.360   16.963  1.00 53.39 ? 20  LYS A C   1 
ATOM   151  O O   . LYS A 1 20 ? -1.269  3.308   16.649  1.00 55.24 ? 20  LYS A O   1 
ATOM   152  C CB  . LYS A 1 20 ? -1.141  -0.068  17.685  1.00 55.77 ? 20  LYS A CB  1 
ATOM   153  N N   . GLU A 1 21 ? 0.630   2.133   16.299  1.00 51.33 ? 21  GLU A N   1 
ATOM   154  C CA  . GLU A 1 21 ? 1.004   2.911   15.159  1.00 49.27 ? 21  GLU A CA  1 
ATOM   155  C C   . GLU A 1 21 ? 0.703   2.054   13.934  1.00 46.42 ? 21  GLU A C   1 
ATOM   156  O O   . GLU A 1 21 ? 1.211   0.885   13.817  1.00 44.18 ? 21  GLU A O   1 
ATOM   157  C CB  . GLU A 1 21 ? 2.544   3.279   15.199  1.00 52.71 ? 21  GLU A CB  1 
ATOM   158  C CG  . GLU A 1 21 ? 2.865   4.754   15.684  1.00 55.90 ? 21  GLU A CG  1 
ATOM   159  C CD  . GLU A 1 21 ? 4.088   5.395   14.974  1.00 60.36 ? 21  GLU A CD  1 
ATOM   160  O OE1 . GLU A 1 21 ? 5.052   4.623   14.531  1.00 63.76 ? 21  GLU A OE1 1 
ATOM   161  O OE2 . GLU A 1 21 ? 4.101   6.676   14.879  1.00 62.91 ? 21  GLU A OE2 1 
ATOM   162  N N   . ALA A 1 22 ? -0.068  2.637   13.002  1.00 41.50 ? 22  ALA A N   1 
ATOM   163  C CA  . ALA A 1 22 ? -0.416  1.919   11.756  1.00 39.01 ? 22  ALA A CA  1 
ATOM   164  C C   . ALA A 1 22 ? -0.245  2.741   10.456  1.00 39.78 ? 22  ALA A C   1 
ATOM   165  O O   . ALA A 1 22 ? -0.426  3.945   10.454  1.00 36.93 ? 22  ALA A O   1 
ATOM   166  C CB  . ALA A 1 22 ? -1.779  1.377   11.849  1.00 40.66 ? 22  ALA A CB  1 
ATOM   167  N N   . LEU A 1 23 ? 0.111   2.052   9.361   1.00 34.68 ? 23  LEU A N   1 
ATOM   168  C CA  . LEU A 1 23 ? 0.386   2.654   8.041   1.00 29.64 ? 23  LEU A CA  1 
ATOM   169  C C   . LEU A 1 23 ? -0.889  2.933   7.231   1.00 30.85 ? 23  LEU A C   1 
ATOM   170  O O   . LEU A 1 23 ? -1.720  2.029   7.014   1.00 36.74 ? 23  LEU A O   1 
ATOM   171  C CB  . LEU A 1 23 ? 1.297   1.681   7.276   1.00 29.07 ? 23  LEU A CB  1 
ATOM   172  C CG  . LEU A 1 23 ? 2.082   2.089   6.038   1.00 34.11 ? 23  LEU A CG  1 
ATOM   173  C CD1 . LEU A 1 23 ? 3.052   3.176   6.308   1.00 29.46 ? 23  LEU A CD1 1 
ATOM   174  C CD2 . LEU A 1 23 ? 2.844   0.855   5.642   1.00 33.24 ? 23  LEU A CD2 1 
ATOM   175  N N   . LEU A 1 24 ? -1.093  4.167   6.809   1.00 32.44 ? 24  LEU A N   1 
ATOM   176  C CA  . LEU A 1 24 ? -2.287  4.462   5.957   1.00 32.26 ? 24  LEU A CA  1 
ATOM   177  C C   . LEU A 1 24 ? -1.965  3.865   4.554   1.00 32.80 ? 24  LEU A C   1 
ATOM   178  O O   . LEU A 1 24 ? -1.147  4.418   3.850   1.00 36.98 ? 24  LEU A O   1 
ATOM   179  C CB  . LEU A 1 24 ? -2.507  5.937   5.919   1.00 35.90 ? 24  LEU A CB  1 
ATOM   180  C CG  . LEU A 1 24 ? -3.833  6.409   6.493   1.00 42.59 ? 24  LEU A CG  1 
ATOM   181  C CD1 . LEU A 1 24 ? -4.344  5.576   7.763   1.00 28.48 ? 24  LEU A CD1 1 
ATOM   182  C CD2 . LEU A 1 24 ? -3.594  7.875   6.844   1.00 44.66 ? 24  LEU A CD2 1 
ATOM   183  N N   . ASN A 1 25 ? -2.574  2.713   4.206   1.00 31.35 ? 25  ASN A N   1 
ATOM   184  C CA  . ASN A 1 25 ? -2.176  1.926   3.040   1.00 30.20 ? 25  ASN A CA  1 
ATOM   185  C C   . ASN A 1 25 ? -3.200  1.796   1.860   1.00 25.31 ? 25  ASN A C   1 
ATOM   186  O O   . ASN A 1 25 ? -3.988  0.815   1.794   1.00 23.34 ? 25  ASN A O   1 
ATOM   187  C CB  . ASN A 1 25 ? -1.727  0.512   3.579   1.00 27.04 ? 25  ASN A CB  1 
ATOM   188  C CG  . ASN A 1 25 ? -1.038  -0.446  2.466   1.00 28.92 ? 25  ASN A CG  1 
ATOM   189  O OD1 . ASN A 1 25 ? -0.560  -1.621  2.826   1.00 31.06 ? 25  ASN A OD1 1 
ATOM   190  N ND2 . ASN A 1 25 ? -0.980  0.004   1.178   1.00 19.34 ? 25  ASN A ND2 1 
ATOM   191  N N   . THR A 1 26 ? -3.120  2.746   0.882   1.00 24.31 ? 26  THR A N   1 
ATOM   192  C CA  . THR A 1 26 ? -4.047  2.721   -0.245  1.00 23.10 ? 26  THR A CA  1 
ATOM   193  C C   . THR A 1 26 ? -3.858  1.453   -1.147  1.00 31.91 ? 26  THR A C   1 
ATOM   194  O O   . THR A 1 26 ? -4.742  1.166   -2.028  1.00 31.29 ? 26  THR A O   1 
ATOM   195  C CB  . THR A 1 26 ? -3.899  3.986   -1.180  1.00 27.41 ? 26  THR A CB  1 
ATOM   196  O OG1 . THR A 1 26 ? -2.589  3.949   -1.768  1.00 22.26 ? 26  THR A OG1 1 
ATOM   197  C CG2 . THR A 1 26 ? -4.141  5.370   -0.396  1.00 24.29 ? 26  THR A CG2 1 
ATOM   198  N N   . GLY A 1 27 ? -2.699  0.744   -0.984  1.00 25.15 ? 27  GLY A N   1 
ATOM   199  C CA  . GLY A 1 27 ? -2.379  -0.487  -1.735  1.00 23.61 ? 27  GLY A CA  1 
ATOM   200  C C   . GLY A 1 27 ? -2.951  -1.734  -1.046  1.00 27.20 ? 27  GLY A C   1 
ATOM   201  O O   . GLY A 1 27 ? -2.836  -2.854  -1.585  1.00 27.83 ? 27  GLY A O   1 
ATOM   202  N N   . ALA A 1 28 ? -3.659  -1.542  0.097   1.00 29.22 ? 28  ALA A N   1 
ATOM   203  C CA  . ALA A 1 28 ? -4.261  -2.692  0.824   1.00 30.41 ? 28  ALA A CA  1 
ATOM   204  C C   . ALA A 1 28 ? -5.830  -2.691  0.778   1.00 28.02 ? 28  ALA A C   1 
ATOM   205  O O   . ALA A 1 28 ? -6.473  -1.711  1.141   1.00 31.05 ? 28  ALA A O   1 
ATOM   206  C CB  . ALA A 1 28 ? -3.716  -2.736  2.299   1.00 25.05 ? 28  ALA A CB  1 
ATOM   207  N N   . ASP A 1 29 ? -6.436  -3.742  0.263   1.00 29.31 ? 29  ASP A N   1 
ATOM   208  C CA  . ASP A 1 29 ? -7.918  -3.773  0.272   1.00 35.89 ? 29  ASP A CA  1 
ATOM   209  C C   . ASP A 1 29 ? -8.544  -3.861  1.706   1.00 32.69 ? 29  ASP A C   1 
ATOM   210  O O   . ASP A 1 29 ? -9.720  -3.488  1.901   1.00 28.50 ? 29  ASP A O   1 
ATOM   211  C CB  . ASP A 1 29 ? -8.458  -5.007  -0.508  1.00 35.84 ? 29  ASP A CB  1 
ATOM   212  C CG  . ASP A 1 29 ? -7.809  -5.187  -1.824  1.00 37.82 ? 29  ASP A CG  1 
ATOM   213  O OD1 . ASP A 1 29 ? -7.480  -4.165  -2.477  1.00 39.50 ? 29  ASP A OD1 1 
ATOM   214  O OD2 . ASP A 1 29 ? -7.613  -6.366  -2.221  1.00 39.14 ? 29  ASP A OD2 1 
ATOM   215  N N   . ASP A 1 30 ? -7.752  -4.473  2.643   1.00 29.71 ? 30  ASP A N   1 
ATOM   216  C CA  . ASP A 1 30 ? -8.136  -4.813  4.031   1.00 26.20 ? 30  ASP A CA  1 
ATOM   217  C C   . ASP A 1 30 ? -7.132  -4.179  4.964   1.00 28.57 ? 30  ASP A C   1 
ATOM   218  O O   . ASP A 1 30 ? -6.067  -3.716  4.490   1.00 29.03 ? 30  ASP A O   1 
ATOM   219  C CB  . ASP A 1 30 ? -8.067  -6.314  4.272   1.00 29.36 ? 30  ASP A CB  1 
ATOM   220  C CG  . ASP A 1 30 ? -8.817  -7.088  3.219   1.00 32.11 ? 30  ASP A CG  1 
ATOM   221  O OD1 . ASP A 1 30 ? -10.020 -6.752  3.010   1.00 40.07 ? 30  ASP A OD1 1 
ATOM   222  O OD2 . ASP A 1 30 ? -8.223  -8.010  2.579   1.00 36.12 ? 30  ASP A OD2 1 
ATOM   223  N N   . THR A 1 31 ? -7.500  -4.165  6.273   1.00 28.07 ? 31  THR A N   1 
ATOM   224  C CA  . THR A 1 31 ? -6.723  -3.599  7.387   1.00 30.49 ? 31  THR A CA  1 
ATOM   225  C C   . THR A 1 31 ? -6.253  -4.820  8.082   1.00 28.96 ? 31  THR A C   1 
ATOM   226  O O   . THR A 1 31 ? -7.082  -5.688  8.408   1.00 28.30 ? 31  THR A O   1 
ATOM   227  C CB  . THR A 1 31 ? -7.654  -2.864  8.354   1.00 26.77 ? 31  THR A CB  1 
ATOM   228  O OG1 . THR A 1 31 ? -8.209  -1.791  7.635   1.00 29.43 ? 31  THR A OG1 1 
ATOM   229  C CG2 . THR A 1 31 ? -6.928  -2.322  9.657   1.00 26.39 ? 31  THR A CG2 1 
ATOM   230  N N   . VAL A 1 32 ? -4.955  -4.851  8.352   1.00 28.58 ? 32  VAL A N   1 
ATOM   231  C CA  . VAL A 1 32 ? -4.308  -5.962  9.001   1.00 30.47 ? 32  VAL A CA  1 
ATOM   232  C C   . VAL A 1 32 ? -3.430  -5.437  10.156  1.00 29.78 ? 32  VAL A C   1 
ATOM   233  O O   . VAL A 1 32 ? -2.528  -4.584  9.925   1.00 30.64 ? 32  VAL A O   1 
ATOM   234  C CB  . VAL A 1 32 ? -3.357  -6.744  7.987   1.00 29.55 ? 32  VAL A CB  1 
ATOM   235  C CG1 . VAL A 1 32 ? -2.920  -8.032  8.626   1.00 35.67 ? 32  VAL A CG1 1 
ATOM   236  C CG2 . VAL A 1 32 ? -4.071  -6.951  6.632   1.00 32.95 ? 32  VAL A CG2 1 
ATOM   237  N N   . LEU A 1 33 ? -3.671  -5.992  11.352  1.00 30.51 ? 33  LEU A N   1 
ATOM   238  C CA  . LEU A 1 33 ? -3.010  -5.568  12.607  1.00 28.96 ? 33  LEU A CA  1 
ATOM   239  C C   . LEU A 1 33 ? -2.067  -6.686  13.124  1.00 32.21 ? 33  LEU A C   1 
ATOM   240  O O   . LEU A 1 33 ? -2.423  -7.864  12.991  1.00 31.60 ? 33  LEU A O   1 
ATOM   241  C CB  . LEU A 1 33 ? -4.070  -5.199  13.691  1.00 33.25 ? 33  LEU A CB  1 
ATOM   242  C CG  . LEU A 1 33 ? -5.145  -4.163  13.285  1.00 35.21 ? 33  LEU A CG  1 
ATOM   243  C CD1 . LEU A 1 33 ? -5.785  -3.567  14.568  1.00 46.72 ? 33  LEU A CD1 1 
ATOM   244  C CD2 . LEU A 1 33 ? -4.536  -3.018  12.418  1.00 42.93 ? 33  LEU A CD2 1 
ATOM   245  N N   . GLU A 1 34 ? -0.852  -6.358  13.659  1.00 34.20 ? 34  GLU A N   1 
ATOM   246  C CA  . GLU A 1 34 ? -0.076  -7.474  14.225  1.00 43.94 ? 34  GLU A CA  1 
ATOM   247  C C   . GLU A 1 34 ? -0.766  -7.959  15.510  1.00 44.96 ? 34  GLU A C   1 
ATOM   248  O O   . GLU A 1 34 ? -1.409  -7.191  16.228  1.00 48.79 ? 34  GLU A O   1 
ATOM   249  C CB  . GLU A 1 34 ? 1.367   -7.124  14.559  1.00 49.96 ? 34  GLU A CB  1 
ATOM   250  C CG  . GLU A 1 34 ? 2.111   -8.364  15.172  1.00 39.64 ? 34  GLU A CG  1 
ATOM   251  C CD  . GLU A 1 34 ? 3.511   -8.036  15.587  1.00 43.67 ? 34  GLU A CD  1 
ATOM   252  O OE1 . GLU A 1 34 ? 3.761   -6.840  15.993  1.00 55.39 ? 34  GLU A OE1 1 
ATOM   253  O OE2 . GLU A 1 34 ? 4.383   -8.958  15.467  1.00 75.78 ? 34  GLU A OE2 1 
ATOM   254  N N   . GLU A 1 35 ? -0.571  -9.213  15.827  1.00 47.93 ? 35  GLU A N   1 
ATOM   255  C CA  . GLU A 1 35 ? -1.250  -9.787  16.976  1.00 53.40 ? 35  GLU A CA  1 
ATOM   256  C C   . GLU A 1 35 ? -1.797  -8.910  18.179  1.00 52.94 ? 35  GLU A C   1 
ATOM   257  O O   . GLU A 1 35 ? -1.056  -8.154  18.941  1.00 51.80 ? 35  GLU A O   1 
ATOM   258  C CB  . GLU A 1 35 ? -0.470  -11.014 17.481  1.00 53.17 ? 35  GLU A CB  1 
ATOM   259  C CG  . GLU A 1 35 ? -1.253  -12.331 17.198  1.00 59.70 ? 35  GLU A CG  1 
ATOM   260  C CD  . GLU A 1 35 ? -2.695  -12.360 17.833  1.00 58.38 ? 35  GLU A CD  1 
ATOM   261  O OE1 . GLU A 1 35 ? -2.826  -12.375 19.097  1.00 73.22 ? 35  GLU A OE1 1 
ATOM   262  O OE2 . GLU A 1 35 ? -3.694  -12.408 17.084  1.00 52.94 ? 35  GLU A OE2 1 
ATOM   263  N N   . MET A 1 36 ? -3.134  -9.034  18.287  1.00 48.40 ? 36  MET A N   1 
ATOM   264  C CA  . MET A 1 36 ? -3.922  -8.456  19.328  1.00 55.57 ? 36  MET A CA  1 
ATOM   265  C C   . MET A 1 36 ? -5.143  -9.348  19.582  1.00 55.00 ? 36  MET A C   1 
ATOM   266  O O   . MET A 1 36 ? -5.518  -10.138 18.748  1.00 52.83 ? 36  MET A O   1 
ATOM   267  C CB  . MET A 1 36 ? -4.285  -6.993  19.010  1.00 58.37 ? 36  MET A CB  1 
ATOM   268  C CG  . MET A 1 36 ? -5.430  -6.721  18.150  1.00 55.34 ? 36  MET A CG  1 
ATOM   269  S SD  . MET A 1 36 ? -5.457  -4.931  18.205  1.00 61.91 ? 36  MET A SD  1 
ATOM   270  C CE  . MET A 1 36 ? -6.228  -4.523  19.999  1.00 53.19 ? 36  MET A CE  1 
ATOM   271  N N   . ASN A 1 37 ? -5.678  -9.307  20.803  1.00 62.47 ? 37  ASN A N   1 
ATOM   272  C CA  . ASN A 1 37 ? -6.840  -10.170 21.098  1.00 64.31 ? 37  ASN A CA  1 
ATOM   273  C C   . ASN A 1 37 ? -8.145  -9.431  20.875  1.00 64.84 ? 37  ASN A C   1 
ATOM   274  O O   . ASN A 1 37 ? -8.497  -8.482  21.588  1.00 73.93 ? 37  ASN A O   1 
ATOM   275  C CB  . ASN A 1 37 ? -6.784  -10.705 22.512  1.00 66.04 ? 37  ASN A CB  1 
ATOM   276  C CG  . ASN A 1 37 ? -6.150  -12.069 22.588  1.00 70.91 ? 37  ASN A CG  1 
ATOM   277  O OD1 . ASN A 1 37 ? -4.953  -12.262 22.200  1.00 74.92 ? 37  ASN A OD1 1 
ATOM   278  N ND2 . ASN A 1 37 ? -6.928  -13.060 23.114  1.00 80.98 ? 37  ASN A ND2 1 
ATOM   279  N N   . LEU A 1 38 ? -8.812  -9.787  19.810  1.00 60.63 ? 38  LEU A N   1 
ATOM   280  C CA  . LEU A 1 38 ? -10.050 -9.159  19.570  1.00 60.34 ? 38  LEU A CA  1 
ATOM   281  C C   . LEU A 1 38 ? -11.109 -10.182 20.019  1.00 62.65 ? 38  LEU A C   1 
ATOM   282  O O   . LEU A 1 38 ? -10.838 -11.421 20.084  1.00 62.81 ? 38  LEU A O   1 
ATOM   283  C CB  . LEU A 1 38 ? -10.180 -8.769  18.084  1.00 59.86 ? 38  LEU A CB  1 
ATOM   284  C CG  . LEU A 1 38 ? -9.445  -7.469  17.715  1.00 62.77 ? 38  LEU A CG  1 
ATOM   285  C CD1 . LEU A 1 38 ? -9.449  -7.188  16.129  1.00 47.32 ? 38  LEU A CD1 1 
ATOM   286  C CD2 . LEU A 1 38 ? -10.100 -6.339  18.534  1.00 60.90 ? 38  LEU A CD2 1 
ATOM   287  N N   . PRO A 1 39 ? -12.266 -9.679  20.445  1.00 60.34 ? 39  PRO A N   1 
ATOM   288  C CA  . PRO A 1 39 ? -13.392 -10.499 20.872  1.00 58.28 ? 39  PRO A CA  1 
ATOM   289  C C   . PRO A 1 39 ? -14.289 -10.796 19.663  1.00 61.22 ? 39  PRO A C   1 
ATOM   290  O O   . PRO A 1 39 ? -14.159 -10.182 18.574  1.00 58.55 ? 39  PRO A O   1 
ATOM   291  C CB  . PRO A 1 39 ? -14.086 -9.609  21.864  1.00 57.32 ? 39  PRO A CB  1 
ATOM   292  C CG  . PRO A 1 39 ? -13.909 -8.228  21.222  1.00 70.04 ? 39  PRO A CG  1 
ATOM   293  C CD  . PRO A 1 39 ? -12.417 -8.290  20.903  1.00 62.93 ? 39  PRO A CD  1 
ATOM   294  N N   . GLY A 1 40 ? -15.208 -11.737 19.858  1.00 64.69 ? 40  GLY A N   1 
ATOM   295  C CA  . GLY A 1 40 ? -16.154 -12.099 18.803  1.00 63.02 ? 40  GLY A CA  1 
ATOM   296  C C   . GLY A 1 40 ? -15.694 -13.258 17.948  1.00 58.76 ? 40  GLY A C   1 
ATOM   297  O O   . GLY A 1 40 ? -14.542 -13.730 18.082  1.00 54.08 ? 40  GLY A O   1 
ATOM   298  N N   . LYS A 1 41 ? -16.600 -13.713 17.081  1.00 59.17 ? 41  LYS A N   1 
ATOM   299  C CA  . LYS A 1 41 ? -16.298 -14.807 16.145  1.00 62.32 ? 41  LYS A CA  1 
ATOM   300  C C   . LYS A 1 41 ? -15.240 -14.331 15.058  1.00 60.23 ? 41  LYS A C   1 
ATOM   301  O O   . LYS A 1 41 ? -15.335 -13.207 14.478  1.00 60.36 ? 41  LYS A O   1 
ATOM   302  C CB  . LYS A 1 41 ? -17.642 -15.350 15.465  1.00 60.45 ? 41  LYS A CB  1 
ATOM   303  N N   . TRP A 1 42 ? -14.217 -15.163 14.875  1.00 56.84 ? 42  TRP A N   1 
ATOM   304  C CA  . TRP A 1 42 ? -13.112 -14.920 13.924  1.00 54.46 ? 42  TRP A CA  1 
ATOM   305  C C   . TRP A 1 42 ? -12.923 -16.104 12.977  1.00 53.44 ? 42  TRP A C   1 
ATOM   306  O O   . TRP A 1 42 ? -12.794 -17.291 13.423  1.00 51.11 ? 42  TRP A O   1 
ATOM   307  C CB  . TRP A 1 42 ? -11.784 -14.653 14.650  1.00 50.79 ? 42  TRP A CB  1 
ATOM   308  C CG  . TRP A 1 42 ? -11.161 -15.843 15.449  1.00 59.24 ? 42  TRP A CG  1 
ATOM   309  C CD1 . TRP A 1 42 ? -11.194 -16.024 16.821  1.00 66.51 ? 42  TRP A CD1 1 
ATOM   310  C CD2 . TRP A 1 42 ? -10.266 -16.855 14.941  1.00 63.86 ? 42  TRP A CD2 1 
ATOM   311  N NE1 . TRP A 1 42 ? -10.361 -17.068 17.193  1.00 68.42 ? 42  TRP A NE1 1 
ATOM   312  C CE2 . TRP A 1 42 ? -9.780  -17.596 16.067  1.00 62.92 ? 42  TRP A CE2 1 
ATOM   313  C CE3 . TRP A 1 42 ? -9.809  -17.203 13.644  1.00 64.80 ? 42  TRP A CE3 1 
ATOM   314  C CZ2 . TRP A 1 42 ? -8.858  -18.676 15.933  1.00 77.47 ? 42  TRP A CZ2 1 
ATOM   315  C CZ3 . TRP A 1 42 ? -8.894  -18.280 13.500  1.00 75.51 ? 42  TRP A CZ3 1 
ATOM   316  C CH2 . TRP A 1 42 ? -8.425  -19.005 14.648  1.00 82.23 ? 42  TRP A CH2 1 
ATOM   317  N N   . LYS A 1 43 ? -12.941 -15.785 11.677  1.00 51.57 ? 43  LYS A N   1 
ATOM   318  C CA  . LYS A 1 43 ? -12.777 -16.777 10.620  1.00 49.05 ? 43  LYS A CA  1 
ATOM   319  C C   . LYS A 1 43 ? -11.406 -16.661 9.914   1.00 49.15 ? 43  LYS A C   1 
ATOM   320  O O   . LYS A 1 43 ? -10.878 -15.557 9.711   1.00 50.48 ? 43  LYS A O   1 
ATOM   321  C CB  . LYS A 1 43 ? -13.933 -16.689 9.619   1.00 45.16 ? 43  LYS A CB  1 
ATOM   322  C CG  . LYS A 1 43 ? -13.732 -15.776 8.452   1.00 53.52 ? 43  LYS A CG  1 
ATOM   323  C CD  . LYS A 1 43 ? -15.032 -15.741 7.554   1.00 59.46 ? 43  LYS A CD  1 
ATOM   324  C CE  . LYS A 1 43 ? -15.584 -17.144 7.253   1.00 66.29 ? 43  LYS A CE  1 
ATOM   325  N NZ  . LYS A 1 43 ? -17.063 -17.208 6.834   1.00 69.09 ? 43  LYS A NZ  1 
ATOM   326  N N   . PRO A 1 44 ? -10.791 -17.834 9.598   1.00 48.46 ? 44  PRO A N   1 
ATOM   327  C CA  . PRO A 1 44 ? -9.482  -17.952 8.924   1.00 40.68 ? 44  PRO A CA  1 
ATOM   328  C C   . PRO A 1 44 ? -9.639  -17.411 7.509   1.00 37.30 ? 44  PRO A C   1 
ATOM   329  O O   . PRO A 1 44 ? -10.720 -17.674 6.786   1.00 36.02 ? 44  PRO A O   1 
ATOM   330  C CB  . PRO A 1 44 ? -9.231  -19.451 8.893   1.00 40.22 ? 44  PRO A CB  1 
ATOM   331  C CG  . PRO A 1 44 ? -10.106 -19.972 10.099  1.00 49.01 ? 44  PRO A CG  1 
ATOM   332  C CD  . PRO A 1 44 ? -11.360 -19.179 9.858   1.00 48.63 ? 44  PRO A CD  1 
ATOM   333  N N   . LYS A 1 45 ? -8.598  -16.640 7.103   1.00 33.22 ? 45  LYS A N   1 
ATOM   334  C CA  . LYS A 1 45 ? -8.559  -16.066 5.766   1.00 29.74 ? 45  LYS A CA  1 
ATOM   335  C C   . LYS A 1 45 ? -7.097  -16.030 5.353   1.00 32.99 ? 45  LYS A C   1 
ATOM   336  O O   . LYS A 1 45 ? -6.208  -16.051 6.220   1.00 26.85 ? 45  LYS A O   1 
ATOM   337  C CB  . LYS A 1 45 ? -9.167  -14.642 5.767   1.00 31.40 ? 45  LYS A CB  1 
ATOM   338  C CG  . LYS A 1 45 ? -9.196  -14.010 4.415   1.00 29.48 ? 45  LYS A CG  1 
ATOM   339  C CD  . LYS A 1 45 ? -9.660  -12.504 4.467   1.00 41.37 ? 45  LYS A CD  1 
ATOM   340  C CE  . LYS A 1 45 ? -10.117 -12.052 3.031   1.00 35.81 ? 45  LYS A CE  1 
ATOM   341  N NZ  . LYS A 1 45 ? -10.719 -10.702 3.179   1.00 58.21 ? 45  LYS A NZ  1 
ATOM   342  N N   . MET A 1 46 ? -6.838  -16.018 4.013   1.00 34.95 ? 46  MET A N   1 
ATOM   343  C CA  . MET A 1 46 ? -5.465  -15.928 3.494   1.00 31.69 ? 46  MET A CA  1 
ATOM   344  C C   . MET A 1 46 ? -5.390  -14.570 2.753   1.00 25.96 ? 46  MET A C   1 
ATOM   345  O O   . MET A 1 46 ? -6.300  -14.236 2.057   1.00 32.77 ? 46  MET A O   1 
ATOM   346  C CB  . MET A 1 46 ? -5.128  -17.102 2.506   1.00 31.81 ? 46  MET A CB  1 
ATOM   347  C CG  . MET A 1 46 ? -4.979  -18.541 3.087   1.00 33.58 ? 46  MET A CG  1 
ATOM   348  S SD  . MET A 1 46 ? -3.388  -18.872 3.834   1.00 42.08 ? 46  MET A SD  1 
ATOM   349  C CE  . MET A 1 46 ? -2.345  -19.325 2.139   1.00 51.39 ? 46  MET A CE  1 
ATOM   350  N N   . ILE A 1 47 ? -4.325  -13.782 2.945   1.00 27.20 ? 47  ILE A N   1 
ATOM   351  C CA  . ILE A 1 47 ? -4.140  -12.538 2.186   1.00 24.60 ? 47  ILE A CA  1 
ATOM   352  C C   . ILE A 1 47 ? -2.692  -12.487 1.620   1.00 28.68 ? 47  ILE A C   1 
ATOM   353  O O   . ILE A 1 47 ? -1.673  -12.867 2.304   1.00 25.93 ? 47  ILE A O   1 
ATOM   354  C CB  . ILE A 1 47 ? -4.439  -11.248 3.029   1.00 26.29 ? 47  ILE A CB  1 
ATOM   355  C CG1 . ILE A 1 47 ? -3.467  -11.130 4.184   1.00 27.08 ? 47  ILE A CG1 1 
ATOM   356  C CG2 . ILE A 1 47 ? -5.891  -11.325 3.689   1.00 29.05 ? 47  ILE A CG2 1 
ATOM   357  C CD1 . ILE A 1 47 ? -3.759  -9.885  5.031   1.00 45.46 ? 47  ILE A CD1 1 
ATOM   358  N N   . GLY A 1 48 ? -2.569  -12.051 0.371   1.00 26.61 ? 48  GLY A N   1 
ATOM   359  C CA  . GLY A 1 48 ? -1.239  -11.998 -0.204  1.00 30.84 ? 48  GLY A CA  1 
ATOM   360  C C   . GLY A 1 48 ? -0.754  -10.597 -0.555  1.00 33.77 ? 48  GLY A C   1 
ATOM   361  O O   . GLY A 1 48 ? -1.517  -9.573  -0.672  1.00 24.77 ? 48  GLY A O   1 
ATOM   362  N N   . GLY A 1 49 ? 0.544   -10.573 -0.726  1.00 27.91 ? 49  GLY A N   1 
ATOM   363  C CA  . GLY A 1 49 ? 1.216   -9.392  -1.201  1.00 28.17 ? 49  GLY A CA  1 
ATOM   364  C C   . GLY A 1 49 ? 2.488   -9.880  -1.898  1.00 25.12 ? 49  GLY A C   1 
ATOM   365  O O   . GLY A 1 49 ? 2.576   -10.992 -2.425  1.00 22.67 ? 49  GLY A O   1 
ATOM   366  N N   . ILE A 1 50 ? 3.454   -8.988  -1.928  1.00 27.93 ? 50  ILE A N   1 
ATOM   367  C CA  . ILE A 1 50 ? 4.794   -9.226  -2.468  1.00 33.16 ? 50  ILE A CA  1 
ATOM   368  C C   . ILE A 1 50 ? 5.418   -10.398 -1.608  1.00 37.43 ? 50  ILE A C   1 
ATOM   369  O O   . ILE A 1 50 ? 5.525   -10.257 -0.328  1.00 44.70 ? 50  ILE A O   1 
ATOM   370  C CB  . ILE A 1 50 ? 5.622   -7.871  -2.223  1.00 31.70 ? 50  ILE A CB  1 
ATOM   371  C CG1 . ILE A 1 50 ? 5.199   -6.807  -3.289  1.00 31.73 ? 50  ILE A CG1 1 
ATOM   372  C CG2 . ILE A 1 50 ? 7.142   -8.172  -1.985  1.00 36.34 ? 50  ILE A CG2 1 
ATOM   373  C CD1 . ILE A 1 50 ? 5.149   -7.341  -4.692  1.00 38.17 ? 50  ILE A CD1 1 
ATOM   374  N N   . GLY A 1 51 ? 5.843   -11.517 -2.222  1.00 34.80 ? 51  GLY A N   1 
ATOM   375  C CA  . GLY A 1 51 ? 6.463   -12.567 -1.378  1.00 32.93 ? 51  GLY A CA  1 
ATOM   376  C C   . GLY A 1 51 ? 5.618   -13.788 -1.069  1.00 28.66 ? 51  GLY A C   1 
ATOM   377  O O   . GLY A 1 51 ? 6.165   -14.909 -0.836  1.00 34.71 ? 51  GLY A O   1 
ATOM   378  N N   . GLY A 1 52 ? 4.291   -13.560 -1.082  1.00 28.91 ? 52  GLY A N   1 
ATOM   379  C CA  . GLY A 1 52 ? 3.247   -14.584 -0.880  1.00 29.05 ? 52  GLY A CA  1 
ATOM   380  C C   . GLY A 1 52 ? 2.101   -14.300 0.120   1.00 26.41 ? 52  GLY A C   1 
ATOM   381  O O   . GLY A 1 52 ? 1.722   -13.160 0.398   1.00 25.69 ? 52  GLY A O   1 
ATOM   382  N N   . PHE A 1 53 ? 1.609   -15.369 0.758   1.00 29.34 ? 53  PHE A N   1 
ATOM   383  C CA  . PHE A 1 53 ? 0.437   -15.222 1.650   1.00 35.61 ? 53  PHE A CA  1 
ATOM   384  C C   . PHE A 1 53 ? 0.669   -15.415 3.105   1.00 33.10 ? 53  PHE A C   1 
ATOM   385  O O   . PHE A 1 53 ? 1.525   -16.216 3.519   1.00 37.11 ? 53  PHE A O   1 
ATOM   386  C CB  . PHE A 1 53 ? -0.713  -16.202 1.271   1.00 27.75 ? 53  PHE A CB  1 
ATOM   387  C CG  . PHE A 1 53 ? -1.413  -15.857 -0.004  1.00 30.81 ? 53  PHE A CG  1 
ATOM   388  C CD1 . PHE A 1 53 ? -0.740  -15.965 -1.240  1.00 30.60 ? 53  PHE A CD1 1 
ATOM   389  C CD2 . PHE A 1 53 ? -2.733  -15.321 0.029   1.00 24.93 ? 53  PHE A CD2 1 
ATOM   390  C CE1 . PHE A 1 53 ? -1.354  -15.527 -2.443  1.00 27.95 ? 53  PHE A CE1 1 
ATOM   391  C CE2 . PHE A 1 53 ? -3.373  -14.885 -1.158  1.00 29.62 ? 53  PHE A CE2 1 
ATOM   392  C CZ  . PHE A 1 53 ? -2.686  -14.987 -2.406  1.00 26.98 ? 53  PHE A CZ  1 
ATOM   393  N N   . ILE A 1 54 ? -0.148  -14.733 3.908   1.00 33.40 ? 54  ILE A N   1 
ATOM   394  C CA  . ILE A 1 54 ? -0.117  -15.053 5.342   1.00 33.32 ? 54  ILE A CA  1 
ATOM   395  C C   . ILE A 1 54 ? -1.478  -15.468 5.836   1.00 27.72 ? 54  ILE A C   1 
ATOM   396  O O   . ILE A 1 54 ? -2.503  -15.038 5.258   1.00 31.31 ? 54  ILE A O   1 
ATOM   397  C CB  . ILE A 1 54 ? 0.464   -13.891 6.247   1.00 36.22 ? 54  ILE A CB  1 
ATOM   398  C CG1 . ILE A 1 54 ? -0.536  -12.747 6.387   1.00 36.19 ? 54  ILE A CG1 1 
ATOM   399  C CG2 . ILE A 1 54 ? 1.961   -13.520 5.746   1.00 32.60 ? 54  ILE A CG2 1 
ATOM   400  C CD1 . ILE A 1 54 ? 0.027   -11.632 7.331   1.00 37.40 ? 54  ILE A CD1 1 
ATOM   401  N N   . LYS A 1 55 ? -1.509  -16.329 6.864   1.00 25.89 ? 55  LYS A N   1 
ATOM   402  C CA  . LYS A 1 55 ? -2.800  -16.710 7.445   1.00 29.60 ? 55  LYS A CA  1 
ATOM   403  C C   . LYS A 1 55 ? -3.120  -15.636 8.544   1.00 32.14 ? 55  LYS A C   1 
ATOM   404  O O   . LYS A 1 55 ? -2.264  -15.261 9.414   1.00 31.95 ? 55  LYS A O   1 
ATOM   405  C CB  . LYS A 1 55 ? -2.835  -18.166 8.072   1.00 30.19 ? 55  LYS A CB  1 
ATOM   406  C CG  . LYS A 1 55 ? -4.341  -18.809 8.110   1.00 32.45 ? 55  LYS A CG  1 
ATOM   407  C CD  . LYS A 1 55 ? -4.842  -19.458 9.426   1.00 43.36 ? 55  LYS A CD  1 
ATOM   408  C CE  . LYS A 1 55 ? -4.612  -21.022 9.583   1.00 52.16 ? 55  LYS A CE  1 
ATOM   409  N NZ  . LYS A 1 55 ? -5.471  -21.841 10.727  1.00 55.13 ? 55  LYS A NZ  1 
ATOM   410  N N   . VAL A 1 56 ? -4.342  -15.167 8.502   1.00 25.28 ? 56  VAL A N   1 
ATOM   411  C CA  . VAL A 1 56 ? -4.784  -14.194 9.453   1.00 29.11 ? 56  VAL A CA  1 
ATOM   412  C C   . VAL A 1 56 ? -6.187  -14.577 9.926   1.00 31.87 ? 56  VAL A C   1 
ATOM   413  O O   . VAL A 1 56 ? -6.872  -15.475 9.324   1.00 29.57 ? 56  VAL A O   1 
ATOM   414  C CB  . VAL A 1 56 ? -4.862  -12.788 8.843   1.00 33.10 ? 56  VAL A CB  1 
ATOM   415  C CG1 . VAL A 1 56 ? -3.528  -12.430 8.246   1.00 28.85 ? 56  VAL A CG1 1 
ATOM   416  C CG2 . VAL A 1 56 ? -6.058  -12.708 7.785   1.00 27.92 ? 56  VAL A CG2 1 
ATOM   417  N N   . ARG A 1 57 ? -6.643  -13.907 10.968  1.00 28.35 ? 57  ARG A N   1 
ATOM   418  C CA  . ARG A 1 57 ? -7.999  -14.179 11.458  1.00 30.89 ? 57  ARG A CA  1 
ATOM   419  C C   . ARG A 1 57 ? -8.849  -12.932 11.100  1.00 30.37 ? 57  ARG A C   1 
ATOM   420  O O   . ARG A 1 57 ? -8.416  -11.801 11.267  1.00 34.48 ? 57  ARG A O   1 
ATOM   421  C CB  . ARG A 1 57 ? -7.978  -14.473 12.991  1.00 30.95 ? 57  ARG A CB  1 
ATOM   422  C CG  . ARG A 1 57 ? -6.770  -15.374 13.480  1.00 43.03 ? 57  ARG A CG  1 
ATOM   423  C CD  . ARG A 1 57 ? -6.925  -15.832 14.902  1.00 45.36 ? 57  ARG A CD  1 
ATOM   424  N NE  . ARG A 1 57 ? -7.200  -14.718 15.849  1.00 59.11 ? 57  ARG A NE  1 
ATOM   425  C CZ  . ARG A 1 57 ? -6.273  -13.852 16.364  1.00 61.06 ? 57  ARG A CZ  1 
ATOM   426  N NH1 . ARG A 1 57 ? -4.995  -13.911 15.970  1.00 53.77 ? 57  ARG A NH1 1 
ATOM   427  N NH2 . ARG A 1 57 ? -6.636  -12.928 17.269  1.00 54.87 ? 57  ARG A NH2 1 
ATOM   428  N N   . GLN A 1 58 ? -10.029 -13.134 10.568  1.00 28.07 ? 58  GLN A N   1 
ATOM   429  C CA  . GLN A 1 58 ? -10.846 -11.998 10.194  1.00 27.42 ? 58  GLN A CA  1 
ATOM   430  C C   . GLN A 1 58 ? -11.861 -11.737 11.276  1.00 32.18 ? 58  GLN A C   1 
ATOM   431  O O   . GLN A 1 58 ? -12.679 -12.635 11.612  1.00 32.89 ? 58  GLN A O   1 
ATOM   432  C CB  . GLN A 1 58 ? -11.581 -12.301 8.912   1.00 28.92 ? 58  GLN A CB  1 
ATOM   433  C CG  . GLN A 1 58 ? -12.631 -11.251 8.418   1.00 35.22 ? 58  GLN A CG  1 
ATOM   434  C CD  . GLN A 1 58 ? -13.374 -11.775 7.171   1.00 41.87 ? 58  GLN A CD  1 
ATOM   435  O OE1 . GLN A 1 58 ? -12.731 -12.267 6.181   1.00 49.01 ? 58  GLN A OE1 1 
ATOM   436  N NE2 . GLN A 1 58 ? -14.741 -11.719 7.218   1.00 49.69 ? 58  GLN A NE2 1 
ATOM   437  N N   . TYR A 1 59 ? -11.852 -10.492 11.811  1.00 36.28 ? 59  TYR A N   1 
ATOM   438  C CA  . TYR A 1 59 ? -12.834 -10.043 12.859  1.00 34.05 ? 59  TYR A CA  1 
ATOM   439  C C   . TYR A 1 59 ? -13.688 -8.999  12.237  1.00 33.69 ? 59  TYR A C   1 
ATOM   440  O O   . TYR A 1 59 ? -13.172 -8.063  11.632  1.00 33.82 ? 59  TYR A O   1 
ATOM   441  C CB  . TYR A 1 59 ? -12.125 -9.451  14.071  1.00 37.99 ? 59  TYR A CB  1 
ATOM   442  C CG  . TYR A 1 59 ? -11.425 -10.507 14.877  1.00 31.03 ? 59  TYR A CG  1 
ATOM   443  C CD1 . TYR A 1 59 ? -10.089 -10.853 14.618  1.00 34.14 ? 59  TYR A CD1 1 
ATOM   444  C CD2 . TYR A 1 59 ? -12.096 -11.102 15.991  1.00 34.15 ? 59  TYR A CD2 1 
ATOM   445  C CE1 . TYR A 1 59 ? -9.406  -11.793 15.456  1.00 39.58 ? 59  TYR A CE1 1 
ATOM   446  C CE2 . TYR A 1 59 ? -11.482 -11.963 16.814  1.00 38.50 ? 59  TYR A CE2 1 
ATOM   447  C CZ  . TYR A 1 59 ? -10.113 -12.331 16.582  1.00 48.80 ? 59  TYR A CZ  1 
ATOM   448  O OH  . TYR A 1 59 ? -9.479  -13.163 17.557  1.00 41.99 ? 59  TYR A OH  1 
ATOM   449  N N   . ASP A 1 60 ? -15.000 -9.194  12.336  1.00 36.20 ? 60  ASP A N   1 
ATOM   450  C CA  . ASP A 1 60 ? -15.949 -8.266  11.773  1.00 41.88 ? 60  ASP A CA  1 
ATOM   451  C C   . ASP A 1 60 ? -16.383 -7.163  12.817  1.00 41.45 ? 60  ASP A C   1 
ATOM   452  O O   . ASP A 1 60 ? -16.163 -7.341  14.055  1.00 41.55 ? 60  ASP A O   1 
ATOM   453  C CB  . ASP A 1 60 ? -17.167 -9.090  11.275  1.00 46.66 ? 60  ASP A CB  1 
ATOM   454  C CG  . ASP A 1 60 ? -16.917 -9.759  9.897   1.00 63.06 ? 60  ASP A CG  1 
ATOM   455  O OD1 . ASP A 1 60 ? -15.883 -9.397  9.235   1.00 50.34 ? 60  ASP A OD1 1 
ATOM   456  O OD2 . ASP A 1 60 ? -17.774 -10.627 9.437   1.00 80.07 ? 60  ASP A OD2 1 
ATOM   457  N N   . GLN A 1 61 ? -16.997 -6.065  12.306  1.00 48.22 ? 61  GLN A N   1 
ATOM   458  C CA  . GLN A 1 61 ? -17.560 -4.904  13.088  1.00 50.67 ? 61  GLN A CA  1 
ATOM   459  C C   . GLN A 1 61 ? -16.782 -4.533  14.367  1.00 47.80 ? 61  GLN A C   1 
ATOM   460  O O   . GLN A 1 61 ? -17.335 -4.537  15.527  1.00 45.99 ? 61  GLN A O   1 
ATOM   461  C CB  . GLN A 1 61 ? -19.045 -5.144  13.442  1.00 51.58 ? 61  GLN A CB  1 
ATOM   462  C CG  . GLN A 1 61 ? -20.020 -5.489  12.255  1.00 65.27 ? 61  GLN A CG  1 
ATOM   463  C CD  . GLN A 1 61 ? -20.563 -4.271  11.535  1.00 73.36 ? 61  GLN A CD  1 
ATOM   464  O OE1 . GLN A 1 61 ? -21.609 -4.348  10.872  1.00 75.30 ? 61  GLN A OE1 1 
ATOM   465  N NE2 . GLN A 1 61 ? -19.856 -3.121  11.661  1.00 72.34 ? 61  GLN A NE2 1 
ATOM   466  N N   . ILE A 1 62 ? -15.487 -4.222  14.118  1.00 48.02 ? 62  ILE A N   1 
ATOM   467  C CA  . ILE A 1 62 ? -14.479 -3.867  15.116  1.00 45.22 ? 62  ILE A CA  1 
ATOM   468  C C   . ILE A 1 62 ? -14.226 -2.373  15.058  1.00 47.60 ? 62  ILE A C   1 
ATOM   469  O O   . ILE A 1 62 ? -13.831 -1.862  14.011  1.00 50.97 ? 62  ILE A O   1 
ATOM   470  C CB  . ILE A 1 62 ? -13.196 -4.659  14.837  1.00 42.50 ? 62  ILE A CB  1 
ATOM   471  C CG1 . ILE A 1 62 ? -13.401 -6.130  15.288  1.00 49.02 ? 62  ILE A CG1 1 
ATOM   472  C CG2 . ILE A 1 62 ? -12.004 -4.012  15.502  1.00 37.53 ? 62  ILE A CG2 1 
ATOM   473  C CD1 . ILE A 1 62 ? -13.710 -6.340  16.818  1.00 47.32 ? 62  ILE A CD1 1 
ATOM   474  N N   . PRO A 1 63 ? -14.471 -1.650  16.185  1.00 48.13 ? 63  PRO A N   1 
ATOM   475  C CA  . PRO A 1 63 ? -14.268 -0.189  16.205  1.00 49.14 ? 63  PRO A CA  1 
ATOM   476  C C   . PRO A 1 63 ? -12.810 0.184   16.181  1.00 47.45 ? 63  PRO A C   1 
ATOM   477  O O   . PRO A 1 63 ? -11.952 -0.331  16.995  1.00 45.79 ? 63  PRO A O   1 
ATOM   478  C CB  . PRO A 1 63 ? -14.944 0.276   17.522  1.00 50.64 ? 63  PRO A CB  1 
ATOM   479  C CG  . PRO A 1 63 ? -15.689 -1.059  18.088  1.00 50.85 ? 63  PRO A CG  1 
ATOM   480  C CD  . PRO A 1 63 ? -14.804 -2.154  17.543  1.00 48.92 ? 63  PRO A CD  1 
ATOM   481  N N   . VAL A 1 64 ? -12.500 1.059   15.225  1.00 44.37 ? 64  VAL A N   1 
ATOM   482  C CA  . VAL A 1 64 ? -11.129 1.535   15.127  1.00 45.70 ? 64  VAL A CA  1 
ATOM   483  C C   . VAL A 1 64 ? -11.105 3.089   15.086  1.00 48.94 ? 64  VAL A C   1 
ATOM   484  O O   . VAL A 1 64 ? -11.730 3.691   14.173  1.00 53.09 ? 64  VAL A O   1 
ATOM   485  C CB  . VAL A 1 64 ? -10.418 0.893   13.882  1.00 43.45 ? 64  VAL A CB  1 
ATOM   486  C CG1 . VAL A 1 64 ? -8.922  1.308   13.836  1.00 41.45 ? 64  VAL A CG1 1 
ATOM   487  C CG2 . VAL A 1 64 ? -10.572 -0.662  13.930  1.00 36.39 ? 64  VAL A CG2 1 
ATOM   488  N N   . GLU A 1 65 ? -10.466 3.732   16.103  1.00 47.59 ? 65  GLU A N   1 
ATOM   489  C CA  . GLU A 1 65 ? -10.318 5.231   16.103  1.00 52.94 ? 65  GLU A CA  1 
ATOM   490  C C   . GLU A 1 65 ? -8.954  5.652   15.401  1.00 45.64 ? 65  GLU A C   1 
ATOM   491  O O   . GLU A 1 65 ? -7.824  5.457   15.957  1.00 46.42 ? 65  GLU A O   1 
ATOM   492  C CB  . GLU A 1 65 ? -10.424 5.876   17.556  1.00 54.60 ? 65  GLU A CB  1 
ATOM   493  C CG  . GLU A 1 65 ? -9.944  7.446   17.667  1.00 52.10 ? 65  GLU A CG  1 
ATOM   494  C CD  . GLU A 1 65 ? -10.830 8.383   18.625  1.00 64.80 ? 65  GLU A CD  1 
ATOM   495  O OE1 . GLU A 1 65 ? -11.862 9.031   18.200  1.00 68.24 ? 65  GLU A OE1 1 
ATOM   496  O OE2 . GLU A 1 65 ? -10.460 8.465   19.834  1.00 66.12 ? 65  GLU A OE2 1 
ATOM   497  N N   . ILE A 1 66 ? -9.091  6.156   14.170  1.00 36.45 ? 66  ILE A N   1 
ATOM   498  C CA  . ILE A 1 66 ? -7.954  6.668   13.349  1.00 34.57 ? 66  ILE A CA  1 
ATOM   499  C C   . ILE A 1 66 ? -7.903  8.220   13.366  1.00 36.54 ? 66  ILE A C   1 
ATOM   500  O O   . ILE A 1 66 ? -8.730  8.862   12.677  1.00 38.66 ? 66  ILE A O   1 
ATOM   501  C CB  . ILE A 1 66 ? -8.113  6.229   11.875  1.00 30.24 ? 66  ILE A CB  1 
ATOM   502  C CG1 . ILE A 1 66 ? -8.137  4.709   11.801  1.00 34.56 ? 66  ILE A CG1 1 
ATOM   503  C CG2 . ILE A 1 66 ? -7.036  6.815   10.971  1.00 33.62 ? 66  ILE A CG2 1 
ATOM   504  C CD1 . ILE A 1 66 ? -9.230  4.217   10.726  1.00 39.50 ? 66  ILE A CD1 1 
ATOM   505  N N   . CYS A 1 67 ? -6.957  8.846   14.102  1.00 39.46 ? 67  CYS A N   1 
ATOM   506  C CA  . CYS A 1 67 ? -6.877  10.340  14.101  1.00 42.27 ? 67  CYS A CA  1 
ATOM   507  C C   . CYS A 1 67 ? -8.228  11.114  14.359  1.00 44.37 ? 67  CYS A C   1 
ATOM   508  O O   . CYS A 1 67 ? -8.557  12.061  13.571  1.00 41.33 ? 67  CYS A O   1 
ATOM   509  C CB  . CYS A 1 67 ? -6.275  10.883  12.742  1.00 38.49 ? 67  CYS A CB  1 
ATOM   510  S SG  . CYS A 1 67 ? -4.549  10.499  12.554  1.00 52.33 ? 67  CYS A SG  1 
ATOM   511  N N   . GLY A 1 68 ? -8.973  10.753  15.451  1.00 51.04 ? 68  GLY A N   1 
ATOM   512  C CA  . GLY A 1 68 ? -10.248 11.438  15.785  1.00 50.28 ? 68  GLY A CA  1 
ATOM   513  C C   . GLY A 1 68 ? -11.524 10.926  15.055  1.00 51.18 ? 68  GLY A C   1 
ATOM   514  O O   . GLY A 1 68 ? -12.670 11.237  15.459  1.00 48.77 ? 68  GLY A O   1 
ATOM   515  N N   . HIS A 1 69 ? -11.300 10.145  13.990  1.00 49.60 ? 69  HIS A N   1 
ATOM   516  C CA  . HIS A 1 69 ? -12.347 9.576   13.171  1.00 49.80 ? 69  HIS A CA  1 
ATOM   517  C C   . HIS A 1 69 ? -12.706 8.124   13.635  1.00 53.60 ? 69  HIS A C   1 
ATOM   518  O O   . HIS A 1 69 ? -11.791 7.266   13.899  1.00 55.59 ? 69  HIS A O   1 
ATOM   519  C CB  . HIS A 1 69 ? -11.944 9.626   11.689  1.00 46.31 ? 69  HIS A CB  1 
ATOM   520  C CG  . HIS A 1 69 ? -11.749 11.022  11.170  1.00 44.31 ? 69  HIS A CG  1 
ATOM   521  N ND1 . HIS A 1 69 ? -12.733 11.718  10.486  1.00 44.91 ? 69  HIS A ND1 1 
ATOM   522  C CD2 . HIS A 1 69 ? -10.687 11.864  11.257  1.00 36.90 ? 69  HIS A CD2 1 
ATOM   523  C CE1 . HIS A 1 69 ? -12.275 12.925  10.166  1.00 44.39 ? 69  HIS A CE1 1 
ATOM   524  N NE2 . HIS A 1 69 ? -11.035 13.033  10.610  1.00 51.60 ? 69  HIS A NE2 1 
ATOM   525  N N   . LYS A 1 70 ? -14.051 7.916   13.825  1.00 50.48 ? 70  LYS A N   1 
ATOM   526  C CA  . LYS A 1 70 ? -14.638 6.693   14.318  1.00 46.89 ? 70  LYS A CA  1 
ATOM   527  C C   . LYS A 1 70 ? -14.766 5.742   13.119  1.00 46.84 ? 70  LYS A C   1 
ATOM   528  O O   . LYS A 1 70 ? -15.493 6.036   12.122  1.00 46.15 ? 70  LYS A O   1 
ATOM   529  C CB  . LYS A 1 70 ? -16.054 6.992   14.984  1.00 49.36 ? 70  LYS A CB  1 
ATOM   530  N N   . ALA A 1 71 ? -13.966 4.668   13.162  1.00 40.25 ? 71  ALA A N   1 
ATOM   531  C CA  . ALA A 1 71 ? -14.013 3.669   12.113  1.00 44.11 ? 71  ALA A CA  1 
ATOM   532  C C   . ALA A 1 71 ? -14.558 2.360   12.679  1.00 42.94 ? 71  ALA A C   1 
ATOM   533  O O   . ALA A 1 71 ? -14.172 1.871   13.811  1.00 39.16 ? 71  ALA A O   1 
ATOM   534  C CB  . ALA A 1 71 ? -12.565 3.414   11.407  1.00 38.74 ? 71  ALA A CB  1 
ATOM   535  N N   . ILE A 1 72 ? -15.411 1.754   11.849  1.00 39.99 ? 72  ILE A N   1 
ATOM   536  C CA  . ILE A 1 72 ? -15.976 0.489   12.212  1.00 40.66 ? 72  ILE A CA  1 
ATOM   537  C C   . ILE A 1 72 ? -16.127 -0.488  11.013  1.00 31.93 ? 72  ILE A C   1 
ATOM   538  O O   . ILE A 1 72 ? -17.017 -0.327  10.112  1.00 41.42 ? 72  ILE A O   1 
ATOM   539  C CB  . ILE A 1 72 ? -17.378 0.694   13.028  1.00 37.52 ? 72  ILE A CB  1 
ATOM   540  C CG1 . ILE A 1 72 ? -17.918 -0.694  13.460  1.00 40.01 ? 72  ILE A CG1 1 
ATOM   541  C CG2 . ILE A 1 72 ? -18.415 1.573   12.192  1.00 43.62 ? 72  ILE A CG2 1 
ATOM   542  C CD1 . ILE A 1 72 ? -17.043 -1.278  14.563  1.00 44.38 ? 72  ILE A CD1 1 
ATOM   543  N N   . GLY A 1 73 ? -15.303 -1.540  11.027  1.00 31.34 ? 73  GLY A N   1 
ATOM   544  C CA  . GLY A 1 73 ? -15.453 -2.525  9.970   1.00 32.75 ? 73  GLY A CA  1 
ATOM   545  C C   . GLY A 1 73 ? -14.652 -3.729  10.226  1.00 32.15 ? 73  GLY A C   1 
ATOM   546  O O   . GLY A 1 73 ? -14.294 -4.047  11.368  1.00 34.94 ? 73  GLY A O   1 
ATOM   547  N N   . THR A 1 74 ? -14.314 -4.390  9.138   1.00 33.10 ? 74  THR A N   1 
ATOM   548  C CA  . THR A 1 74 ? -13.553 -5.660  9.188   1.00 36.97 ? 74  THR A CA  1 
ATOM   549  C C   . THR A 1 74 ? -12.059 -5.416  9.513   1.00 32.68 ? 74  THR A C   1 
ATOM   550  O O   . THR A 1 74 ? -11.400 -4.509  8.931   1.00 40.72 ? 74  THR A O   1 
ATOM   551  C CB  . THR A 1 74 ? -13.742 -6.438  7.821   1.00 30.97 ? 74  THR A CB  1 
ATOM   552  O OG1 . THR A 1 74 ? -15.140 -6.839  7.702   1.00 38.00 ? 74  THR A OG1 1 
ATOM   553  C CG2 . THR A 1 74 ? -12.776 -7.689  7.740   1.00 27.71 ? 74  THR A CG2 1 
ATOM   554  N N   . VAL A 1 75 ? -11.532 -6.158  10.475  1.00 36.12 ? 75  VAL A N   1 
ATOM   555  C CA  . VAL A 1 75 ? -10.085 -6.005  10.856  1.00 34.27 ? 75  VAL A CA  1 
ATOM   556  C C   . VAL A 1 75 ? -9.395  -7.400  10.778  1.00 33.55 ? 75  VAL A C   1 
ATOM   557  O O   . VAL A 1 75 ? -9.888  -8.364  11.361  1.00 37.63 ? 75  VAL A O   1 
ATOM   558  C CB  . VAL A 1 75 ? -9.952  -5.407  12.317  1.00 34.96 ? 75  VAL A CB  1 
ATOM   559  C CG1 . VAL A 1 75 ? -8.569  -5.701  12.898  1.00 24.58 ? 75  VAL A CG1 1 
ATOM   560  C CG2 . VAL A 1 75 ? -10.311 -3.897  12.306  1.00 27.36 ? 75  VAL A CG2 1 
ATOM   561  N N   . LEU A 1 76 ? -8.281  -7.536  10.076  1.00 29.68 ? 76  LEU A N   1 
ATOM   562  C CA  . LEU A 1 76 ? -7.651  -8.865  10.004  1.00 30.93 ? 76  LEU A CA  1 
ATOM   563  C C   . LEU A 1 76 ? -6.483  -8.855  10.962  1.00 32.53 ? 76  LEU A C   1 
ATOM   564  O O   . LEU A 1 76 ? -5.786  -7.835  11.087  1.00 34.16 ? 76  LEU A O   1 
ATOM   565  C CB  . LEU A 1 76 ? -7.177  -9.172  8.564   1.00 33.46 ? 76  LEU A CB  1 
ATOM   566  C CG  . LEU A 1 76 ? -8.134  -8.961  7.367   1.00 30.84 ? 76  LEU A CG  1 
ATOM   567  C CD1 . LEU A 1 76 ? -7.359  -9.258  6.096   1.00 36.62 ? 76  LEU A CD1 1 
ATOM   568  C CD2 . LEU A 1 76 ? -9.350  -9.854  7.425   1.00 32.79 ? 76  LEU A CD2 1 
ATOM   569  N N   . VAL A 1 77 ? -6.288  -9.952  11.683  1.00 30.60 ? 77  VAL A N   1 
ATOM   570  C CA  . VAL A 1 77 ? -5.191  -10.052 12.650  1.00 29.25 ? 77  VAL A CA  1 
ATOM   571  C C   . VAL A 1 77 ? -4.187  -11.231 12.280  1.00 31.72 ? 77  VAL A C   1 
ATOM   572  O O   . VAL A 1 77 ? -4.573  -12.426 12.155  1.00 32.74 ? 77  VAL A O   1 
ATOM   573  C CB  . VAL A 1 77 ? -5.720  -10.262 14.122  1.00 27.93 ? 77  VAL A CB  1 
ATOM   574  C CG1 . VAL A 1 77 ? -4.527  -10.327 15.111  1.00 32.48 ? 77  VAL A CG1 1 
ATOM   575  C CG2 . VAL A 1 77 ? -6.621  -9.111  14.523  1.00 28.78 ? 77  VAL A CG2 1 
ATOM   576  N N   . GLY A 1 78 ? -2.901  -10.890 12.128  1.00 26.45 ? 78  GLY A N   1 
ATOM   577  C CA  . GLY A 1 78 ? -1.926  -11.873 11.781  1.00 26.09 ? 78  GLY A CA  1 
ATOM   578  C C   . GLY A 1 78 ? -0.501  -11.338 11.854  1.00 28.01 ? 78  GLY A C   1 
ATOM   579  O O   . GLY A 1 78 ? -0.247  -10.195 12.310  1.00 31.84 ? 78  GLY A O   1 
ATOM   580  N N   . PRO A 1 79 ? 0.460   -12.170 11.412  1.00 29.83 ? 79  PRO A N   1 
ATOM   581  C CA  . PRO A 1 79 ? 1.902   -11.827 11.488  1.00 35.32 ? 79  PRO A CA  1 
ATOM   582  C C   . PRO A 1 79 ? 2.408   -10.881 10.411  1.00 38.48 ? 79  PRO A C   1 
ATOM   583  O O   . PRO A 1 79 ? 3.272   -11.244 9.575   1.00 39.80 ? 79  PRO A O   1 
ATOM   584  C CB  . PRO A 1 79 ? 2.603   -13.206 11.432  1.00 34.10 ? 79  PRO A CB  1 
ATOM   585  C CG  . PRO A 1 79 ? 1.651   -14.026 10.382  1.00 32.81 ? 79  PRO A CG  1 
ATOM   586  C CD  . PRO A 1 79 ? 0.223   -13.569 10.890  1.00 30.31 ? 79  PRO A CD  1 
ATOM   587  N N   . THR A 1 80 ? 1.843   -9.680  10.434  1.00 41.24 ? 80  THR A N   1 
ATOM   588  C CA  . THR A 1 80 ? 2.215   -8.580  9.554   1.00 40.95 ? 80  THR A CA  1 
ATOM   589  C C   . THR A 1 80 ? 3.331   -7.738  10.258  1.00 43.86 ? 80  THR A C   1 
ATOM   590  O O   . THR A 1 80 ? 3.148   -7.268  11.386  1.00 44.44 ? 80  THR A O   1 
ATOM   591  C CB  . THR A 1 80 ? 0.925   -7.696  9.233   1.00 36.86 ? 80  THR A CB  1 
ATOM   592  O OG1 . THR A 1 80 ? 1.256   -6.647  8.291   1.00 35.51 ? 80  THR A OG1 1 
ATOM   593  C CG2 . THR A 1 80 ? 0.325   -7.070  10.538  1.00 31.86 ? 80  THR A CG2 1 
ATOM   594  N N   . PRO A 1 81 ? 4.472   -7.508  9.557   1.00 49.01 ? 81  PRO A N   1 
ATOM   595  C CA  . PRO A 1 81 ? 5.645   -6.721  10.055  1.00 53.17 ? 81  PRO A CA  1 
ATOM   596  C C   . PRO A 1 81 ? 5.324   -5.328  10.651  1.00 54.49 ? 81  PRO A C   1 
ATOM   597  O O   . PRO A 1 81 ? 6.018   -4.803  11.568  1.00 55.33 ? 81  PRO A O   1 
ATOM   598  C CB  . PRO A 1 81 ? 6.565   -6.611  8.797   1.00 56.74 ? 81  PRO A CB  1 
ATOM   599  C CG  . PRO A 1 81 ? 5.623   -6.981  7.515   1.00 51.88 ? 81  PRO A CG  1 
ATOM   600  C CD  . PRO A 1 81 ? 4.691   -8.026  8.158   1.00 48.29 ? 81  PRO A CD  1 
ATOM   601  N N   . VAL A 1 82 ? 4.275   -4.752  10.081  1.00 52.50 ? 82  VAL A N   1 
ATOM   602  C CA  . VAL A 1 82 ? 3.741   -3.405  10.383  1.00 48.32 ? 82  VAL A CA  1 
ATOM   603  C C   . VAL A 1 82 ? 2.203   -3.431  10.419  1.00 42.91 ? 82  VAL A C   1 
ATOM   604  O O   . VAL A 1 82 ? 1.559   -4.120  9.625   1.00 43.38 ? 82  VAL A O   1 
ATOM   605  C CB  . VAL A 1 82 ? 4.144   -2.321  9.200   1.00 44.58 ? 82  VAL A CB  1 
ATOM   606  C CG1 . VAL A 1 82 ? 3.779   -0.880  9.615   1.00 44.97 ? 82  VAL A CG1 1 
ATOM   607  C CG2 . VAL A 1 82 ? 5.625   -2.416  8.835   1.00 43.47 ? 82  VAL A CG2 1 
ATOM   608  N N   . ASN A 1 83 ? 1.618   -2.627  11.278  1.00 41.36 ? 83  ASN A N   1 
ATOM   609  C CA  . ASN A 1 83 ? 0.168   -2.496  11.287  1.00 38.09 ? 83  ASN A CA  1 
ATOM   610  C C   . ASN A 1 83 ? -0.346  -1.678  10.060  1.00 40.29 ? 83  ASN A C   1 
ATOM   611  O O   . ASN A 1 83 ? 0.129   -0.561  9.811   1.00 35.33 ? 83  ASN A O   1 
ATOM   612  C CB  . ASN A 1 83 ? -0.256  -1.837  12.558  1.00 41.06 ? 83  ASN A CB  1 
ATOM   613  C CG  . ASN A 1 83 ? -0.032  -2.675  13.661  1.00 48.86 ? 83  ASN A CG  1 
ATOM   614  O OD1 . ASN A 1 83 ? -0.870  -3.538  13.945  1.00 47.28 ? 83  ASN A OD1 1 
ATOM   615  N ND2 . ASN A 1 83 ? 1.160   -2.538  14.300  1.00 55.67 ? 83  ASN A ND2 1 
ATOM   616  N N   . ILE A 1 84 ? -1.350  -2.237  9.350   1.00 39.97 ? 84  ILE A N   1 
ATOM   617  C CA  . ILE A 1 84 ? -1.908  -1.669  8.136   1.00 31.61 ? 84  ILE A CA  1 
ATOM   618  C C   . ILE A 1 84 ? -3.384  -1.245  8.140   1.00 30.60 ? 84  ILE A C   1 
ATOM   619  O O   . ILE A 1 84 ? -4.263  -2.080  8.355   1.00 30.71 ? 84  ILE A O   1 
ATOM   620  C CB  . ILE A 1 84 ? -1.707  -2.673  6.952   1.00 31.46 ? 84  ILE A CB  1 
ATOM   621  C CG1 . ILE A 1 84 ? -0.187  -2.992  6.746   1.00 31.37 ? 84  ILE A CG1 1 
ATOM   622  C CG2 . ILE A 1 84 ? -2.429  -2.177  5.716   1.00 22.81 ? 84  ILE A CG2 1 
ATOM   623  C CD1 . ILE A 1 84 ? 0.063   -4.235  5.686   1.00 32.71 ? 84  ILE A CD1 1 
ATOM   624  N N   . ILE A 1 85 ? -3.647  0.054   7.820   1.00 29.78 ? 85  ILE A N   1 
ATOM   625  C CA  . ILE A 1 85 ? -5.011  0.516   7.660   1.00 23.66 ? 85  ILE A CA  1 
ATOM   626  C C   . ILE A 1 85 ? -5.321  0.491   6.152   1.00 28.10 ? 85  ILE A C   1 
ATOM   627  O O   . ILE A 1 85 ? -4.775  1.304   5.332   1.00 30.17 ? 85  ILE A O   1 
ATOM   628  C CB  . ILE A 1 85 ? -5.304  1.992   8.187   1.00 29.89 ? 85  ILE A CB  1 
ATOM   629  C CG1 . ILE A 1 85 ? -5.088  2.125   9.735   1.00 27.19 ? 85  ILE A CG1 1 
ATOM   630  C CG2 . ILE A 1 85 ? -6.791  2.407   7.810   1.00 20.78 ? 85  ILE A CG2 1 
ATOM   631  C CD1 . ILE A 1 85 ? -5.251  0.860   10.496  1.00 29.22 ? 85  ILE A CD1 1 
ATOM   632  N N   . GLY A 1 86 ? -6.246  -0.441  5.789   1.00 25.90 ? 86  GLY A N   1 
ATOM   633  C CA  . GLY A 1 86 ? -6.657  -0.588  4.425   1.00 24.87 ? 86  GLY A CA  1 
ATOM   634  C C   . GLY A 1 86 ? -7.833  0.245   3.967   1.00 26.95 ? 86  GLY A C   1 
ATOM   635  O O   . GLY A 1 86 ? -8.448  0.998   4.781   1.00 31.37 ? 86  GLY A O   1 
ATOM   636  N N   . ARG A 1 87 ? -8.096  0.142   2.646   1.00 26.03 ? 87  ARG A N   1 
ATOM   637  C CA  . ARG A 1 87 ? -9.197  0.840   1.966   1.00 31.65 ? 87  ARG A CA  1 
ATOM   638  C C   . ARG A 1 87 ? -10.619 0.683   2.640   1.00 33.05 ? 87  ARG A C   1 
ATOM   639  O O   . ARG A 1 87 ? -11.441 1.657   2.565   1.00 28.74 ? 87  ARG A O   1 
ATOM   640  C CB  . ARG A 1 87 ? -9.280  0.427   0.503   1.00 26.91 ? 87  ARG A CB  1 
ATOM   641  C CG  . ARG A 1 87 ? -8.037  0.862   -0.312  1.00 29.84 ? 87  ARG A CG  1 
ATOM   642  C CD  . ARG A 1 87 ? -8.288  0.658   -1.841  1.00 32.12 ? 87  ARG A CD  1 
ATOM   643  N NE  . ARG A 1 87 ? -8.643  -0.733  -2.210  1.00 34.71 ? 87  ARG A NE  1 
ATOM   644  C CZ  . ARG A 1 87 ? -9.854  -1.220  -2.496  1.00 27.50 ? 87  ARG A CZ  1 
ATOM   645  N NH1 . ARG A 1 87 ? -10.936 -0.478  -2.487  1.00 28.32 ? 87  ARG A NH1 1 
ATOM   646  N NH2 . ARG A 1 87 ? -9.952  -2.495  -2.847  1.00 44.14 ? 87  ARG A NH2 1 
ATOM   647  N N   . ASN A 1 88 ? -10.883 -0.478  3.266   1.00 28.75 ? 88  ASN A N   1 
ATOM   648  C CA  . ASN A 1 88 ? -12.182 -0.697  3.923   1.00 34.33 ? 88  ASN A CA  1 
ATOM   649  C C   . ASN A 1 88 ? -12.429 0.387   4.993   1.00 31.44 ? 88  ASN A C   1 
ATOM   650  O O   . ASN A 1 88 ? -13.442 1.028   4.937   1.00 31.82 ? 88  ASN A O   1 
ATOM   651  C CB  . ASN A 1 88 ? -12.333 -2.187  4.483   1.00 31.79 ? 88  ASN A CB  1 
ATOM   652  C CG  . ASN A 1 88 ? -11.445 -2.512  5.704   1.00 37.70 ? 88  ASN A CG  1 
ATOM   653  O OD1 . ASN A 1 88 ? -10.192 -2.337  5.688   1.00 32.77 ? 88  ASN A OD1 1 
ATOM   654  N ND2 . ASN A 1 88 ? -12.080 -3.015  6.747   1.00 36.76 ? 88  ASN A ND2 1 
ATOM   655  N N   . LEU A 1 89 ? -11.436 0.644   5.886   1.00 32.58 ? 89  LEU A N   1 
ATOM   656  C CA  . LEU A 1 89 ? -11.484 1.702   6.929   1.00 31.29 ? 89  LEU A CA  1 
ATOM   657  C C   . LEU A 1 89 ? -11.136 3.124   6.349   1.00 34.62 ? 89  LEU A C   1 
ATOM   658  O O   . LEU A 1 89 ? -11.783 4.127   6.752   1.00 34.61 ? 89  LEU A O   1 
ATOM   659  C CB  . LEU A 1 89 ? -10.538 1.384   8.117   1.00 32.04 ? 89  LEU A CB  1 
ATOM   660  C CG  . LEU A 1 89 ? -10.837 0.022   8.821   1.00 35.43 ? 89  LEU A CG  1 
ATOM   661  C CD1 . LEU A 1 89 ? -10.196 -0.049  10.215  1.00 35.30 ? 89  LEU A CD1 1 
ATOM   662  C CD2 . LEU A 1 89 ? -12.333 -0.203  8.906   1.00 37.29 ? 89  LEU A CD2 1 
ATOM   663  N N   . LEU A 1 90 ? -10.178 3.179   5.389   1.00 33.67 ? 90  LEU A N   1 
ATOM   664  C CA  . LEU A 1 90 ? -9.741  4.425   4.734   1.00 34.57 ? 90  LEU A CA  1 
ATOM   665  C C   . LEU A 1 90 ? -10.965 5.151   4.132   1.00 33.79 ? 90  LEU A C   1 
ATOM   666  O O   . LEU A 1 90 ? -11.136 6.392   4.379   1.00 30.91 ? 90  LEU A O   1 
ATOM   667  C CB  . LEU A 1 90 ? -8.591  4.194   3.635   1.00 29.66 ? 90  LEU A CB  1 
ATOM   668  C CG  . LEU A 1 90 ? -7.191  3.815   4.186   1.00 26.23 ? 90  LEU A CG  1 
ATOM   669  C CD1 . LEU A 1 90 ? -6.204  3.522   3.011   1.00 32.38 ? 90  LEU A CD1 1 
ATOM   670  C CD2 . LEU A 1 90 ? -6.609  4.858   5.132   1.00 14.23 ? 90  LEU A CD2 1 
ATOM   671  N N   . THR A 1 91 ? -11.849 4.403   3.421   1.00 35.23 ? 91  THR A N   1 
ATOM   672  C CA  . THR A 1 91 ? -13.064 5.029   2.799   1.00 39.18 ? 91  THR A CA  1 
ATOM   673  C C   . THR A 1 91 ? -14.034 5.646   3.832   1.00 37.30 ? 91  THR A C   1 
ATOM   674  O O   . THR A 1 91 ? -14.730 6.637   3.523   1.00 41.82 ? 91  THR A O   1 
ATOM   675  C CB  . THR A 1 91 ? -13.901 4.043   1.927   1.00 37.10 ? 91  THR A CB  1 
ATOM   676  O OG1 . THR A 1 91 ? -14.142 2.824   2.653   1.00 42.53 ? 91  THR A OG1 1 
ATOM   677  C CG2 . THR A 1 91 ? -13.194 3.733   0.670   1.00 39.01 ? 91  THR A CG2 1 
ATOM   678  N N   . GLN A 1 92 ? -14.107 5.009   5.008   1.00 38.41 ? 92  GLN A N   1 
ATOM   679  C CA  . GLN A 1 92 ? -14.984 5.431   6.116   1.00 35.23 ? 92  GLN A CA  1 
ATOM   680  C C   . GLN A 1 92 ? -14.537 6.780   6.814   1.00 33.57 ? 92  GLN A C   1 
ATOM   681  O O   . GLN A 1 92 ? -15.383 7.541   7.371   1.00 29.19 ? 92  GLN A O   1 
ATOM   682  C CB  . GLN A 1 92 ? -15.040 4.277   7.160   1.00 37.10 ? 92  GLN A CB  1 
ATOM   683  C CG  . GLN A 1 92 ? -16.016 3.108   6.836   1.00 33.98 ? 92  GLN A CG  1 
ATOM   684  C CD  . GLN A 1 92 ? -15.960 1.958   7.902   1.00 34.90 ? 92  GLN A CD  1 
ATOM   685  O OE1 . GLN A 1 92 ? -15.606 2.203   9.090   1.00 33.10 ? 92  GLN A OE1 1 
ATOM   686  N NE2 . GLN A 1 92 ? -16.337 0.710   7.484   1.00 43.66 ? 92  GLN A NE2 1 
ATOM   687  N N   . ILE A 1 93 ? -13.213 7.047   6.834   1.00 30.68 ? 93  ILE A N   1 
ATOM   688  C CA  . ILE A 1 93 ? -12.723 8.243   7.462   1.00 34.40 ? 93  ILE A CA  1 
ATOM   689  C C   . ILE A 1 93 ? -12.712 9.446   6.449   1.00 38.31 ? 93  ILE A C   1 
ATOM   690  O O   . ILE A 1 93 ? -12.313 10.599  6.803   1.00 42.77 ? 93  ILE A O   1 
ATOM   691  C CB  . ILE A 1 93 ? -11.312 7.989   8.146   1.00 37.25 ? 93  ILE A CB  1 
ATOM   692  C CG1 . ILE A 1 93 ? -10.145 7.763   7.072   1.00 30.66 ? 93  ILE A CG1 1 
ATOM   693  C CG2 . ILE A 1 93 ? -11.498 6.836   9.200   1.00 36.16 ? 93  ILE A CG2 1 
ATOM   694  C CD1 . ILE A 1 93 ? -8.728  7.602   7.639   1.00 31.45 ? 93  ILE A CD1 1 
ATOM   695  N N   . GLY A 1 94 ? -13.200 9.164   5.231   1.00 35.27 ? 94  GLY A N   1 
ATOM   696  C CA  . GLY A 1 94 ? -13.250 10.151  4.140   1.00 37.78 ? 94  GLY A CA  1 
ATOM   697  C C   . GLY A 1 94 ? -11.919 10.397  3.409   1.00 42.31 ? 94  GLY A C   1 
ATOM   698  O O   . GLY A 1 94 ? -11.714 11.484  2.866   1.00 39.29 ? 94  GLY A O   1 
ATOM   699  N N   . CYS A 1 95 ? -11.015 9.396   3.415   1.00 37.56 ? 95  CYS A N   1 
ATOM   700  C CA  . CYS A 1 95 ? -9.679  9.530   2.820   1.00 37.34 ? 95  CYS A CA  1 
ATOM   701  C C   . CYS A 1 95 ? -9.542  9.372   1.249   1.00 34.31 ? 95  CYS A C   1 
ATOM   702  O O   . CYS A 1 95 ? -10.032 8.413   0.595   1.00 35.73 ? 95  CYS A O   1 
ATOM   703  C CB  . CYS A 1 95 ? -8.670  8.589   3.568   1.00 35.17 ? 95  CYS A CB  1 
ATOM   704  S SG  . CYS A 1 95 ? -6.826  8.914   3.171   1.00 39.65 ? 95  CYS A SG  1 
ATOM   705  N N   . THR A 1 96 ? -8.841  10.319  0.668   1.00 28.61 ? 96  THR A N   1 
ATOM   706  C CA  . THR A 1 96 ? -8.573  10.364  -0.783  1.00 28.41 ? 96  THR A CA  1 
ATOM   707  C C   . THR A 1 96 ? -7.020  10.576  -1.093  1.00 32.24 ? 96  THR A C   1 
ATOM   708  O O   . THR A 1 96 ? -6.208  10.972  -0.217  1.00 31.89 ? 96  THR A O   1 
ATOM   709  C CB  . THR A 1 96 ? -9.417  11.568  -1.466  1.00 29.95 ? 96  THR A CB  1 
ATOM   710  O OG1 . THR A 1 96 ? -9.082  12.822  -0.804  1.00 31.18 ? 96  THR A OG1 1 
ATOM   711  C CG2 . THR A 1 96 ? -10.964 11.355  -1.333  1.00 31.97 ? 96  THR A CG2 1 
ATOM   712  N N   . LEU A 1 97 ? -6.632  10.320  -2.346  1.00 33.10 ? 97  LEU A N   1 
ATOM   713  C CA  . LEU A 1 97 ? -5.259  10.572  -2.819  1.00 34.25 ? 97  LEU A CA  1 
ATOM   714  C C   . LEU A 1 97 ? -5.478  11.775  -3.721  1.00 30.59 ? 97  LEU A C   1 
ATOM   715  O O   . LEU A 1 97 ? -6.441  11.826  -4.499  1.00 32.98 ? 97  LEU A O   1 
ATOM   716  C CB  . LEU A 1 97 ? -4.653  9.336   -3.641  1.00 32.31 ? 97  LEU A CB  1 
ATOM   717  C CG  . LEU A 1 97 ? -4.121  8.118   -2.814  1.00 27.87 ? 97  LEU A CG  1 
ATOM   718  C CD1 . LEU A 1 97 ? -4.176  6.834   -3.647  1.00 25.17 ? 97  LEU A CD1 1 
ATOM   719  C CD2 . LEU A 1 97 ? -2.740  8.413   -2.392  1.00 18.60 ? 97  LEU A CD2 1 
ATOM   720  N N   . ASN A 1 98 ? -4.630  12.766  -3.585  1.00 30.71 ? 98  ASN A N   1 
ATOM   721  C CA  . ASN A 1 98 ? -4.816  13.993  -4.394  1.00 34.48 ? 98  ASN A CA  1 
ATOM   722  C C   . ASN A 1 98 ? -3.531  14.428  -5.036  1.00 29.91 ? 98  ASN A C   1 
ATOM   723  O O   . ASN A 1 98 ? -2.452  14.510  -4.400  1.00 32.43 ? 98  ASN A O   1 
ATOM   724  C CB  . ASN A 1 98 ? -5.314  15.122  -3.548  1.00 28.98 ? 98  ASN A CB  1 
ATOM   725  C CG  . ASN A 1 98 ? -6.569  14.754  -2.817  1.00 32.42 ? 98  ASN A CG  1 
ATOM   726  O OD1 . ASN A 1 98 ? -6.547  14.138  -1.788  1.00 42.89 ? 98  ASN A OD1 1 
ATOM   727  N ND2 . ASN A 1 98 ? -7.662  15.142  -3.355  1.00 34.07 ? 98  ASN A ND2 1 
ATOM   728  N N   . PHE A 1 99 ? -3.628  14.608  -6.310  1.00 33.32 ? 99  PHE A N   1 
ATOM   729  C CA  . PHE A 1 99 ? -2.506  15.163  -6.948  1.00 37.81 ? 99  PHE A CA  1 
ATOM   730  C C   . PHE A 1 99 ? -2.905  16.037  -8.140  1.00 37.00 ? 99  PHE A C   1 
ATOM   731  O O   . PHE A 1 99 ? -1.936  16.662  -8.585  1.00 40.53 ? 99  PHE A O   1 
ATOM   732  C CB  . PHE A 1 99 ? -1.431  14.091  -7.298  1.00 35.19 ? 99  PHE A CB  1 
ATOM   733  C CG  . PHE A 1 99 ? -1.859  13.090  -8.291  1.00 26.25 ? 99  PHE A CG  1 
ATOM   734  C CD1 . PHE A 1 99 ? -2.566  11.962  -7.893  1.00 36.94 ? 99  PHE A CD1 1 
ATOM   735  C CD2 . PHE A 1 99 ? -1.482  13.217  -9.647  1.00 33.87 ? 99  PHE A CD2 1 
ATOM   736  C CE1 . PHE A 1 99 ? -2.896  10.997  -8.825  1.00 30.99 ? 99  PHE A CE1 1 
ATOM   737  C CE2 . PHE A 1 99 ? -1.804  12.267  -10.565 1.00 29.52 ? 99  PHE A CE2 1 
ATOM   738  C CZ  . PHE A 1 99 ? -2.512  11.163  -10.167 1.00 30.78 ? 99  PHE A CZ  1 
ATOM   739  O OXT . PHE A 1 99 ? -4.114  15.885  -8.483  1.00 34.50 ? 99  PHE A OXT 1 
ATOM   740  N N   . PRO B 1 1  ? -5.619  14.980  -9.817  1.00 53.16 ? 1   PRO B N   1 
ATOM   741  C CA  . PRO B 1 1  ? -7.052  14.582  -9.618  1.00 49.61 ? 1   PRO B CA  1 
ATOM   742  C C   . PRO B 1 1  ? -7.266  14.084  -8.207  1.00 46.85 ? 1   PRO B C   1 
ATOM   743  O O   . PRO B 1 1  ? -6.328  13.853  -7.485  1.00 49.93 ? 1   PRO B O   1 
ATOM   744  C CB  . PRO B 1 1  ? -7.304  13.435  -10.577 1.00 58.42 ? 1   PRO B CB  1 
ATOM   745  C CG  . PRO B 1 1  ? -6.024  13.525  -11.587 1.00 60.85 ? 1   PRO B CG  1 
ATOM   746  C CD  . PRO B 1 1  ? -4.937  14.029  -10.726 1.00 47.16 ? 1   PRO B CD  1 
ATOM   747  N N   . GLN B 1 2  ? -8.516  13.919  -7.823  1.00 46.67 ? 2   GLN B N   1 
ATOM   748  C CA  . GLN B 1 2  ? -8.850  13.343  -6.528  1.00 43.14 ? 2   GLN B CA  1 
ATOM   749  C C   . GLN B 1 2  ? -9.365  11.886  -6.829  1.00 43.65 ? 2   GLN B C   1 
ATOM   750  O O   . GLN B 1 2  ? -10.251 11.658  -7.742  1.00 43.59 ? 2   GLN B O   1 
ATOM   751  C CB  . GLN B 1 2  ? -9.901  14.192  -5.806  1.00 40.66 ? 2   GLN B CB  1 
ATOM   752  C CG  . GLN B 1 2  ? -10.331 13.611  -4.452  1.00 39.44 ? 2   GLN B CG  1 
ATOM   753  C CD  . GLN B 1 2  ? -11.195 14.572  -3.585  1.00 42.24 ? 2   GLN B CD  1 
ATOM   754  O OE1 . GLN B 1 2  ? -12.494 14.655  -3.764  1.00 36.29 ? 2   GLN B OE1 1 
ATOM   755  N NE2 . GLN B 1 2  ? -10.511 15.288  -2.591  1.00 27.62 ? 2   GLN B NE2 1 
ATOM   756  N N   . ILE B 1 3  ? -8.769  10.913  -6.088  1.00 37.01 ? 3   ILE B N   1 
ATOM   757  C CA  . ILE B 1 3  ? -9.044  9.481   -6.228  1.00 27.19 ? 3   ILE B CA  1 
ATOM   758  C C   . ILE B 1 3  ? -9.579  8.919   -4.864  1.00 27.98 ? 3   ILE B C   1 
ATOM   759  O O   . ILE B 1 3  ? -8.979  9.034   -3.788  1.00 27.64 ? 3   ILE B O   1 
ATOM   760  C CB  . ILE B 1 3  ? -7.774  8.733   -6.716  1.00 23.16 ? 3   ILE B CB  1 
ATOM   761  C CG1 . ILE B 1 3  ? -7.394  9.174   -8.160  1.00 29.98 ? 3   ILE B CG1 1 
ATOM   762  C CG2 . ILE B 1 3  ? -7.982  7.205   -6.657  1.00 25.53 ? 3   ILE B CG2 1 
ATOM   763  C CD1 . ILE B 1 3  ? -5.940  8.872   -8.566  1.00 31.46 ? 3   ILE B CD1 1 
ATOM   764  N N   . THR B 1 4  ? -10.742 8.325   -4.930  1.00 29.60 ? 4   THR B N   1 
ATOM   765  C CA  . THR B 1 4  ? -11.411 7.782   -3.752  1.00 29.28 ? 4   THR B CA  1 
ATOM   766  C C   . THR B 1 4  ? -11.027 6.378   -3.655  1.00 28.49 ? 4   THR B C   1 
ATOM   767  O O   . THR B 1 4  ? -10.655 5.740   -4.657  1.00 33.96 ? 4   THR B O   1 
ATOM   768  C CB  . THR B 1 4  ? -13.001 7.919   -3.907  1.00 34.72 ? 4   THR B CB  1 
ATOM   769  O OG1 . THR B 1 4  ? -13.461 7.355   -5.198  1.00 30.94 ? 4   THR B OG1 1 
ATOM   770  C CG2 . THR B 1 4  ? -13.398 9.457   -3.835  1.00 32.07 ? 4   THR B CG2 1 
ATOM   771  N N   . LEU B 1 5  ? -11.137 5.836   -2.450  1.00 31.48 ? 5   LEU B N   1 
ATOM   772  C CA  . LEU B 1 5  ? -10.738 4.471   -2.269  1.00 28.95 ? 5   LEU B CA  1 
ATOM   773  C C   . LEU B 1 5  ? -11.842 3.354   -2.190  1.00 31.31 ? 5   LEU B C   1 
ATOM   774  O O   . LEU B 1 5  ? -11.552 2.252   -1.578  1.00 31.78 ? 5   LEU B O   1 
ATOM   775  C CB  . LEU B 1 5  ? -9.762  4.433   -1.049  1.00 27.01 ? 5   LEU B CB  1 
ATOM   776  C CG  . LEU B 1 5  ? -8.606  5.376   -1.257  1.00 27.79 ? 5   LEU B CG  1 
ATOM   777  C CD1 . LEU B 1 5  ? -7.831  5.728   0.153   1.00 23.05 ? 5   LEU B CD1 1 
ATOM   778  C CD2 . LEU B 1 5  ? -7.689  4.659   -2.266  1.00 21.76 ? 5   LEU B CD2 1 
ATOM   779  N N   . TRP B 1 6  ? -13.043 3.583   -2.790  1.00 30.63 ? 6   TRP B N   1 
ATOM   780  C CA  . TRP B 1 6  ? -14.107 2.564   -2.757  1.00 33.14 ? 6   TRP B CA  1 
ATOM   781  C C   . TRP B 1 6  ? -13.673 1.350   -3.642  1.00 34.24 ? 6   TRP B C   1 
ATOM   782  O O   . TRP B 1 6  ? -13.934 0.134   -3.316  1.00 35.77 ? 6   TRP B O   1 
ATOM   783  C CB  . TRP B 1 6  ? -15.502 3.157   -3.179  1.00 33.79 ? 6   TRP B CB  1 
ATOM   784  C CG  . TRP B 1 6  ? -16.149 3.773   -1.971  1.00 36.00 ? 6   TRP B CG  1 
ATOM   785  C CD1 . TRP B 1 6  ? -16.619 3.092   -0.784  1.00 36.78 ? 6   TRP B CD1 1 
ATOM   786  C CD2 . TRP B 1 6  ? -16.190 5.172   -1.655  1.00 22.30 ? 6   TRP B CD2 1 
ATOM   787  N NE1 . TRP B 1 6  ? -16.906 4.023   0.215   1.00 44.42 ? 6   TRP B NE1 1 
ATOM   788  C CE2 . TRP B 1 6  ? -16.654 5.296   -0.277  1.00 34.27 ? 6   TRP B CE2 1 
ATOM   789  C CE3 . TRP B 1 6  ? -15.859 6.319   -2.367  1.00 36.73 ? 6   TRP B CE3 1 
ATOM   790  C CZ2 . TRP B 1 6  ? -16.799 6.534   0.360   1.00 38.68 ? 6   TRP B CZ2 1 
ATOM   791  C CZ3 . TRP B 1 6  ? -15.973 7.613   -1.720  1.00 43.87 ? 6   TRP B CZ3 1 
ATOM   792  C CH2 . TRP B 1 6  ? -16.451 7.693   -0.368  1.00 52.56 ? 6   TRP B CH2 1 
ATOM   793  N N   . LYS B 1 7  ? -12.946 1.701   -4.704  1.00 35.64 ? 7   LYS B N   1 
ATOM   794  C CA  . LYS B 1 7  ? -12.369 0.766   -5.610  1.00 32.87 ? 7   LYS B CA  1 
ATOM   795  C C   . LYS B 1 7  ? -10.797 0.955   -5.425  1.00 34.54 ? 7   LYS B C   1 
ATOM   796  O O   . LYS B 1 7  ? -10.336 2.003   -4.930  1.00 31.48 ? 7   LYS B O   1 
ATOM   797  C CB  . LYS B 1 7  ? -12.859 1.105   -7.141  1.00 30.81 ? 7   LYS B CB  1 
ATOM   798  N N   . ARG B 1 8  ? -10.010 -0.057  -5.832  1.00 33.81 ? 8   ARG B N   1 
ATOM   799  C CA  . ARG B 1 8  ? -8.581  0.006   -5.830  1.00 28.54 ? 8   ARG B CA  1 
ATOM   800  C C   . ARG B 1 8  ? -8.127  1.231   -6.700  1.00 32.39 ? 8   ARG B C   1 
ATOM   801  O O   . ARG B 1 8  ? -8.655  1.453   -7.844  1.00 35.88 ? 8   ARG B O   1 
ATOM   802  C CB  . ARG B 1 8  ? -8.022  -1.271  -6.438  1.00 29.10 ? 8   ARG B CB  1 
ATOM   803  C CG  . ARG B 1 8  ? -7.944  -2.525  -5.515  1.00 37.28 ? 8   ARG B CG  1 
ATOM   804  C CD  . ARG B 1 8  ? -7.160  -3.676  -6.246  1.00 31.04 ? 8   ARG B CD  1 
ATOM   805  N NE  . ARG B 1 8  ? -7.849  -4.052  -7.509  1.00 55.92 ? 8   ARG B NE  1 
ATOM   806  C CZ  . ARG B 1 8  ? -7.380  -4.787  -8.578  1.00 63.12 ? 8   ARG B CZ  1 
ATOM   807  N NH1 . ARG B 1 8  ? -6.096  -5.283  -8.670  1.00 57.93 ? 8   ARG B NH1 1 
ATOM   808  N NH2 . ARG B 1 8  ? -8.263  -5.054  -9.574  1.00 59.09 ? 8   ARG B NH2 1 
ATOM   809  N N   . PRO B 1 9  ? -7.135  2.023   -6.208  1.00 27.68 ? 9   PRO B N   1 
ATOM   810  C CA  . PRO B 1 9  ? -6.659  3.204   -6.993  1.00 25.53 ? 9   PRO B CA  1 
ATOM   811  C C   . PRO B 1 9  ? -5.669  2.862   -8.144  1.00 22.95 ? 9   PRO B C   1 
ATOM   812  O O   . PRO B 1 9  ? -4.457  3.152   -8.075  1.00 24.47 ? 9   PRO B O   1 
ATOM   813  C CB  . PRO B 1 9  ? -6.045  4.110   -5.944  1.00 21.39 ? 9   PRO B CB  1 
ATOM   814  C CG  . PRO B 1 9  ? -5.341  3.016   -4.997  1.00 27.52 ? 9   PRO B CG  1 
ATOM   815  C CD  . PRO B 1 9  ? -6.391  1.864   -4.940  1.00 22.02 ? 9   PRO B CD  1 
ATOM   816  N N   . LEU B 1 10 ? -6.242  2.246   -9.204  1.00 25.86 ? 10  LEU B N   1 
ATOM   817  C CA  . LEU B 1 10 ? -5.511  1.853   -10.459 1.00 30.69 ? 10  LEU B CA  1 
ATOM   818  C C   . LEU B 1 10 ? -5.598  3.044   -11.470 1.00 31.00 ? 10  LEU B C   1 
ATOM   819  O O   . LEU B 1 10 ? -6.617  3.777   -11.558 1.00 34.45 ? 10  LEU B O   1 
ATOM   820  C CB  . LEU B 1 10 ? -6.081  0.538   -11.063 1.00 32.02 ? 10  LEU B CB  1 
ATOM   821  C CG  . LEU B 1 10 ? -6.200  -0.720  -10.164 1.00 26.72 ? 10  LEU B CG  1 
ATOM   822  C CD1 . LEU B 1 10 ? -7.113  -1.699  -10.918 1.00 30.17 ? 10  LEU B CD1 1 
ATOM   823  C CD2 . LEU B 1 10 ? -4.827  -1.336  -9.847  1.00 29.34 ? 10  LEU B CD2 1 
ATOM   824  N N   . VAL B 1 11 ? -4.478  3.313   -12.122 1.00 36.00 ? 11  VAL B N   1 
ATOM   825  C CA  . VAL B 1 11 ? -4.372  4.451   -13.053 1.00 31.05 ? 11  VAL B CA  1 
ATOM   826  C C   . VAL B 1 11 ? -3.548  3.994   -14.241 1.00 29.37 ? 11  VAL B C   1 
ATOM   827  O O   . VAL B 1 11 ? -2.809  2.982   -14.169 1.00 31.06 ? 11  VAL B O   1 
ATOM   828  C CB  . VAL B 1 11 ? -3.650  5.712   -12.404 1.00 36.75 ? 11  VAL B CB  1 
ATOM   829  C CG1 . VAL B 1 11 ? -4.388  6.155   -11.139 1.00 31.73 ? 11  VAL B CG1 1 
ATOM   830  C CG2 . VAL B 1 11 ? -2.123  5.426   -12.144 1.00 28.81 ? 11  VAL B CG2 1 
ATOM   831  N N   . THR B 1 12 ? -3.644  4.718   -15.336 1.00 28.16 ? 12  THR B N   1 
ATOM   832  C CA  . THR B 1 12 ? -2.810  4.344   -16.444 1.00 25.49 ? 12  THR B CA  1 
ATOM   833  C C   . THR B 1 12 ? -1.447  5.123   -16.311 1.00 27.66 ? 12  THR B C   1 
ATOM   834  O O   . THR B 1 12 ? -1.408  6.356   -16.024 1.00 27.70 ? 12  THR B O   1 
ATOM   835  C CB  . THR B 1 12 ? -3.544  4.606   -17.874 1.00 29.83 ? 12  THR B CB  1 
ATOM   836  O OG1 . THR B 1 12 ? -4.797  3.847   -17.928 1.00 32.89 ? 12  THR B OG1 1 
ATOM   837  C CG2 . THR B 1 12 ? -2.636  4.158   -19.096 1.00 16.13 ? 12  THR B CG2 1 
ATOM   838  N N   . ILE B 1 13 ? -0.347  4.364   -16.502 1.00 22.67 ? 13  ILE B N   1 
ATOM   839  C CA  . ILE B 1 13 ? 0.976   4.929   -16.518 1.00 25.01 ? 13  ILE B CA  1 
ATOM   840  C C   . ILE B 1 13 ? 1.626   4.644   -17.861 1.00 30.28 ? 13  ILE B C   1 
ATOM   841  O O   . ILE B 1 13 ? 1.250   3.622   -18.557 1.00 35.40 ? 13  ILE B O   1 
ATOM   842  C CB  . ILE B 1 13 ? 1.919   4.370   -15.346 1.00 25.16 ? 13  ILE B CB  1 
ATOM   843  C CG1 . ILE B 1 13 ? 2.404   2.907   -15.676 1.00 28.89 ? 13  ILE B CG1 1 
ATOM   844  C CG2 . ILE B 1 13 ? 1.198   4.701   -13.946 1.00 21.38 ? 13  ILE B CG2 1 
ATOM   845  C CD1 . ILE B 1 13 ? 3.360   2.334   -14.683 1.00 25.10 ? 13  ILE B CD1 1 
ATOM   846  N N   . ARG B 1 14 ? 2.574   5.524   -18.256 1.00 30.87 ? 14  ARG B N   1 
ATOM   847  C CA  . ARG B 1 14 ? 3.299   5.330   -19.492 1.00 35.78 ? 14  ARG B CA  1 
ATOM   848  C C   . ARG B 1 14 ? 4.721   5.152   -19.077 1.00 33.96 ? 14  ARG B C   1 
ATOM   849  O O   . ARG B 1 14 ? 5.225   5.955   -18.360 1.00 38.74 ? 14  ARG B O   1 
ATOM   850  C CB  . ARG B 1 14 ? 3.160   6.571   -20.371 1.00 37.45 ? 14  ARG B CB  1 
ATOM   851  C CG  . ARG B 1 14 ? 3.874   6.543   -21.697 1.00 42.58 ? 14  ARG B CG  1 
ATOM   852  C CD  . ARG B 1 14 ? 3.350   7.731   -22.579 1.00 50.57 ? 14  ARG B CD  1 
ATOM   853  N NE  . ARG B 1 14 ? 2.968   7.249   -23.913 1.00 66.56 ? 14  ARG B NE  1 
ATOM   854  C CZ  . ARG B 1 14 ? 3.819   7.207   -24.950 1.00 78.58 ? 14  ARG B CZ  1 
ATOM   855  N NH1 . ARG B 1 14 ? 5.101   7.687   -24.781 1.00 65.22 ? 14  ARG B NH1 1 
ATOM   856  N NH2 . ARG B 1 14 ? 3.407   6.683   -26.156 1.00 73.78 ? 14  ARG B NH2 1 
ATOM   857  N N   . ILE B 1 15 ? 5.368   4.091   -19.512 1.00 35.16 ? 15  ILE B N   1 
ATOM   858  C CA  . ILE B 1 15 ? 6.776   3.877   -19.172 1.00 35.11 ? 15  ILE B CA  1 
ATOM   859  C C   . ILE B 1 15 ? 7.357   3.225   -20.402 1.00 36.76 ? 15  ILE B C   1 
ATOM   860  O O   . ILE B 1 15 ? 6.785   2.235   -20.929 1.00 46.05 ? 15  ILE B O   1 
ATOM   861  C CB  . ILE B 1 15 ? 6.956   2.982   -17.826 1.00 27.98 ? 15  ILE B CB  1 
ATOM   862  C CG1 . ILE B 1 15 ? 8.423   2.784   -17.506 1.00 32.16 ? 15  ILE B CG1 1 
ATOM   863  C CG2 . ILE B 1 15 ? 6.315   1.606   -17.960 1.00 28.37 ? 15  ILE B CG2 1 
ATOM   864  C CD1 . ILE B 1 15 ? 8.530   2.102   -16.258 1.00 25.16 ? 15  ILE B CD1 1 
ATOM   865  N N   . GLY B 1 16 ? 8.403   3.844   -20.939 1.00 39.12 ? 16  GLY B N   1 
ATOM   866  C CA  . GLY B 1 16 ? 9.041   3.371   -22.189 1.00 43.56 ? 16  GLY B CA  1 
ATOM   867  C C   . GLY B 1 16 ? 8.102   3.269   -23.399 1.00 40.98 ? 16  GLY B C   1 
ATOM   868  O O   . GLY B 1 16 ? 8.150   2.215   -24.124 1.00 47.14 ? 16  GLY B O   1 
ATOM   869  N N   . GLY B 1 17 ? 7.241   4.316   -23.611 1.00 40.69 ? 17  GLY B N   1 
ATOM   870  C CA  . GLY B 1 17 ? 6.255   4.269   -24.689 1.00 41.18 ? 17  GLY B CA  1 
ATOM   871  C C   . GLY B 1 17 ? 5.076   3.265   -24.456 1.00 37.22 ? 17  GLY B C   1 
ATOM   872  O O   . GLY B 1 17 ? 4.039   3.259   -25.171 1.00 36.71 ? 17  GLY B O   1 
ATOM   873  N N   . GLN B 1 18 ? 5.210   2.414   -23.434 1.00 37.38 ? 18  GLN B N   1 
ATOM   874  C CA  . GLN B 1 18 ? 4.138   1.458   -23.106 1.00 36.70 ? 18  GLN B CA  1 
ATOM   875  C C   . GLN B 1 18 ? 3.149   1.879   -22.017 1.00 34.35 ? 18  GLN B C   1 
ATOM   876  O O   . GLN B 1 18 ? 3.549   2.445   -20.993 1.00 36.92 ? 18  GLN B O   1 
ATOM   877  C CB  . GLN B 1 18 ? 4.726   0.108   -22.806 1.00 37.23 ? 18  GLN B CB  1 
ATOM   878  C CG  . GLN B 1 18 ? 4.923   -0.653  -24.132 1.00 50.05 ? 18  GLN B CG  1 
ATOM   879  C CD  . GLN B 1 18 ? 5.338   -2.085  -23.921 1.00 71.08 ? 18  GLN B CD  1 
ATOM   880  O OE1 . GLN B 1 18 ? 4.849   -2.784  -22.957 1.00 64.23 ? 18  GLN B OE1 1 
ATOM   881  N NE2 . GLN B 1 18 ? 6.249   -2.576  -24.820 1.00 72.39 ? 18  GLN B NE2 1 
ATOM   882  N N   . LEU B 1 19 ? 1.852   1.618   -22.252 1.00 32.87 ? 19  LEU B N   1 
ATOM   883  C CA  . LEU B 1 19 ? 0.858   1.968   -21.267 1.00 30.77 ? 19  LEU B CA  1 
ATOM   884  C C   . LEU B 1 19 ? 0.546   0.718   -20.439 1.00 35.34 ? 19  LEU B C   1 
ATOM   885  O O   . LEU B 1 19 ? 0.399   -0.455  -20.985 1.00 35.99 ? 19  LEU B O   1 
ATOM   886  C CB  . LEU B 1 19 ? -0.433  2.489   -21.890 1.00 34.91 ? 19  LEU B CB  1 
ATOM   887  C CG  . LEU B 1 19 ? -0.476  3.573   -22.978 1.00 41.65 ? 19  LEU B CG  1 
ATOM   888  C CD1 . LEU B 1 19 ? -2.032  3.744   -23.461 1.00 38.23 ? 19  LEU B CD1 1 
ATOM   889  C CD2 . LEU B 1 19 ? 0.210   4.842   -22.456 1.00 31.82 ? 19  LEU B CD2 1 
ATOM   890  N N   . LYS B 1 20 ? 0.433   0.976   -19.128 1.00 38.12 ? 20  LYS B N   1 
ATOM   891  C CA  . LYS B 1 20 ? 0.164   -0.059  -18.113 1.00 35.54 ? 20  LYS B CA  1 
ATOM   892  C C   . LYS B 1 20 ? -0.901  0.440   -17.037 1.00 35.40 ? 20  LYS B C   1 
ATOM   893  O O   . LYS B 1 20 ? -1.169  1.693   -16.895 1.00 33.49 ? 20  LYS B O   1 
ATOM   894  C CB  . LYS B 1 20 ? 1.530   -0.490  -17.440 1.00 35.28 ? 20  LYS B CB  1 
ATOM   895  C CG  . LYS B 1 20 ? 2.706   -0.756  -18.410 1.00 37.05 ? 20  LYS B CG  1 
ATOM   896  C CD  . LYS B 1 20 ? 3.793   -1.659  -17.807 1.00 50.46 ? 20  LYS B CD  1 
ATOM   897  C CE  . LYS B 1 20 ? 4.550   -2.540  -18.883 1.00 60.37 ? 20  LYS B CE  1 
ATOM   898  N NZ  . LYS B 1 20 ? 3.643   -3.574  -19.621 1.00 52.80 ? 20  LYS B NZ  1 
ATOM   899  N N   . GLU B 1 21 ? -1.521  -0.526  -16.332 1.00 32.78 ? 21  GLU B N   1 
ATOM   900  C CA  . GLU B 1 21 ? -2.444  -0.217  -15.256 1.00 33.14 ? 21  GLU B CA  1 
ATOM   901  C C   . GLU B 1 21 ? -1.545  -0.355  -14.037 1.00 28.63 ? 21  GLU B C   1 
ATOM   902  O O   . GLU B 1 21 ? -0.864  -1.400  -13.857 1.00 24.73 ? 21  GLU B O   1 
ATOM   903  C CB  . GLU B 1 21 ? -3.620  -1.250  -15.112 1.00 34.73 ? 21  GLU B CB  1 
ATOM   904  C CG  . GLU B 1 21 ? -4.890  -1.148  -16.082 1.00 60.95 ? 21  GLU B CG  1 
ATOM   905  C CD  . GLU B 1 21 ? -5.490  0.333   -16.334 1.00 65.93 ? 21  GLU B CD  1 
ATOM   906  O OE1 . GLU B 1 21 ? -4.896  1.039   -17.264 1.00 51.98 ? 21  GLU B OE1 1 
ATOM   907  O OE2 . GLU B 1 21 ? -6.564  0.723   -15.637 1.00 56.59 ? 21  GLU B OE2 1 
ATOM   908  N N   . ALA B 1 22 ? -1.508  0.649   -13.180 1.00 24.39 ? 22  ALA B N   1 
ATOM   909  C CA  . ALA B 1 22 ? -0.693  0.481   -11.960 1.00 31.48 ? 22  ALA B CA  1 
ATOM   910  C C   . ALA B 1 22 ? -1.517  0.956   -10.746 1.00 28.69 ? 22  ALA B C   1 
ATOM   911  O O   . ALA B 1 22 ? -2.433  1.796   -10.917 1.00 37.28 ? 22  ALA B O   1 
ATOM   912  C CB  . ALA B 1 22 ? 0.690   1.249   -12.056 1.00 27.47 ? 22  ALA B CB  1 
ATOM   913  N N   . LEU B 1 23 ? -1.168  0.476   -9.546  1.00 16.61 ? 23  LEU B N   1 
ATOM   914  C CA  . LEU B 1 23 ? -1.900  0.840   -8.336  1.00 25.42 ? 23  LEU B CA  1 
ATOM   915  C C   . LEU B 1 23 ? -1.110  1.898   -7.495  1.00 23.44 ? 23  LEU B C   1 
ATOM   916  O O   . LEU B 1 23 ? 0.089   1.705   -7.188  1.00 25.36 ? 23  LEU B O   1 
ATOM   917  C CB  . LEU B 1 23 ? -2.159  -0.442  -7.521  1.00 25.79 ? 23  LEU B CB  1 
ATOM   918  C CG  . LEU B 1 23 ? -2.753  -0.528  -6.094  1.00 29.44 ? 23  LEU B CG  1 
ATOM   919  C CD1 . LEU B 1 23 ? -4.299  -0.450  -6.158  1.00 23.68 ? 23  LEU B CD1 1 
ATOM   920  C CD2 . LEU B 1 23 ? -2.312  -1.901  -5.488  1.00 32.30 ? 23  LEU B CD2 1 
ATOM   921  N N   . LEU B 1 24 ? -1.754  3.009   -7.176  1.00 21.01 ? 24  LEU B N   1 
ATOM   922  C CA  . LEU B 1 24 ? -1.114  4.069   -6.307  1.00 25.04 ? 24  LEU B CA  1 
ATOM   923  C C   . LEU B 1 24 ? -1.113  3.511   -4.823  1.00 26.83 ? 24  LEU B C   1 
ATOM   924  O O   . LEU B 1 24 ? -2.143  3.441   -4.127  1.00 21.77 ? 24  LEU B O   1 
ATOM   925  C CB  . LEU B 1 24 ? -1.866  5.422   -6.420  1.00 22.90 ? 24  LEU B CB  1 
ATOM   926  C CG  . LEU B 1 24 ? -2.129  5.889   -7.912  1.00 25.99 ? 24  LEU B CG  1 
ATOM   927  C CD1 . LEU B 1 24 ? -2.948  7.161   -7.857  1.00 21.92 ? 24  LEU B CD1 1 
ATOM   928  C CD2 . LEU B 1 24 ? -0.805  6.089   -8.731  1.00 25.79 ? 24  LEU B CD2 1 
ATOM   929  N N   . ASN B 1 25 ? 0.074   3.096   -4.406  1.00 26.95 ? 25  ASN B N   1 
ATOM   930  C CA  . ASN B 1 25 ? 0.297   2.416   -3.143  1.00 24.03 ? 25  ASN B CA  1 
ATOM   931  C C   . ASN B 1 25 ? 1.075   3.251   -2.112  1.00 25.69 ? 25  ASN B C   1 
ATOM   932  O O   . ASN B 1 25 ? 2.334   3.244   -2.142  1.00 23.03 ? 25  ASN B O   1 
ATOM   933  C CB  . ASN B 1 25 ? 1.150   1.160   -3.432  1.00 29.18 ? 25  ASN B CB  1 
ATOM   934  C CG  . ASN B 1 25 ? 1.185   0.167   -2.262  1.00 28.26 ? 25  ASN B CG  1 
ATOM   935  O OD1 . ASN B 1 25 ? 0.969   0.501   -1.080  1.00 27.64 ? 25  ASN B OD1 1 
ATOM   936  N ND2 . ASN B 1 25 ? 1.476   -1.095  -2.607  1.00 25.88 ? 25  ASN B ND2 1 
ATOM   937  N N   . THR B 1 26 ? 0.378   3.968   -1.241  1.00 24.65 ? 26  THR B N   1 
ATOM   938  C CA  . THR B 1 26 ? 1.060   4.765   -0.189  1.00 19.81 ? 26  THR B CA  1 
ATOM   939  C C   . THR B 1 26 ? 1.718   3.855   0.920   1.00 25.56 ? 26  THR B C   1 
ATOM   940  O O   . THR B 1 26 ? 2.438   4.385   1.792   1.00 28.00 ? 26  THR B O   1 
ATOM   941  C CB  . THR B 1 26 ? 0.081   5.644   0.533   1.00 18.86 ? 26  THR B CB  1 
ATOM   942  O OG1 . THR B 1 26 ? -0.978  4.820   1.143   1.00 19.92 ? 26  THR B OG1 1 
ATOM   943  C CG2 . THR B 1 26 ? -0.535  6.713   -0.515  1.00 18.06 ? 26  THR B CG2 1 
ATOM   944  N N   . GLY B 1 27 ? 1.501   2.495   0.877   1.00 26.25 ? 27  GLY B N   1 
ATOM   945  C CA  . GLY B 1 27 ? 2.086   1.568   1.875   1.00 19.90 ? 27  GLY B CA  1 
ATOM   946  C C   . GLY B 1 27 ? 3.336   0.921   1.253   1.00 29.86 ? 27  GLY B C   1 
ATOM   947  O O   . GLY B 1 27 ? 3.901   -0.008  1.856   1.00 25.96 ? 27  GLY B O   1 
ATOM   948  N N   . ALA B 1 28 ? 3.725   1.347   0.023   1.00 25.85 ? 28  ALA B N   1 
ATOM   949  C CA  . ALA B 1 28 ? 4.960   0.878   -0.643  1.00 28.16 ? 28  ALA B CA  1 
ATOM   950  C C   . ALA B 1 28 ? 6.044   2.044   -0.687  1.00 25.19 ? 28  ALA B C   1 
ATOM   951  O O   . ALA B 1 28 ? 5.779   3.170   -1.202  1.00 26.93 ? 28  ALA B O   1 
ATOM   952  C CB  . ALA B 1 28 ? 4.663   0.325   -2.144  1.00 18.71 ? 28  ALA B CB  1 
ATOM   953  N N   . ASP B 1 29 ? 7.240   1.789   -0.170  1.00 28.82 ? 29  ASP B N   1 
ATOM   954  C CA  . ASP B 1 29 ? 8.360   2.791   -0.227  1.00 26.70 ? 29  ASP B CA  1 
ATOM   955  C C   . ASP B 1 29 ? 8.762   3.029   -1.663  1.00 28.84 ? 29  ASP B C   1 
ATOM   956  O O   . ASP B 1 29 ? 9.010   4.196   -2.055  1.00 26.56 ? 29  ASP B O   1 
ATOM   957  C CB  . ASP B 1 29 ? 9.627   2.286   0.501   1.00 34.65 ? 29  ASP B CB  1 
ATOM   958  C CG  . ASP B 1 29 ? 9.380   1.983   2.031   1.00 39.68 ? 29  ASP B CG  1 
ATOM   959  O OD1 . ASP B 1 29 ? 8.485   2.573   2.698   1.00 32.37 ? 29  ASP B OD1 1 
ATOM   960  O OD2 . ASP B 1 29 ? 10.107  1.118   2.531   1.00 40.93 ? 29  ASP B OD2 1 
ATOM   961  N N   . ASP B 1 30 ? 8.805   1.882   -2.420  1.00 28.06 ? 30  ASP B N   1 
ATOM   962  C CA  . ASP B 1 30 ? 9.255   1.771   -3.808  1.00 27.35 ? 30  ASP B CA  1 
ATOM   963  C C   . ASP B 1 30 ? 8.174   1.375   -4.818  1.00 27.53 ? 30  ASP B C   1 
ATOM   964  O O   . ASP B 1 30 ? 7.067   0.849   -4.483  1.00 32.97 ? 30  ASP B O   1 
ATOM   965  C CB  . ASP B 1 30 ? 10.376  0.718   -3.913  1.00 27.31 ? 30  ASP B CB  1 
ATOM   966  C CG  . ASP B 1 30 ? 11.560  0.973   -2.897  1.00 36.16 ? 30  ASP B CG  1 
ATOM   967  O OD1 . ASP B 1 30 ? 12.267  2.068   -3.030  1.00 33.75 ? 30  ASP B OD1 1 
ATOM   968  O OD2 . ASP B 1 30 ? 11.731  0.072   -1.968  1.00 38.49 ? 30  ASP B OD2 1 
ATOM   969  N N   . THR B 1 31 ? 8.526   1.640   -6.064  1.00 26.10 ? 31  THR B N   1 
ATOM   970  C CA  . THR B 1 31 ? 7.732   1.324   -7.268  1.00 22.22 ? 31  THR B CA  1 
ATOM   971  C C   . THR B 1 31 ? 8.301   -0.004  -7.855  1.00 21.39 ? 31  THR B C   1 
ATOM   972  O O   . THR B 1 31 ? 9.530   -0.128  -8.101  1.00 24.08 ? 31  THR B O   1 
ATOM   973  C CB  . THR B 1 31 ? 7.890   2.462   -8.315  1.00 25.02 ? 31  THR B CB  1 
ATOM   974  O OG1 . THR B 1 31 ? 7.406   3.731   -7.711  1.00 31.35 ? 31  THR B OG1 1 
ATOM   975  C CG2 . THR B 1 31 ? 7.202   2.065   -9.680  1.00 22.22 ? 31  THR B CG2 1 
ATOM   976  N N   . VAL B 1 32 ? 7.390   -0.969  -8.022  1.00 22.32 ? 32  VAL B N   1 
ATOM   977  C CA  . VAL B 1 32 ? 7.626   -2.363  -8.502  1.00 26.30 ? 32  VAL B CA  1 
ATOM   978  C C   . VAL B 1 32 ? 6.654   -2.680  -9.629  1.00 23.68 ? 32  VAL B C   1 
ATOM   979  O O   . VAL B 1 32 ? 5.443   -2.684  -9.413  1.00 25.56 ? 32  VAL B O   1 
ATOM   980  C CB  . VAL B 1 32 ? 7.344   -3.449  -7.383  1.00 17.93 ? 32  VAL B CB  1 
ATOM   981  C CG1 . VAL B 1 32 ? 8.061   -4.753  -7.725  1.00 29.26 ? 32  VAL B CG1 1 
ATOM   982  C CG2 . VAL B 1 32 ? 7.790   -2.966  -6.101  1.00 23.97 ? 32  VAL B CG2 1 
ATOM   983  N N   . LEU B 1 33 ? 7.175   -2.999  -10.812 1.00 21.95 ? 33  LEU B N   1 
ATOM   984  C CA  . LEU B 1 33 ? 6.291   -3.411  -11.920 1.00 27.64 ? 33  LEU B CA  1 
ATOM   985  C C   . LEU B 1 33 ? 6.513   -4.905  -12.217 1.00 31.02 ? 33  LEU B C   1 
ATOM   986  O O   . LEU B 1 33 ? 7.598   -5.536  -11.917 1.00 31.24 ? 33  LEU B O   1 
ATOM   987  C CB  . LEU B 1 33 ? 6.581   -2.615  -13.192 1.00 29.65 ? 33  LEU B CB  1 
ATOM   988  C CG  . LEU B 1 33 ? 6.625   -1.076  -12.968 1.00 29.60 ? 33  LEU B CG  1 
ATOM   989  C CD1 . LEU B 1 33 ? 6.772   -0.352  -14.322 1.00 29.52 ? 33  LEU B CD1 1 
ATOM   990  C CD2 . LEU B 1 33 ? 5.365   -0.658  -12.294 1.00 28.65 ? 33  LEU B CD2 1 
ATOM   991  N N   . GLU B 1 34 ? 5.499   -5.452  -12.838 1.00 32.22 ? 34  GLU B N   1 
ATOM   992  C CA  . GLU B 1 34 ? 5.549   -6.804  -13.177 1.00 31.11 ? 34  GLU B CA  1 
ATOM   993  C C   . GLU B 1 34 ? 6.563   -6.921  -14.291 1.00 32.43 ? 34  GLU B C   1 
ATOM   994  O O   . GLU B 1 34 ? 7.004   -5.919  -14.950 1.00 34.77 ? 34  GLU B O   1 
ATOM   995  C CB  . GLU B 1 34 ? 4.110   -7.385  -13.469 1.00 30.34 ? 34  GLU B CB  1 
ATOM   996  C CG  . GLU B 1 34 ? 3.411   -7.030  -14.766 1.00 47.36 ? 34  GLU B CG  1 
ATOM   997  C CD  . GLU B 1 34 ? 1.863   -6.738  -14.617 1.00 63.28 ? 34  GLU B CD  1 
ATOM   998  O OE1 . GLU B 1 34 ? 1.276   -6.861  -13.465 1.00 54.61 ? 34  GLU B OE1 1 
ATOM   999  O OE2 . GLU B 1 34 ? 1.250   -6.349  -15.679 1.00 68.65 ? 34  GLU B OE2 1 
ATOM   1000 N N   . GLU B 1 35 ? 7.082   -8.130  -14.378 1.00 39.00 ? 35  GLU B N   1 
ATOM   1001 C CA  . GLU B 1 35 ? 8.082   -8.480  -15.333 1.00 40.22 ? 35  GLU B CA  1 
ATOM   1002 C C   . GLU B 1 35 ? 7.972   -7.712  -16.656 1.00 39.89 ? 35  GLU B C   1 
ATOM   1003 O O   . GLU B 1 35 ? 6.888   -7.703  -17.367 1.00 38.29 ? 35  GLU B O   1 
ATOM   1004 C CB  . GLU B 1 35 ? 8.025   -9.999  -15.584 1.00 44.68 ? 35  GLU B CB  1 
ATOM   1005 C CG  . GLU B 1 35 ? 9.118   -10.768 -14.856 1.00 49.98 ? 35  GLU B CG  1 
ATOM   1006 C CD  . GLU B 1 35 ? 10.479  -10.221 -15.252 1.00 45.03 ? 35  GLU B CD  1 
ATOM   1007 O OE1 . GLU B 1 35 ? 10.740  -10.003 -16.516 1.00 45.34 ? 35  GLU B OE1 1 
ATOM   1008 O OE2 . GLU B 1 35 ? 11.244  -9.959  -14.282 1.00 37.78 ? 35  GLU B OE2 1 
ATOM   1009 N N   . MET B 1 36 ? 9.093   -7.092  -17.004 1.00 36.00 ? 36  MET B N   1 
ATOM   1010 C CA  . MET B 1 36 ? 9.194   -6.385  -18.272 1.00 43.28 ? 36  MET B CA  1 
ATOM   1011 C C   . MET B 1 36 ? 10.678  -5.998  -18.497 1.00 41.41 ? 36  MET B C   1 
ATOM   1012 O O   . MET B 1 36 ? 11.498  -5.987  -17.496 1.00 40.18 ? 36  MET B O   1 
ATOM   1013 C CB  . MET B 1 36 ? 8.306   -5.135  -18.235 1.00 37.16 ? 36  MET B CB  1 
ATOM   1014 C CG  . MET B 1 36 ? 8.739   -4.091  -17.189 1.00 49.02 ? 36  MET B CG  1 
ATOM   1015 S SD  . MET B 1 36 ? 7.851   -2.513  -17.289 1.00 52.06 ? 36  MET B SD  1 
ATOM   1016 C CE  . MET B 1 36 ? 7.800   -2.245  -19.307 1.00 55.90 ? 36  MET B CE  1 
ATOM   1017 N N   . ASN B 1 37 ? 11.060  -5.726  -19.766 1.00 40.87 ? 37  ASN B N   1 
ATOM   1018 C CA  . ASN B 1 37 ? 12.430  -5.181  -19.979 1.00 44.90 ? 37  ASN B CA  1 
ATOM   1019 C C   . ASN B 1 37 ? 12.359  -3.648  -20.000 1.00 45.03 ? 37  ASN B C   1 
ATOM   1020 O O   . ASN B 1 37 ? 11.320  -3.026  -20.324 1.00 43.49 ? 37  ASN B O   1 
ATOM   1021 C CB  . ASN B 1 37 ? 13.115  -5.649  -21.270 1.00 44.72 ? 37  ASN B CB  1 
ATOM   1022 C CG  . ASN B 1 37 ? 13.489  -7.127  -21.254 1.00 49.43 ? 37  ASN B CG  1 
ATOM   1023 O OD1 . ASN B 1 37 ? 12.694  -7.962  -21.725 1.00 47.68 ? 37  ASN B OD1 1 
ATOM   1024 N ND2 . ASN B 1 37 ? 14.734  -7.464  -20.736 1.00 51.60 ? 37  ASN B ND2 1 
ATOM   1025 N N   . LEU B 1 38 ? 13.466  -3.042  -19.614 1.00 48.98 ? 38  LEU B N   1 
ATOM   1026 C CA  . LEU B 1 38 ? 13.544  -1.601  -19.593 1.00 51.08 ? 38  LEU B CA  1 
ATOM   1027 C C   . LEU B 1 38 ? 14.984  -1.209  -19.901 1.00 55.78 ? 38  LEU B C   1 
ATOM   1028 O O   . LEU B 1 38 ? 15.911  -2.061  -19.833 1.00 53.85 ? 38  LEU B O   1 
ATOM   1029 C CB  . LEU B 1 38 ? 13.119  -1.072  -18.199 1.00 57.25 ? 38  LEU B CB  1 
ATOM   1030 C CG  . LEU B 1 38 ? 11.666  -0.941  -17.747 1.00 44.58 ? 38  LEU B CG  1 
ATOM   1031 C CD1 . LEU B 1 38 ? 11.602  -0.526  -16.232 1.00 40.51 ? 38  LEU B CD1 1 
ATOM   1032 C CD2 . LEU B 1 38 ? 11.034  0.045   -18.632 1.00 53.14 ? 38  LEU B CD2 1 
ATOM   1033 N N   . PRO B 1 39 ? 15.363  0.082   -20.309 1.00 63.20 ? 39  PRO B N   1 
ATOM   1034 C CA  . PRO B 1 39 ? 16.682  0.563   -20.735 1.00 67.69 ? 39  PRO B CA  1 
ATOM   1035 C C   . PRO B 1 39 ? 17.764  0.558   -19.592 1.00 64.86 ? 39  PRO B C   1 
ATOM   1036 O O   . PRO B 1 39 ? 17.766  1.398   -18.682 1.00 63.22 ? 39  PRO B O   1 
ATOM   1037 C CB  . PRO B 1 39 ? 16.404  2.047   -21.086 1.00 73.44 ? 39  PRO B CB  1 
ATOM   1038 C CG  . PRO B 1 39 ? 14.910  2.319   -20.836 1.00 65.29 ? 39  PRO B CG  1 
ATOM   1039 C CD  . PRO B 1 39 ? 14.238  0.992   -20.634 1.00 64.63 ? 39  PRO B CD  1 
ATOM   1040 N N   . GLY B 1 40 ? 18.774  -0.282  -19.513 1.00 66.56 ? 40  GLY B N   1 
ATOM   1041 C CA  . GLY B 1 40 ? 19.743  0.023   -18.452 1.00 68.90 ? 40  GLY B CA  1 
ATOM   1042 C C   . GLY B 1 40 ? 20.681  -1.066  -18.079 1.00 73.89 ? 40  GLY B C   1 
ATOM   1043 O O   . GLY B 1 40 ? 20.848  -2.086  -18.756 1.00 73.95 ? 40  GLY B O   1 
ATOM   1044 N N   . LYS B 1 41 ? 21.255  -0.670  -17.114 1.00 77.80 ? 41  LYS B N   1 
ATOM   1045 C CA  . LYS B 1 41 ? 22.054  -1.370  -16.327 1.00 77.12 ? 41  LYS B CA  1 
ATOM   1046 C C   . LYS B 1 41 ? 21.064  -1.584  -15.187 1.00 75.35 ? 41  LYS B C   1 
ATOM   1047 O O   . LYS B 1 41 ? 20.089  -0.777  -14.998 1.00 72.53 ? 41  LYS B O   1 
ATOM   1048 C CB  . LYS B 1 41 ? 23.221  -0.404  -16.033 1.00 77.44 ? 41  LYS B CB  1 
ATOM   1049 N N   . TRP B 1 42 ? 21.239  -2.619  -14.467 1.00 62.31 ? 42  TRP B N   1 
ATOM   1050 C CA  . TRP B 1 42 ? 20.394  -2.817  -13.350 1.00 58.50 ? 42  TRP B CA  1 
ATOM   1051 C C   . TRP B 1 42 ? 21.161  -3.595  -12.280 1.00 58.39 ? 42  TRP B C   1 
ATOM   1052 O O   . TRP B 1 42 ? 22.015  -4.431  -12.593 1.00 57.47 ? 42  TRP B O   1 
ATOM   1053 C CB  . TRP B 1 42 ? 19.059  -3.479  -13.802 1.00 59.26 ? 42  TRP B CB  1 
ATOM   1054 C CG  . TRP B 1 42 ? 19.187  -4.739  -14.696 1.00 57.59 ? 42  TRP B CG  1 
ATOM   1055 C CD1 . TRP B 1 42 ? 19.089  -4.813  -16.048 1.00 52.85 ? 42  TRP B CD1 1 
ATOM   1056 C CD2 . TRP B 1 42 ? 19.403  -6.047  -14.220 1.00 49.43 ? 42  TRP B CD2 1 
ATOM   1057 N NE1 . TRP B 1 42 ? 19.253  -6.175  -16.416 1.00 52.77 ? 42  TRP B NE1 1 
ATOM   1058 C CE2 . TRP B 1 42 ? 19.437  -6.894  -15.314 1.00 50.37 ? 42  TRP B CE2 1 
ATOM   1059 C CE3 . TRP B 1 42 ? 19.590  -6.576  -12.932 1.00 56.75 ? 42  TRP B CE3 1 
ATOM   1060 C CZ2 . TRP B 1 42 ? 19.607  -8.272  -15.188 1.00 58.27 ? 42  TRP B CZ2 1 
ATOM   1061 C CZ3 . TRP B 1 42 ? 19.793  -7.957  -12.819 1.00 55.69 ? 42  TRP B CZ3 1 
ATOM   1062 C CH2 . TRP B 1 42 ? 19.786  -8.769  -13.893 1.00 55.93 ? 42  TRP B CH2 1 
ATOM   1063 N N   . LYS B 1 43 ? 20.873  -3.245  -11.041 1.00 53.81 ? 43  LYS B N   1 
ATOM   1064 C CA  . LYS B 1 43 ? 21.490  -3.881  -9.878  1.00 53.09 ? 43  LYS B CA  1 
ATOM   1065 C C   . LYS B 1 43 ? 20.486  -4.851  -9.259  1.00 54.75 ? 43  LYS B C   1 
ATOM   1066 O O   . LYS B 1 43 ? 19.280  -4.607  -9.296  1.00 58.40 ? 43  LYS B O   1 
ATOM   1067 C CB  . LYS B 1 43 ? 21.895  -2.801  -8.827  1.00 51.94 ? 43  LYS B CB  1 
ATOM   1068 N N   . PRO B 1 44 ? 20.884  -6.081  -8.866  1.00 54.28 ? 44  PRO B N   1 
ATOM   1069 C CA  . PRO B 1 44 ? 19.775  -6.857  -8.328  1.00 52.48 ? 44  PRO B CA  1 
ATOM   1070 C C   . PRO B 1 44 ? 19.604  -6.445  -6.890  1.00 54.30 ? 44  PRO B C   1 
ATOM   1071 O O   . PRO B 1 44 ? 20.609  -6.096  -6.167  1.00 57.92 ? 44  PRO B O   1 
ATOM   1072 C CB  . PRO B 1 44 ? 20.241  -8.296  -8.504  1.00 57.53 ? 44  PRO B CB  1 
ATOM   1073 C CG  . PRO B 1 44 ? 21.725  -8.191  -8.324  1.00 55.58 ? 44  PRO B CG  1 
ATOM   1074 C CD  . PRO B 1 44 ? 22.066  -6.951  -9.110  1.00 56.67 ? 44  PRO B CD  1 
ATOM   1075 N N   . LYS B 1 45 ? 18.348  -6.405  -6.454  1.00 49.87 ? 45  LYS B N   1 
ATOM   1076 C CA  . LYS B 1 45 ? 18.039  -6.019  -5.071  1.00 46.44 ? 45  LYS B CA  1 
ATOM   1077 C C   . LYS B 1 45 ? 17.054  -7.065  -4.594  1.00 42.75 ? 45  LYS B C   1 
ATOM   1078 O O   . LYS B 1 45 ? 16.660  -7.899  -5.378  1.00 41.13 ? 45  LYS B O   1 
ATOM   1079 C CB  . LYS B 1 45 ? 17.402  -4.473  -4.988  1.00 44.75 ? 45  LYS B CB  1 
ATOM   1080 N N   . MET B 1 46 ? 16.776  -7.045  -3.272  1.00 47.51 ? 46  MET B N   1 
ATOM   1081 C CA  . MET B 1 46 ? 15.768  -7.852  -2.592  1.00 44.56 ? 46  MET B CA  1 
ATOM   1082 C C   . MET B 1 46 ? 14.914  -6.805  -1.837  1.00 44.64 ? 46  MET B C   1 
ATOM   1083 O O   . MET B 1 46 ? 15.439  -5.877  -1.223  1.00 48.35 ? 46  MET B O   1 
ATOM   1084 C CB  . MET B 1 46 ? 16.364  -8.853  -1.518  1.00 43.48 ? 46  MET B CB  1 
ATOM   1085 C CG  . MET B 1 46 ? 17.513  -9.762  -1.955  1.00 54.90 ? 46  MET B CG  1 
ATOM   1086 S SD  . MET B 1 46 ? 17.074  -10.975 -3.262  1.00 77.27 ? 46  MET B SD  1 
ATOM   1087 C CE  . MET B 1 46 ? 18.762  -11.931 -3.635  1.00 67.69 ? 46  MET B CE  1 
ATOM   1088 N N   . ILE B 1 47 ? 13.602  -6.998  -1.875  1.00 44.40 ? 47  ILE B N   1 
ATOM   1089 C CA  . ILE B 1 47 ? 12.656  -6.176  -1.148  1.00 44.54 ? 47  ILE B CA  1 
ATOM   1090 C C   . ILE B 1 47 ? 11.651  -7.159  -0.394  1.00 44.38 ? 47  ILE B C   1 
ATOM   1091 O O   . ILE B 1 47 ? 11.493  -8.305  -0.794  1.00 43.45 ? 47  ILE B O   1 
ATOM   1092 C CB  . ILE B 1 47 ? 11.843  -5.226  -2.164  1.00 50.37 ? 47  ILE B CB  1 
ATOM   1093 C CG1 . ILE B 1 47 ? 11.040  -6.105  -3.233  1.00 50.13 ? 47  ILE B CG1 1 
ATOM   1094 C CG2 . ILE B 1 47 ? 12.826  -4.158  -2.812  1.00 46.77 ? 47  ILE B CG2 1 
ATOM   1095 C CD1 . ILE B 1 47 ? 10.020  -5.343  -4.096  1.00 32.48 ? 47  ILE B CD1 1 
ATOM   1096 N N   . GLY B 1 48 ? 10.954  -6.693  0.629   1.00 42.26 ? 48  GLY B N   1 
ATOM   1097 C CA  . GLY B 1 48 ? 10.029  -7.568  1.306   1.00 42.71 ? 48  GLY B CA  1 
ATOM   1098 C C   . GLY B 1 48 ? 8.634   -6.978  1.392   1.00 55.81 ? 48  GLY B C   1 
ATOM   1099 O O   . GLY B 1 48 ? 8.486   -5.731  1.284   1.00 54.67 ? 48  GLY B O   1 
ATOM   1100 N N   . GLY B 1 49 ? 7.601   -7.850  1.588   1.00 60.78 ? 49  GLY B N   1 
ATOM   1101 C CA  . GLY B 1 49 ? 6.194   -7.408  1.711   1.00 62.31 ? 49  GLY B CA  1 
ATOM   1102 C C   . GLY B 1 49 ? 5.465   -8.194  2.797   1.00 61.75 ? 49  GLY B C   1 
ATOM   1103 O O   . GLY B 1 49 ? 6.132   -8.705  3.723   1.00 66.29 ? 49  GLY B O   1 
ATOM   1104 N N   . ILE B 1 50 ? 4.123   -8.317  2.710   1.00 60.78 ? 50  ILE B N   1 
ATOM   1105 C CA  . ILE B 1 50 ? 3.341   -9.040  3.740   1.00 58.74 ? 50  ILE B CA  1 
ATOM   1106 C C   . ILE B 1 50 ? 3.752   -10.485 3.750   1.00 62.85 ? 50  ILE B C   1 
ATOM   1107 O O   . ILE B 1 50 ? 3.862   -11.084 4.845   1.00 68.91 ? 50  ILE B O   1 
ATOM   1108 C CB  . ILE B 1 50 ? 1.827   -8.921  3.501   1.00 63.71 ? 50  ILE B CB  1 
ATOM   1109 N N   . GLY B 1 51 ? 4.046   -11.040 2.547   1.00 59.19 ? 51  GLY B N   1 
ATOM   1110 C CA  . GLY B 1 51 ? 4.477   -12.424 2.414   1.00 53.38 ? 51  GLY B CA  1 
ATOM   1111 C C   . GLY B 1 51 ? 5.949   -12.659 2.755   1.00 52.02 ? 51  GLY B C   1 
ATOM   1112 O O   . GLY B 1 51 ? 6.302   -13.672 3.323   1.00 53.60 ? 51  GLY B O   1 
ATOM   1113 N N   . GLY B 1 52 ? 6.814   -11.734 2.408   1.00 52.82 ? 52  GLY B N   1 
ATOM   1114 C CA  . GLY B 1 52 ? 8.223   -11.960 2.690   1.00 55.54 ? 52  GLY B CA  1 
ATOM   1115 C C   . GLY B 1 52 ? 9.186   -11.215 1.795   1.00 54.47 ? 52  GLY B C   1 
ATOM   1116 O O   . GLY B 1 52 ? 8.849   -10.058 1.422   1.00 53.83 ? 52  GLY B O   1 
ATOM   1117 N N   . PHE B 1 53 ? 10.312  -11.895 1.390   1.00 53.59 ? 53  PHE B N   1 
ATOM   1118 C CA  . PHE B 1 53 ? 11.489  -11.316 0.658   1.00 53.70 ? 53  PHE B CA  1 
ATOM   1119 C C   . PHE B 1 53 ? 11.885  -11.540 -0.869  1.00 55.18 ? 53  PHE B C   1 
ATOM   1120 O O   . PHE B 1 53 ? 12.977  -12.063 -1.143  1.00 61.54 ? 53  PHE B O   1 
ATOM   1121 C CB  . PHE B 1 53 ? 12.746  -11.637 1.501   1.00 53.85 ? 53  PHE B CB  1 
ATOM   1122 C CG  . PHE B 1 53 ? 13.646  -10.443 1.744   1.00 65.94 ? 53  PHE B CG  1 
ATOM   1123 C CD1 . PHE B 1 53 ? 13.310  -9.477  2.724   1.00 72.47 ? 53  PHE B CD1 1 
ATOM   1124 C CD2 . PHE B 1 53 ? 14.872  -10.311 1.040   1.00 70.41 ? 53  PHE B CD2 1 
ATOM   1125 C CE1 . PHE B 1 53 ? 14.177  -8.409  3.020   1.00 78.00 ? 53  PHE B CE1 1 
ATOM   1126 C CE2 . PHE B 1 53 ? 15.759  -9.242  1.316   1.00 75.08 ? 53  PHE B CE2 1 
ATOM   1127 C CZ  . PHE B 1 53 ? 15.407  -8.286  2.320   1.00 78.46 ? 53  PHE B CZ  1 
ATOM   1128 N N   . ILE B 1 54 ? 11.137  -11.034 -1.862  1.00 51.51 ? 54  ILE B N   1 
ATOM   1129 C CA  . ILE B 1 54 ? 11.527  -11.305 -3.276  1.00 40.98 ? 54  ILE B CA  1 
ATOM   1130 C C   . ILE B 1 54 ? 12.803  -10.662 -3.921  1.00 39.77 ? 54  ILE B C   1 
ATOM   1131 O O   . ILE B 1 54 ? 13.370  -9.723  -3.418  1.00 37.79 ? 54  ILE B O   1 
ATOM   1132 C CB  . ILE B 1 54 ? 10.334  -11.044 -4.222  1.00 39.82 ? 54  ILE B CB  1 
ATOM   1133 C CG1 . ILE B 1 54 ? 10.048  -9.563  -4.229  1.00 34.54 ? 54  ILE B CG1 1 
ATOM   1134 C CG2 . ILE B 1 54 ? 9.048   -11.920 -3.787  1.00 34.65 ? 54  ILE B CG2 1 
ATOM   1135 C CD1 . ILE B 1 54 ? 8.779   -9.201  -4.974  1.00 28.02 ? 54  ILE B CD1 1 
ATOM   1136 N N   . LYS B 1 55 ? 13.213  -11.209 -5.067  1.00 33.18 ? 55  LYS B N   1 
ATOM   1137 C CA  . LYS B 1 55 ? 14.299  -10.670 -5.868  1.00 36.43 ? 55  LYS B CA  1 
ATOM   1138 C C   . LYS B 1 55 ? 13.645  -9.854  -7.036  1.00 31.58 ? 55  LYS B C   1 
ATOM   1139 O O   . LYS B 1 55 ? 12.734  -10.329 -7.785  1.00 31.85 ? 55  LYS B O   1 
ATOM   1140 C CB  . LYS B 1 55 ? 15.172  -11.760 -6.529  1.00 37.63 ? 55  LYS B CB  1 
ATOM   1141 C CG  . LYS B 1 55 ? 16.025  -12.625 -5.577  1.00 57.11 ? 55  LYS B CG  1 
ATOM   1142 C CD  . LYS B 1 55 ? 16.136  -14.133 -5.989  1.00 49.87 ? 55  LYS B CD  1 
ATOM   1143 C CE  . LYS B 1 55 ? 17.586  -14.497 -6.085  1.00 65.97 ? 55  LYS B CE  1 
ATOM   1144 N NZ  . LYS B 1 55 ? 18.209  -13.637 -7.149  1.00 72.16 ? 55  LYS B NZ  1 
ATOM   1145 N N   . VAL B 1 56 ? 14.179  -8.665  -7.238  1.00 31.03 ? 56  VAL B N   1 
ATOM   1146 C CA  . VAL B 1 56 ? 13.725  -7.746  -8.276  1.00 33.51 ? 56  VAL B CA  1 
ATOM   1147 C C   . VAL B 1 56 ? 14.993  -7.229  -9.018  1.00 37.67 ? 56  VAL B C   1 
ATOM   1148 O O   . VAL B 1 56 ? 16.129  -7.415  -8.521  1.00 38.01 ? 56  VAL B O   1 
ATOM   1149 C CB  . VAL B 1 56 ? 12.981  -6.500  -7.621  1.00 28.41 ? 56  VAL B CB  1 
ATOM   1150 C CG1 . VAL B 1 56 ? 11.488  -6.889  -7.150  1.00 29.89 ? 56  VAL B CG1 1 
ATOM   1151 C CG2 . VAL B 1 56 ? 13.880  -5.914  -6.405  1.00 30.37 ? 56  VAL B CG2 1 
ATOM   1152 N N   . ARG B 1 57 ? 14.767  -6.612  -10.202 1.00 37.93 ? 57  ARG B N   1 
ATOM   1153 C CA  . ARG B 1 57 ? 15.824  -5.902  -10.937 1.00 35.28 ? 57  ARG B CA  1 
ATOM   1154 C C   . ARG B 1 57 ? 15.554  -4.385  -10.754 1.00 35.11 ? 57  ARG B C   1 
ATOM   1155 O O   . ARG B 1 57 ? 14.441  -3.896  -10.964 1.00 36.20 ? 57  ARG B O   1 
ATOM   1156 C CB  . ARG B 1 57 ? 15.832  -6.303  -12.394 1.00 40.00 ? 57  ARG B CB  1 
ATOM   1157 C CG  . ARG B 1 57 ? 15.922  -7.849  -12.546 1.00 39.34 ? 57  ARG B CG  1 
ATOM   1158 C CD  . ARG B 1 57 ? 16.085  -8.288  -13.999 1.00 41.09 ? 57  ARG B CD  1 
ATOM   1159 N NE  . ARG B 1 57 ? 15.426  -7.388  -14.948 1.00 51.07 ? 57  ARG B NE  1 
ATOM   1160 C CZ  . ARG B 1 57 ? 14.226  -7.594  -15.542 1.00 54.79 ? 57  ARG B CZ  1 
ATOM   1161 N NH1 . ARG B 1 57 ? 13.498  -8.687  -15.273 1.00 51.50 ? 57  ARG B NH1 1 
ATOM   1162 N NH2 . ARG B 1 57 ? 13.775  -6.708  -16.453 1.00 54.70 ? 57  ARG B NH2 1 
ATOM   1163 N N   . GLN B 1 58 ? 16.587  -3.665  -10.294 1.00 32.45 ? 58  GLN B N   1 
ATOM   1164 C CA  . GLN B 1 58 ? 16.536  -2.252  -10.067 1.00 26.50 ? 58  GLN B CA  1 
ATOM   1165 C C   . GLN B 1 58 ? 17.123  -1.378  -11.161 1.00 29.60 ? 58  GLN B C   1 
ATOM   1166 O O   . GLN B 1 58 ? 18.379  -1.306  -11.367 1.00 36.78 ? 58  GLN B O   1 
ATOM   1167 C CB  . GLN B 1 58 ? 17.206  -1.920  -8.743  1.00 32.03 ? 58  GLN B CB  1 
ATOM   1168 C CG  . GLN B 1 58 ? 17.245  -0.368  -8.414  1.00 32.81 ? 58  GLN B CG  1 
ATOM   1169 C CD  . GLN B 1 58 ? 18.006  -0.007  -7.113  1.00 38.49 ? 58  GLN B CD  1 
ATOM   1170 O OE1 . GLN B 1 58 ? 18.068  -0.807  -6.113  1.00 29.06 ? 58  GLN B OE1 1 
ATOM   1171 N NE2 . GLN B 1 58 ? 18.593  1.224   -7.115  1.00 39.18 ? 58  GLN B NE2 1 
ATOM   1172 N N   . TYR B 1 59 ? 16.213  -0.647  -11.819 1.00 29.82 ? 59  TYR B N   1 
ATOM   1173 C CA  . TYR B 1 59 ? 16.532  0.396   -12.805 1.00 32.49 ? 59  TYR B CA  1 
ATOM   1174 C C   . TYR B 1 59 ? 16.481  1.836   -12.155 1.00 35.17 ? 59  TYR B C   1 
ATOM   1175 O O   . TYR B 1 59 ? 15.510  2.210   -11.508 1.00 37.08 ? 59  TYR B O   1 
ATOM   1176 C CB  . TYR B 1 59 ? 15.555  0.376   -13.980 1.00 34.02 ? 59  TYR B CB  1 
ATOM   1177 C CG  . TYR B 1 59 ? 15.528  -0.921  -14.710 1.00 40.36 ? 59  TYR B CG  1 
ATOM   1178 C CD1 . TYR B 1 59 ? 14.754  -2.007  -14.218 1.00 40.50 ? 59  TYR B CD1 1 
ATOM   1179 C CD2 . TYR B 1 59 ? 16.286  -1.107  -15.915 1.00 42.22 ? 59  TYR B CD2 1 
ATOM   1180 C CE1 . TYR B 1 59 ? 14.753  -3.245  -14.883 1.00 42.00 ? 59  TYR B CE1 1 
ATOM   1181 C CE2 . TYR B 1 59 ? 16.261  -2.348  -16.600 1.00 45.82 ? 59  TYR B CE2 1 
ATOM   1182 C CZ  . TYR B 1 59 ? 15.500  -3.417  -16.064 1.00 42.60 ? 59  TYR B CZ  1 
ATOM   1183 O OH  . TYR B 1 59 ? 15.396  -4.628  -16.738 1.00 52.15 ? 59  TYR B OH  1 
ATOM   1184 N N   . ASP B 1 60 ? 17.541  2.621   -12.346 1.00 37.39 ? 60  ASP B N   1 
ATOM   1185 C CA  . ASP B 1 60 ? 17.592  3.953   -11.772 1.00 35.49 ? 60  ASP B CA  1 
ATOM   1186 C C   . ASP B 1 60 ? 17.162  5.077   -12.793 1.00 39.83 ? 60  ASP B C   1 
ATOM   1187 O O   . ASP B 1 60 ? 17.232  4.885   -14.045 1.00 32.21 ? 60  ASP B O   1 
ATOM   1188 C CB  . ASP B 1 60 ? 19.024  4.258   -11.211 1.00 39.80 ? 60  ASP B CB  1 
ATOM   1189 C CG  . ASP B 1 60 ? 19.340  3.459   -9.915  1.00 44.67 ? 60  ASP B CG  1 
ATOM   1190 O OD1 . ASP B 1 60 ? 18.361  3.267   -9.104  1.00 45.46 ? 60  ASP B OD1 1 
ATOM   1191 O OD2 . ASP B 1 60 ? 20.546  3.055   -9.665  1.00 49.57 ? 60  ASP B OD2 1 
ATOM   1192 N N   . GLN B 1 61 ? 16.697  6.230   -12.275 1.00 33.36 ? 61  GLN B N   1 
ATOM   1193 C CA  . GLN B 1 61 ? 16.446  7.334   -13.201 1.00 36.57 ? 61  GLN B CA  1 
ATOM   1194 C C   . GLN B 1 61 ? 15.573  6.975   -14.519 1.00 31.26 ? 61  GLN B C   1 
ATOM   1195 O O   . GLN B 1 61 ? 15.934  7.378   -15.651 1.00 40.18 ? 61  GLN B O   1 
ATOM   1196 C CB  . GLN B 1 61 ? 17.766  7.918   -13.709 1.00 38.54 ? 61  GLN B CB  1 
ATOM   1197 C CG  . GLN B 1 61 ? 18.106  9.280   -13.126 1.00 55.68 ? 61  GLN B CG  1 
ATOM   1198 C CD  . GLN B 1 61 ? 19.577  9.415   -12.785 1.00 54.78 ? 61  GLN B CD  1 
ATOM   1199 O OE1 . GLN B 1 61 ? 20.318  8.432   -12.784 1.00 58.83 ? 61  GLN B OE1 1 
ATOM   1200 N NE2 . GLN B 1 61 ? 20.212  10.537  -12.466 1.00 57.41 ? 61  GLN B NE2 1 
ATOM   1201 N N   . ILE B 1 62 ? 14.423  6.335   -14.329 1.00 27.69 ? 62  ILE B N   1 
ATOM   1202 C CA  . ILE B 1 62 ? 13.513  5.953   -15.416 1.00 27.53 ? 62  ILE B CA  1 
ATOM   1203 C C   . ILE B 1 62 ? 12.280  6.890   -15.435 1.00 34.27 ? 62  ILE B C   1 
ATOM   1204 O O   . ILE B 1 62 ? 11.642  7.145   -14.403 1.00 29.54 ? 62  ILE B O   1 
ATOM   1205 C CB  . ILE B 1 62 ? 12.987  4.488   -15.233 1.00 29.35 ? 62  ILE B CB  1 
ATOM   1206 C CG1 . ILE B 1 62 ? 14.197  3.486   -15.310 1.00 35.80 ? 62  ILE B CG1 1 
ATOM   1207 C CG2 . ILE B 1 62 ? 11.791  4.167   -16.266 1.00 20.88 ? 62  ILE B CG2 1 
ATOM   1208 C CD1 . ILE B 1 62 ? 14.907  3.416   -16.711 1.00 37.96 ? 62  ILE B CD1 1 
ATOM   1209 N N   . PRO B 1 63 ? 11.948  7.435   -16.635 1.00 34.01 ? 63  PRO B N   1 
ATOM   1210 C CA  . PRO B 1 63 ? 10.800  8.311   -16.738 1.00 24.74 ? 63  PRO B CA  1 
ATOM   1211 C C   . PRO B 1 63 ? 9.518   7.477   -16.732 1.00 28.72 ? 63  PRO B C   1 
ATOM   1212 O O   . PRO B 1 63 ? 9.363   6.458   -17.430 1.00 32.04 ? 63  PRO B O   1 
ATOM   1213 C CB  . PRO B 1 63 ? 11.001  9.028   -18.140 1.00 25.57 ? 63  PRO B CB  1 
ATOM   1214 C CG  . PRO B 1 63 ? 12.466  9.045   -18.364 1.00 26.36 ? 63  PRO B CG  1 
ATOM   1215 C CD  . PRO B 1 63 ? 12.819  7.563   -17.839 1.00 36.85 ? 63  PRO B CD  1 
ATOM   1216 N N   . VAL B 1 64 ? 8.584   7.960   -15.956 1.00 29.28 ? 64  VAL B N   1 
ATOM   1217 C CA  . VAL B 1 64 ? 7.268   7.352   -15.852 1.00 24.79 ? 64  VAL B CA  1 
ATOM   1218 C C   . VAL B 1 64 ? 6.241   8.501   -15.757 1.00 29.64 ? 64  VAL B C   1 
ATOM   1219 O O   . VAL B 1 64 ? 6.354   9.447   -14.896 1.00 31.15 ? 64  VAL B O   1 
ATOM   1220 C CB  . VAL B 1 64 ? 7.093   6.525   -14.555 1.00 20.98 ? 64  VAL B CB  1 
ATOM   1221 C CG1 . VAL B 1 64 ? 5.779   5.866   -14.600 1.00 22.19 ? 64  VAL B CG1 1 
ATOM   1222 C CG2 . VAL B 1 64 ? 8.250   5.506   -14.365 1.00 24.98 ? 64  VAL B CG2 1 
ATOM   1223 N N   . GLU B 1 65 ? 5.216   8.414   -16.580 1.00 27.63 ? 65  GLU B N   1 
ATOM   1224 C CA  . GLU B 1 65 ? 4.148   9.396   -16.560 1.00 35.90 ? 65  GLU B CA  1 
ATOM   1225 C C   . GLU B 1 65 ? 2.904   8.788   -15.858 1.00 29.49 ? 65  GLU B C   1 
ATOM   1226 O O   . GLU B 1 65 ? 2.352   7.776   -16.252 1.00 28.73 ? 65  GLU B O   1 
ATOM   1227 C CB  . GLU B 1 65 ? 3.888   9.857   -18.028 1.00 37.28 ? 65  GLU B CB  1 
ATOM   1228 C CG  . GLU B 1 65 ? 3.013   11.105  -18.267 1.00 47.79 ? 65  GLU B CG  1 
ATOM   1229 C CD  . GLU B 1 65 ? 2.823   11.293  -19.798 1.00 59.80 ? 65  GLU B CD  1 
ATOM   1230 O OE1 . GLU B 1 65 ? 3.774   11.868  -20.422 1.00 70.08 ? 65  GLU B OE1 1 
ATOM   1231 O OE2 . GLU B 1 65 ? 1.767   10.784  -20.374 1.00 55.44 ? 65  GLU B OE2 1 
ATOM   1232 N N   . ILE B 1 66 ? 2.483   9.435   -14.778 1.00 35.38 ? 66  ILE B N   1 
ATOM   1233 C CA  . ILE B 1 66 ? 1.367   8.924   -14.010 1.00 33.14 ? 66  ILE B CA  1 
ATOM   1234 C C   . ILE B 1 66 ? 0.197   9.851   -14.140 1.00 32.65 ? 66  ILE B C   1 
ATOM   1235 O O   . ILE B 1 66 ? 0.229   10.958  -13.584 1.00 30.33 ? 66  ILE B O   1 
ATOM   1236 C CB  . ILE B 1 66 ? 1.790   8.720   -12.483 1.00 31.20 ? 66  ILE B CB  1 
ATOM   1237 C CG1 . ILE B 1 66 ? 3.021   7.788   -12.423 1.00 25.24 ? 66  ILE B CG1 1 
ATOM   1238 C CG2 . ILE B 1 66 ? 0.604   8.174   -11.705 1.00 28.45 ? 66  ILE B CG2 1 
ATOM   1239 C CD1 . ILE B 1 66 ? 4.021   8.156   -11.372 1.00 33.29 ? 66  ILE B CD1 1 
ATOM   1240 N N   . CYS B 1 67 ? -0.870  9.392   -14.829 1.00 34.90 ? 67  CYS B N   1 
ATOM   1241 C CA  . CYS B 1 67 ? -2.048  10.259  -15.065 1.00 32.52 ? 67  CYS B CA  1 
ATOM   1242 C C   . CYS B 1 67 ? -1.552  11.574  -15.627 1.00 34.65 ? 67  CYS B C   1 
ATOM   1243 O O   . CYS B 1 67 ? -2.052  12.677  -15.216 1.00 40.03 ? 67  CYS B O   1 
ATOM   1244 C CB  . CYS B 1 67 ? -2.858  10.573  -13.764 1.00 37.26 ? 67  CYS B CB  1 
ATOM   1245 S SG  . CYS B 1 67 ? -3.952  9.269   -13.214 1.00 48.83 ? 67  CYS B SG  1 
ATOM   1246 N N   . GLY B 1 68 ? -0.550  11.479  -16.520 1.00 37.41 ? 68  GLY B N   1 
ATOM   1247 C CA  . GLY B 1 68 ? 0.055   12.671  -17.183 1.00 45.30 ? 68  GLY B CA  1 
ATOM   1248 C C   . GLY B 1 68 ? 1.032   13.576  -16.355 1.00 43.00 ? 68  GLY B C   1 
ATOM   1249 O O   . GLY B 1 68 ? 1.571   14.610  -16.861 1.00 43.14 ? 68  GLY B O   1 
ATOM   1250 N N   . HIS B 1 69 ? 1.224   13.214  -15.079 1.00 40.75 ? 69  HIS B N   1 
ATOM   1251 C CA  . HIS B 1 69 ? 2.133   13.942  -14.215 1.00 32.69 ? 69  HIS B CA  1 
ATOM   1252 C C   . HIS B 1 69 ? 3.483   13.245  -14.440 1.00 31.21 ? 69  HIS B C   1 
ATOM   1253 O O   . HIS B 1 69 ? 3.575   11.985  -14.507 1.00 35.41 ? 69  HIS B O   1 
ATOM   1254 C CB  . HIS B 1 69 ? 1.652   13.910  -12.784 1.00 28.22 ? 69  HIS B CB  1 
ATOM   1255 C CG  . HIS B 1 69 ? 0.517   14.882  -12.516 1.00 37.07 ? 69  HIS B CG  1 
ATOM   1256 N ND1 . HIS B 1 69 ? -0.639  14.897  -13.271 1.00 43.45 ? 69  HIS B ND1 1 
ATOM   1257 C CD2 . HIS B 1 69 ? 0.410   15.929  -11.645 1.00 32.69 ? 69  HIS B CD2 1 
ATOM   1258 C CE1 . HIS B 1 69 ? -1.399  15.902  -12.883 1.00 42.67 ? 69  HIS B CE1 1 
ATOM   1259 N NE2 . HIS B 1 69 ? -0.777  16.545  -11.906 1.00 34.87 ? 69  HIS B NE2 1 
ATOM   1260 N N   . LYS B 1 70 ? 4.506   14.050  -14.698 1.00 34.70 ? 70  LYS B N   1 
ATOM   1261 C CA  . LYS B 1 70 ? 5.801   13.456  -15.013 1.00 31.95 ? 70  LYS B CA  1 
ATOM   1262 C C   . LYS B 1 70 ? 6.680   13.126  -13.783 1.00 29.32 ? 70  LYS B C   1 
ATOM   1263 O O   . LYS B 1 70 ? 6.886   13.980  -12.857 1.00 31.49 ? 70  LYS B O   1 
ATOM   1264 C CB  . LYS B 1 70 ? 6.592   14.382  -16.039 1.00 37.27 ? 70  LYS B CB  1 
ATOM   1265 N N   . ALA B 1 71 ? 7.156   11.860  -13.739 1.00 28.07 ? 71  ALA B N   1 
ATOM   1266 C CA  . ALA B 1 71 ? 8.157   11.478  -12.735 1.00 26.36 ? 71  ALA B CA  1 
ATOM   1267 C C   . ALA B 1 71 ? 9.408   10.766  -13.446 1.00 25.25 ? 71  ALA B C   1 
ATOM   1268 O O   . ALA B 1 71 ? 9.352   10.284  -14.606 1.00 26.97 ? 71  ALA B O   1 
ATOM   1269 C CB  . ALA B 1 71 ? 7.515   10.593  -11.487 1.00 27.48 ? 71  ALA B CB  1 
ATOM   1270 N N   . ILE B 1 72 ? 10.546  10.792  -12.717 1.00 27.07 ? 72  ILE B N   1 
ATOM   1271 C CA  . ILE B 1 72 ? 11.842  10.208  -13.110 1.00 22.75 ? 72  ILE B CA  1 
ATOM   1272 C C   . ILE B 1 72 ? 12.550  9.758   -11.813 1.00 24.03 ? 72  ILE B C   1 
ATOM   1273 O O   . ILE B 1 72 ? 13.057  10.585  -11.036 1.00 26.02 ? 72  ILE B O   1 
ATOM   1274 C CB  . ILE B 1 72 ? 12.831  11.235  -13.865 1.00 20.61 ? 72  ILE B CB  1 
ATOM   1275 C CG1 . ILE B 1 72 ? 12.077  12.050  -14.910 1.00 32.02 ? 72  ILE B CG1 1 
ATOM   1276 C CG2 . ILE B 1 72 ? 13.990  10.430  -14.532 1.00 13.98 ? 72  ILE B CG2 1 
ATOM   1277 C CD1 . ILE B 1 72 ? 13.034  12.967  -15.659 1.00 31.94 ? 72  ILE B CD1 1 
ATOM   1278 N N   . GLY B 1 73 ? 12.640  8.434   -11.649 1.00 25.35 ? 73  GLY B N   1 
ATOM   1279 C CA  . GLY B 1 73 ? 13.271  7.853   -10.484 1.00 25.08 ? 73  GLY B CA  1 
ATOM   1280 C C   . GLY B 1 73 ? 13.386  6.350   -10.679 1.00 25.10 ? 73  GLY B C   1 
ATOM   1281 O O   . GLY B 1 73 ? 13.167  5.781   -11.773 1.00 25.18 ? 73  GLY B O   1 
ATOM   1282 N N   . THR B 1 74 ? 13.700  5.717   -9.564  1.00 27.54 ? 74  THR B N   1 
ATOM   1283 C CA  . THR B 1 74 ? 13.919  4.277   -9.437  1.00 27.19 ? 74  THR B CA  1 
ATOM   1284 C C   . THR B 1 74 ? 12.663  3.420   -9.698  1.00 30.03 ? 74  THR B C   1 
ATOM   1285 O O   . THR B 1 74 ? 11.567  3.727   -9.217  1.00 29.31 ? 74  THR B O   1 
ATOM   1286 C CB  . THR B 1 74 ? 14.473  3.934   -7.981  1.00 28.16 ? 74  THR B CB  1 
ATOM   1287 O OG1 . THR B 1 74 ? 15.711  4.608   -7.824  1.00 31.14 ? 74  THR B OG1 1 
ATOM   1288 C CG2 . THR B 1 74 ? 14.642  2.329   -7.751  1.00 22.29 ? 74  THR B CG2 1 
ATOM   1289 N N   . VAL B 1 75 ? 12.865  2.325   -10.427 1.00 31.58 ? 75  VAL B N   1 
ATOM   1290 C CA  . VAL B 1 75 ? 11.803  1.442   -10.747 1.00 30.44 ? 75  VAL B CA  1 
ATOM   1291 C C   . VAL B 1 75 ? 12.388  0.026   -10.648 1.00 26.58 ? 75  VAL B C   1 
ATOM   1292 O O   . VAL B 1 75 ? 13.342  -0.334  -11.315 1.00 33.77 ? 75  VAL B O   1 
ATOM   1293 C CB  . VAL B 1 75 ? 11.191  1.741   -12.199 1.00 26.71 ? 75  VAL B CB  1 
ATOM   1294 C CG1 . VAL B 1 75 ? 10.152  0.594   -12.529 1.00 32.62 ? 75  VAL B CG1 1 
ATOM   1295 C CG2 . VAL B 1 75 ? 10.590  3.149   -12.310 1.00 19.41 ? 75  VAL B CG2 1 
ATOM   1296 N N   . LEU B 1 76 ? 11.769  -0.775  -9.797  1.00 30.20 ? 76  LEU B N   1 
ATOM   1297 C CA  . LEU B 1 76 ? 12.147  -2.166  -9.574  1.00 29.59 ? 76  LEU B CA  1 
ATOM   1298 C C   . LEU B 1 76 ? 11.175  -3.020  -10.399 1.00 29.34 ? 76  LEU B C   1 
ATOM   1299 O O   . LEU B 1 76 ? 10.009  -2.651  -10.577 1.00 29.91 ? 76  LEU B O   1 
ATOM   1300 C CB  . LEU B 1 76 ? 12.025  -2.505  -8.077  1.00 28.73 ? 76  LEU B CB  1 
ATOM   1301 C CG  . LEU B 1 76 ? 12.432  -1.470  -7.019  1.00 25.72 ? 76  LEU B CG  1 
ATOM   1302 C CD1 . LEU B 1 76 ? 12.110  -2.072  -5.654  1.00 23.76 ? 76  LEU B CD1 1 
ATOM   1303 C CD2 . LEU B 1 76 ? 13.940  -1.087  -7.175  1.00 36.22 ? 76  LEU B CD2 1 
ATOM   1304 N N   . VAL B 1 77 ? 11.669  -4.124  -10.951 1.00 25.12 ? 77  VAL B N   1 
ATOM   1305 C CA  . VAL B 1 77 ? 10.851  -5.044  -11.805 1.00 29.08 ? 77  VAL B CA  1 
ATOM   1306 C C   . VAL B 1 77 ? 10.993  -6.422  -11.202 1.00 31.03 ? 77  VAL B C   1 
ATOM   1307 O O   . VAL B 1 77 ? 12.104  -6.873  -10.889 1.00 33.50 ? 77  VAL B O   1 
ATOM   1308 C CB  . VAL B 1 77 ? 11.348  -5.061  -13.302 1.00 30.80 ? 77  VAL B CB  1 
ATOM   1309 C CG1 . VAL B 1 77 ? 10.863  -6.294  -14.039 1.00 30.19 ? 77  VAL B CG1 1 
ATOM   1310 C CG2 . VAL B 1 77 ? 10.913  -3.737  -13.987 1.00 28.96 ? 77  VAL B CG2 1 
ATOM   1311 N N   . GLY B 1 78 ? 9.849   -7.056  -10.965 1.00 34.99 ? 78  GLY B N   1 
ATOM   1312 C CA  . GLY B 1 78 ? 9.856   -8.374  -10.381 1.00 34.58 ? 78  GLY B CA  1 
ATOM   1313 C C   . GLY B 1 78 ? 8.472   -8.952  -10.304 1.00 34.53 ? 78  GLY B C   1 
ATOM   1314 O O   . GLY B 1 78 ? 7.525   -8.399  -10.947 1.00 27.65 ? 78  GLY B O   1 
ATOM   1315 N N   . PRO B 1 79 ? 8.340   -10.093 -9.525  1.00 35.17 ? 79  PRO B N   1 
ATOM   1316 C CA  . PRO B 1 79 ? 7.153   -10.948 -9.232  1.00 31.63 ? 79  PRO B CA  1 
ATOM   1317 C C   . PRO B 1 79 ? 6.132   -10.276 -8.193  1.00 37.45 ? 79  PRO B C   1 
ATOM   1318 O O   . PRO B 1 79 ? 5.829   -10.754 -7.039  1.00 37.92 ? 79  PRO B O   1 
ATOM   1319 C CB  . PRO B 1 79 ? 7.796   -12.274 -8.699  1.00 30.87 ? 79  PRO B CB  1 
ATOM   1320 C CG  . PRO B 1 79 ? 9.023   -11.809 -7.983  1.00 29.53 ? 79  PRO B CG  1 
ATOM   1321 C CD  . PRO B 1 79 ? 9.555   -10.647 -8.879  1.00 28.80 ? 79  PRO B CD  1 
ATOM   1322 N N   . THR B 1 80 ? 5.602   -9.162  -8.661  1.00 40.70 ? 80  THR B N   1 
ATOM   1323 C CA  . THR B 1 80 ? 4.640   -8.411  -7.941  1.00 36.92 ? 80  THR B CA  1 
ATOM   1324 C C   . THR B 1 80 ? 3.253   -8.809  -8.568  1.00 37.87 ? 80  THR B C   1 
ATOM   1325 O O   . THR B 1 80 ? 3.112   -8.978  -9.788  1.00 44.69 ? 80  THR B O   1 
ATOM   1326 C CB  . THR B 1 80 ? 4.973   -6.889  -8.071  1.00 30.64 ? 80  THR B CB  1 
ATOM   1327 O OG1 . THR B 1 80 ? 4.127   -6.153  -7.192  1.00 29.55 ? 80  THR B OG1 1 
ATOM   1328 C CG2 . THR B 1 80 ? 4.770   -6.373  -9.598  1.00 32.78 ? 80  THR B CG2 1 
ATOM   1329 N N   . PRO B 1 81 ? 2.261   -9.045  -7.701  1.00 40.09 ? 81  PRO B N   1 
ATOM   1330 C CA  . PRO B 1 81 ? 0.880   -9.432  -8.050  1.00 38.74 ? 81  PRO B CA  1 
ATOM   1331 C C   . PRO B 1 81 ? 0.203   -8.412  -9.005  1.00 37.97 ? 81  PRO B C   1 
ATOM   1332 O O   . PRO B 1 81 ? -0.739  -8.768  -9.815  1.00 38.89 ? 81  PRO B O   1 
ATOM   1333 C CB  . PRO B 1 81 ? 0.159   -9.483  -6.654  1.00 31.62 ? 81  PRO B CB  1 
ATOM   1334 C CG  . PRO B 1 81 ? 1.392   -9.784  -5.634  1.00 41.65 ? 81  PRO B CG  1 
ATOM   1335 C CD  . PRO B 1 81 ? 2.448   -8.898  -6.217  1.00 43.39 ? 81  PRO B CD  1 
ATOM   1336 N N   . VAL B 1 82 ? 0.657   -7.147  -8.851  1.00 38.12 ? 82  VAL B N   1 
ATOM   1337 C CA  . VAL B 1 82 ? 0.179   -6.000  -9.638  1.00 34.90 ? 82  VAL B CA  1 
ATOM   1338 C C   . VAL B 1 82 ? 1.214   -4.858  -9.782  1.00 28.24 ? 82  VAL B C   1 
ATOM   1339 O O   . VAL B 1 82 ? 2.157   -4.753  -8.883  1.00 31.45 ? 82  VAL B O   1 
ATOM   1340 C CB  . VAL B 1 82 ? -1.184  -5.435  -9.063  1.00 34.68 ? 82  VAL B CB  1 
ATOM   1341 C CG1 . VAL B 1 82 ? -0.967  -4.831  -7.750  1.00 30.50 ? 82  VAL B CG1 1 
ATOM   1342 C CG2 . VAL B 1 82 ? -1.803  -4.473  -10.102 1.00 31.59 ? 82  VAL B CG2 1 
ATOM   1343 N N   . ASN B 1 83 ? 1.085   -4.073  -10.865 1.00 31.41 ? 83  ASN B N   1 
ATOM   1344 C CA  . ASN B 1 83 ? 2.008   -2.952  -10.994 1.00 30.47 ? 83  ASN B CA  1 
ATOM   1345 C C   . ASN B 1 83 ? 1.715   -1.968  -9.826  1.00 30.84 ? 83  ASN B C   1 
ATOM   1346 O O   . ASN B 1 83 ? 0.556   -1.572  -9.618  1.00 29.20 ? 83  ASN B O   1 
ATOM   1347 C CB  . ASN B 1 83 ? 1.870   -2.227  -12.347 1.00 31.89 ? 83  ASN B CB  1 
ATOM   1348 C CG  . ASN B 1 83 ? 2.271   -3.086  -13.504 1.00 29.95 ? 83  ASN B CG  1 
ATOM   1349 O OD1 . ASN B 1 83 ? 3.312   -3.766  -13.475 1.00 34.57 ? 83  ASN B OD1 1 
ATOM   1350 N ND2 . ASN B 1 83 ? 1.482   -3.031  -14.560 1.00 29.19 ? 83  ASN B ND2 1 
ATOM   1351 N N   . ILE B 1 84 ? 2.761   -1.551  -9.100  1.00 25.92 ? 84  ILE B N   1 
ATOM   1352 C CA  . ILE B 1 84 ? 2.649   -0.676  -7.933  1.00 24.34 ? 84  ILE B CA  1 
ATOM   1353 C C   . ILE B 1 84 ? 3.466   0.635   -8.073  1.00 26.32 ? 84  ILE B C   1 
ATOM   1354 O O   . ILE B 1 84 ? 4.690   0.617   -8.381  1.00 26.69 ? 84  ILE B O   1 
ATOM   1355 C CB  . ILE B 1 84 ? 3.151   -1.479  -6.722  1.00 31.35 ? 84  ILE B CB  1 
ATOM   1356 C CG1 . ILE B 1 84 ? 2.101   -2.597  -6.343  1.00 23.45 ? 84  ILE B CG1 1 
ATOM   1357 C CG2 . ILE B 1 84 ? 3.591   -0.539  -5.583  1.00 26.53 ? 84  ILE B CG2 1 
ATOM   1358 C CD1 . ILE B 1 84 ? 2.728   -3.671  -5.348  1.00 34.98 ? 84  ILE B CD1 1 
ATOM   1359 N N   . ILE B 1 85 ? 2.804   1.785   -7.928  1.00 21.39 ? 85  ILE B N   1 
ATOM   1360 C CA  . ILE B 1 85 ? 3.550   3.056   -7.869  1.00 20.99 ? 85  ILE B CA  1 
ATOM   1361 C C   . ILE B 1 85 ? 3.766   3.320   -6.329  1.00 24.96 ? 85  ILE B C   1 
ATOM   1362 O O   . ILE B 1 85 ? 2.772   3.494   -5.586  1.00 25.05 ? 85  ILE B O   1 
ATOM   1363 C CB  . ILE B 1 85 ? 2.745   4.219   -8.518  1.00 20.16 ? 85  ILE B CB  1 
ATOM   1364 C CG1 . ILE B 1 85 ? 2.362   3.774   -10.002 1.00 21.47 ? 85  ILE B CG1 1 
ATOM   1365 C CG2 . ILE B 1 85 ? 3.591   5.614   -8.373  1.00 10.52 ? 85  ILE B CG2 1 
ATOM   1366 C CD1 . ILE B 1 85 ? 3.660   3.378   -10.926 1.00 16.17 ? 85  ILE B CD1 1 
ATOM   1367 N N   . GLY B 1 86 ? 5.037   3.292   -5.866  1.00 28.49 ? 86  GLY B N   1 
ATOM   1368 C CA  . GLY B 1 86 ? 5.315   3.564   -4.477  1.00 24.91 ? 86  GLY B CA  1 
ATOM   1369 C C   . GLY B 1 86 ? 5.601   5.045   -4.204  1.00 28.15 ? 86  GLY B C   1 
ATOM   1370 O O   . GLY B 1 86 ? 5.625   5.884   -5.153  1.00 28.72 ? 86  GLY B O   1 
ATOM   1371 N N   . ARG B 1 87 ? 5.855   5.359   -2.918  1.00 21.52 ? 87  ARG B N   1 
ATOM   1372 C CA  . ARG B 1 87 ? 6.093   6.732   -2.459  1.00 25.85 ? 87  ARG B CA  1 
ATOM   1373 C C   . ARG B 1 87 ? 7.283   7.511   -3.173  1.00 29.51 ? 87  ARG B C   1 
ATOM   1374 O O   . ARG B 1 87 ? 7.214   8.731   -3.324  1.00 27.64 ? 87  ARG B O   1 
ATOM   1375 C CB  . ARG B 1 87 ? 6.252   6.791   -0.948  1.00 23.21 ? 87  ARG B CB  1 
ATOM   1376 C CG  . ARG B 1 87 ? 4.937   6.469   -0.115  1.00 20.04 ? 87  ARG B CG  1 
ATOM   1377 C CD  . ARG B 1 87 ? 5.185   6.573   1.394   1.00 22.99 ? 87  ARG B CD  1 
ATOM   1378 N NE  . ARG B 1 87 ? 6.313   5.732   1.873   1.00 27.52 ? 87  ARG B NE  1 
ATOM   1379 C CZ  . ARG B 1 87 ? 7.601   6.156   2.092   1.00 31.33 ? 87  ARG B CZ  1 
ATOM   1380 N NH1 . ARG B 1 87 ? 7.996   7.426   1.883   1.00 28.96 ? 87  ARG B NH1 1 
ATOM   1381 N NH2 . ARG B 1 87 ? 8.514   5.287   2.514   1.00 23.03 ? 87  ARG B NH2 1 
ATOM   1382 N N   . ASN B 1 88 ? 8.346   6.813   -3.592  1.00 32.46 ? 88  ASN B N   1 
ATOM   1383 C CA  . ASN B 1 88 ? 9.410   7.503   -4.337  1.00 30.11 ? 88  ASN B CA  1 
ATOM   1384 C C   . ASN B 1 88 ? 8.836   8.263   -5.583  1.00 25.04 ? 88  ASN B C   1 
ATOM   1385 O O   . ASN B 1 88 ? 9.282   9.378   -5.832  1.00 32.22 ? 88  ASN B O   1 
ATOM   1386 C CB  . ASN B 1 88 ? 10.538  6.496   -4.776  1.00 28.54 ? 88  ASN B CB  1 
ATOM   1387 C CG  . ASN B 1 88 ? 10.122  5.568   -5.966  1.00 30.11 ? 88  ASN B CG  1 
ATOM   1388 O OD1 . ASN B 1 88 ? 10.843  5.527   -7.030  1.00 31.74 ? 88  ASN B OD1 1 
ATOM   1389 N ND2 . ASN B 1 88 ? 8.986   4.789   -5.793  1.00 26.79 ? 88  ASN B ND2 1 
ATOM   1390 N N   . LEU B 1 89 ? 7.872   7.672   -6.359  1.00 22.00 ? 89  LEU B N   1 
ATOM   1391 C CA  . LEU B 1 89 ? 7.297   8.352   -7.532  1.00 19.35 ? 89  LEU B CA  1 
ATOM   1392 C C   . LEU B 1 89 ? 6.072   9.205   -7.128  1.00 28.01 ? 89  LEU B C   1 
ATOM   1393 O O   . LEU B 1 89 ? 5.795   10.250  -7.750  1.00 28.85 ? 89  LEU B O   1 
ATOM   1394 C CB  . LEU B 1 89 ? 6.915   7.353   -8.620  1.00 22.33 ? 89  LEU B CB  1 
ATOM   1395 C CG  . LEU B 1 89 ? 8.118   6.533   -9.176  1.00 28.25 ? 89  LEU B CG  1 
ATOM   1396 C CD1 . LEU B 1 89 ? 7.725   5.867   -10.456 1.00 28.22 ? 89  LEU B CD1 1 
ATOM   1397 C CD2 . LEU B 1 89 ? 9.390   7.463   -9.391  1.00 27.59 ? 89  LEU B CD2 1 
ATOM   1398 N N   . LEU B 1 90 ? 5.324   8.758   -6.084  1.00 26.85 ? 90  LEU B N   1 
ATOM   1399 C CA  . LEU B 1 90 ? 4.145   9.478   -5.665  1.00 21.60 ? 90  LEU B CA  1 
ATOM   1400 C C   . LEU B 1 90 ? 4.519   10.878  -5.177  1.00 23.63 ? 90  LEU B C   1 
ATOM   1401 O O   . LEU B 1 90 ? 3.810   11.817  -5.471  1.00 19.02 ? 90  LEU B O   1 
ATOM   1402 C CB  . LEU B 1 90 ? 3.299   8.661   -4.622  1.00 20.50 ? 90  LEU B CB  1 
ATOM   1403 C CG  . LEU B 1 90 ? 2.660   7.363   -5.091  1.00 20.64 ? 90  LEU B CG  1 
ATOM   1404 C CD1 . LEU B 1 90 ? 2.181   6.569   -3.810  1.00 16.16 ? 90  LEU B CD1 1 
ATOM   1405 C CD2 . LEU B 1 90 ? 1.547   7.617   -6.197  1.00 17.49 ? 90  LEU B CD2 1 
ATOM   1406 N N   . THR B 1 91 ? 5.647   11.034  -4.481  1.00 26.37 ? 91  THR B N   1 
ATOM   1407 C CA  . THR B 1 91 ? 6.027   12.350  -4.003  1.00 26.74 ? 91  THR B CA  1 
ATOM   1408 C C   . THR B 1 91 ? 6.367   13.324  -5.169  1.00 27.12 ? 91  THR B C   1 
ATOM   1409 O O   . THR B 1 91 ? 6.004   14.510  -5.139  1.00 27.01 ? 91  THR B O   1 
ATOM   1410 C CB  . THR B 1 91 ? 7.256   12.276  -2.964  1.00 28.05 ? 91  THR B CB  1 
ATOM   1411 O OG1 . THR B 1 91 ? 8.389   11.566  -3.554  1.00 36.43 ? 91  THR B OG1 1 
ATOM   1412 C CG2 . THR B 1 91 ? 6.807   11.611  -1.624  1.00 18.50 ? 91  THR B CG2 1 
ATOM   1413 N N   . GLN B 1 92 ? 7.022   12.790  -6.198  1.00 30.56 ? 92  GLN B N   1 
ATOM   1414 C CA  . GLN B 1 92 ? 7.472   13.594  -7.367  1.00 30.79 ? 92  GLN B CA  1 
ATOM   1415 C C   . GLN B 1 92 ? 6.321   14.281  -8.135  1.00 29.86 ? 92  GLN B C   1 
ATOM   1416 O O   . GLN B 1 92 ? 6.557   15.320  -8.820  1.00 29.98 ? 92  GLN B O   1 
ATOM   1417 C CB  . GLN B 1 92 ? 8.238   12.707  -8.336  1.00 25.25 ? 92  GLN B CB  1 
ATOM   1418 C CG  . GLN B 1 92 ? 9.591   12.320  -7.866  1.00 26.91 ? 92  GLN B CG  1 
ATOM   1419 C CD  . GLN B 1 92 ? 10.397  11.771  -8.985  1.00 25.02 ? 92  GLN B CD  1 
ATOM   1420 O OE1 . GLN B 1 92 ? 10.091  12.031  -10.179 1.00 35.10 ? 92  GLN B OE1 1 
ATOM   1421 N NE2 . GLN B 1 92 ? 11.450  10.994  -8.644  1.00 26.85 ? 92  GLN B NE2 1 
ATOM   1422 N N   . ILE B 1 93 ? 5.115   13.611  -8.108  1.00 29.20 ? 93  ILE B N   1 
ATOM   1423 C CA  . ILE B 1 93 ? 3.903   14.105  -8.818  1.00 27.69 ? 93  ILE B CA  1 
ATOM   1424 C C   . ILE B 1 93 ? 2.988   14.819  -7.808  1.00 26.89 ? 93  ILE B C   1 
ATOM   1425 O O   . ILE B 1 93 ? 1.864   15.193  -8.150  1.00 26.46 ? 93  ILE B O   1 
ATOM   1426 C CB  . ILE B 1 93 ? 3.089   12.957  -9.546  1.00 22.06 ? 93  ILE B CB  1 
ATOM   1427 C CG1 . ILE B 1 93 ? 2.441   12.035  -8.533  1.00 26.00 ? 93  ILE B CG1 1 
ATOM   1428 C CG2 . ILE B 1 93 ? 4.025   12.153  -10.507 1.00 24.31 ? 93  ILE B CG2 1 
ATOM   1429 C CD1 . ILE B 1 93 ? 1.542   10.914  -9.175  1.00 25.92 ? 93  ILE B CD1 1 
ATOM   1430 N N   . GLY B 1 94 ? 3.549   15.054  -6.596  1.00 26.27 ? 94  GLY B N   1 
ATOM   1431 C CA  . GLY B 1 94 ? 2.909   15.800  -5.542  1.00 27.78 ? 94  GLY B CA  1 
ATOM   1432 C C   . GLY B 1 94 ? 1.607   15.195  -5.021  1.00 27.56 ? 94  GLY B C   1 
ATOM   1433 O O   . GLY B 1 94 ? 0.628   15.894  -4.721  1.00 24.63 ? 94  GLY B O   1 
ATOM   1434 N N   . CYS B 1 95 ? 1.606   13.876  -4.940  1.00 30.20 ? 95  CYS B N   1 
ATOM   1435 C CA  . CYS B 1 95 ? 0.474   13.130  -4.445  1.00 31.42 ? 95  CYS B CA  1 
ATOM   1436 C C   . CYS B 1 95 ? 0.404   13.136  -2.891  1.00 29.50 ? 95  CYS B C   1 
ATOM   1437 O O   . CYS B 1 95 ? 1.399   12.937  -2.188  1.00 27.83 ? 95  CYS B O   1 
ATOM   1438 C CB  . CYS B 1 95 ? 0.506   11.644  -5.027  1.00 35.33 ? 95  CYS B CB  1 
ATOM   1439 S SG  . CYS B 1 95 ? -0.940  10.706  -4.497  1.00 39.54 ? 95  CYS B SG  1 
ATOM   1440 N N   . THR B 1 96 ? -0.761  13.464  -2.348  1.00 32.97 ? 96  THR B N   1 
ATOM   1441 C CA  . THR B 1 96 ? -0.911  13.417  -0.869  1.00 25.43 ? 96  THR B CA  1 
ATOM   1442 C C   . THR B 1 96 ? -2.143  12.620  -0.457  1.00 30.27 ? 96  THR B C   1 
ATOM   1443 O O   . THR B 1 96 ? -3.053  12.258  -1.271  1.00 28.47 ? 96  THR B O   1 
ATOM   1444 C CB  . THR B 1 96 ? -0.929  14.881  -0.192  1.00 22.96 ? 96  THR B CB  1 
ATOM   1445 O OG1 . THR B 1 96 ? -2.163  15.562  -0.533  1.00 20.39 ? 96  THR B OG1 1 
ATOM   1446 C CG2 . THR B 1 96 ? 0.433   15.823  -0.671  1.00 23.98 ? 96  THR B CG2 1 
ATOM   1447 N N   . LEU B 1 97 ? -2.189  12.327  0.827   1.00 28.51 ? 97  LEU B N   1 
ATOM   1448 C CA  . LEU B 1 97 ? -3.334  11.634  1.362   1.00 29.85 ? 97  LEU B CA  1 
ATOM   1449 C C   . LEU B 1 97 ? -4.069  12.706  2.191   1.00 28.16 ? 97  LEU B C   1 
ATOM   1450 O O   . LEU B 1 97 ? -3.499  13.417  3.025   1.00 29.66 ? 97  LEU B O   1 
ATOM   1451 C CB  . LEU B 1 97 ? -2.845  10.449  2.275   1.00 33.74 ? 97  LEU B CB  1 
ATOM   1452 C CG  . LEU B 1 97 ? -3.246  8.982   2.316   1.00 29.35 ? 97  LEU B CG  1 
ATOM   1453 C CD1 . LEU B 1 97 ? -3.659  8.363   0.954   1.00 31.81 ? 97  LEU B CD1 1 
ATOM   1454 C CD2 . LEU B 1 97 ? -1.946  8.276   2.960   1.00 27.45 ? 97  LEU B CD2 1 
ATOM   1455 N N   . ASN B 1 98 ? -5.350  12.792  1.950   1.00 28.12 ? 98  ASN B N   1 
ATOM   1456 C CA  . ASN B 1 98 ? -6.219  13.774  2.632   1.00 31.58 ? 98  ASN B CA  1 
ATOM   1457 C C   . ASN B 1 98 ? -7.504  13.149  3.108   1.00 30.68 ? 98  ASN B C   1 
ATOM   1458 O O   . ASN B 1 98 ? -8.100  12.251  2.507   1.00 34.78 ? 98  ASN B O   1 
ATOM   1459 C CB  . ASN B 1 98 ? -6.659  14.927  1.679   1.00 31.82 ? 98  ASN B CB  1 
ATOM   1460 C CG  . ASN B 1 98 ? -5.463  15.734  1.114   1.00 34.77 ? 98  ASN B CG  1 
ATOM   1461 O OD1 . ASN B 1 98 ? -5.034  16.755  1.744   1.00 36.20 ? 98  ASN B OD1 1 
ATOM   1462 N ND2 . ASN B 1 98 ? -4.908  15.281  -0.042  1.00 28.08 ? 98  ASN B ND2 1 
ATOM   1463 N N   . PHE B 1 99 ? -7.896  13.669  4.221   1.00 32.76 ? 99  PHE B N   1 
ATOM   1464 C CA  . PHE B 1 99 ? -9.154  13.396  4.840   1.00 38.48 ? 99  PHE B CA  1 
ATOM   1465 C C   . PHE B 1 99 ? -9.184  14.528  5.902   1.00 38.62 ? 99  PHE B C   1 
ATOM   1466 O O   . PHE B 1 99 ? -8.058  15.382  6.078   1.00 53.61 ? 99  PHE B O   1 
ATOM   1467 C CB  . PHE B 1 99 ? -9.239  11.916  5.423   1.00 28.21 ? 99  PHE B CB  1 
ATOM   1468 C CG  . PHE B 1 99 ? -8.294  11.655  6.546   1.00 34.90 ? 99  PHE B CG  1 
ATOM   1469 C CD1 . PHE B 1 99 ? -6.900  11.431  6.284   1.00 37.02 ? 99  PHE B CD1 1 
ATOM   1470 C CD2 . PHE B 1 99 ? -8.738  11.643  7.847   1.00 30.39 ? 99  PHE B CD2 1 
ATOM   1471 C CE1 . PHE B 1 99 ? -5.995  11.183  7.303   1.00 37.74 ? 99  PHE B CE1 1 
ATOM   1472 C CE2 . PHE B 1 99 ? -7.817  11.411  8.913   1.00 34.25 ? 99  PHE B CE2 1 
ATOM   1473 C CZ  . PHE B 1 99 ? -6.434  11.173  8.623   1.00 42.27 ? 99  PHE B CZ  1 
ATOM   1474 O OXT . PHE B 1 99 ? -10.300 14.220  6.675   1.00 32.62 ? 99  PHE B OXT 1 
ATOM   1475 N N   . ARG C 2 1  ? -8.135  -9.767  -0.984  1.00 60.42 ? 2   ARG P N   1 
ATOM   1476 C CA  . ARG C 2 1  ? -7.019  -9.177  -0.214  1.00 67.51 ? 2   ARG P CA  1 
ATOM   1477 C C   . ARG C 2 1  ? -5.658  -9.574  -0.752  1.00 65.85 ? 2   ARG P C   1 
ATOM   1478 O O   . ARG C 2 1  ? -5.301  -10.794 -0.768  1.00 58.03 ? 2   ARG P O   1 
ATOM   1479 C CB  . ARG C 2 1  ? -7.025  -9.621  1.231   1.00 68.55 ? 2   ARG P CB  1 
ATOM   1480 N N   . GLN C 2 2  ? -5.116  -8.471  -1.083  1.00 65.67 ? 3   GLN P N   1 
ATOM   1481 C CA  . GLN C 2 2  ? -3.768  -8.226  -1.377  1.00 61.70 ? 3   GLN P CA  1 
ATOM   1482 C C   . GLN C 2 2  ? -3.530  -6.841  -0.786  1.00 59.98 ? 3   GLN P C   1 
ATOM   1483 O O   . GLN C 2 2  ? -4.040  -5.834  -1.310  1.00 55.66 ? 3   GLN P O   1 
ATOM   1484 C CB  . GLN C 2 2  ? -3.491  -8.280  -2.871  1.00 71.57 ? 3   GLN P CB  1 
ATOM   1485 N N   . ALA C 2 3  ? -2.861  -6.890  0.336   1.00 58.98 ? 4   ALA P N   1 
ATOM   1486 C CA  . ALA C 2 3  ? -2.396  -5.734  1.054   1.00 58.99 ? 4   ALA P CA  1 
ATOM   1487 C C   . ALA C 2 3  ? -0.920  -5.580  0.710   1.00 56.34 ? 4   ALA P C   1 
ATOM   1488 O O   . ALA C 2 3  ? -0.114  -6.519  0.923   1.00 54.44 ? 4   ALA P O   1 
ATOM   1489 C CB  . ALA C 2 3  ? -2.553  -5.950  2.591   1.00 60.14 ? 4   ALA P CB  1 
ATOM   1490 N N   . ASN C 2 4  ? -0.777  -5.067  -0.632  1.00 49.37 ? 5   ASN P N   1 
ATOM   1491 C CA  . ASN C 2 4  ? 0.566   -5.115  -1.290  1.00 52.26 ? 5   ASN P CA  1 
ATOM   1492 C C   . ASN C 2 4  ? 1.665   -4.281  -0.528  1.00 53.77 ? 5   ASN P C   1 
ATOM   1493 O O   . ASN C 2 4  ? 2.591   -3.749  -1.154  1.00 65.69 ? 5   ASN P O   1 
ATOM   1494 C CB  . ASN C 2 4  ? 0.464   -4.650  -2.776  1.00 51.92 ? 5   ASN P CB  1 
ATOM   1495 C CG  . ASN C 2 4  ? -0.301  -5.718  -3.746  1.00 54.32 ? 5   ASN P CG  1 
ATOM   1496 O OD1 . ASN C 2 4  ? 0.336   -6.607  -4.408  1.00 47.70 ? 5   ASN P OD1 1 
ATOM   1497 N ND2 . ASN C 2 4  ? -1.649  -5.579  -3.837  1.00 58.70 ? 5   ASN P ND2 1 
ATOM   1498 N N   . PHE C 2 5  ? 1.745   -4.127  0.833   1.00 53.96 ? 6   PHE P N   1 
ATOM   1499 C CA  . PHE C 2 5  ? 2.756   -3.395  1.615   1.00 52.35 ? 6   PHE P CA  1 
ATOM   1500 C C   . PHE C 2 5  ? 4.235   -3.856  1.155   1.00 51.56 ? 6   PHE P C   1 
ATOM   1501 O O   . PHE C 2 5  ? 4.445   -5.004  0.678   1.00 47.35 ? 6   PHE P O   1 
ATOM   1502 C CB  . PHE C 2 5  ? 2.441   -3.575  3.118   1.00 50.02 ? 6   PHE P CB  1 
ATOM   1503 C CG  . PHE C 2 5  ? 3.641   -3.390  3.994   1.00 50.55 ? 6   PHE P CG  1 
ATOM   1504 C CD1 . PHE C 2 5  ? 3.998   -2.106  4.383   1.00 54.21 ? 6   PHE P CD1 1 
ATOM   1505 C CD2 . PHE C 2 5  ? 4.378   -4.502  4.422   1.00 56.76 ? 6   PHE P CD2 1 
ATOM   1506 C CE1 . PHE C 2 5  ? 5.099   -1.910  5.228   1.00 61.87 ? 6   PHE P CE1 1 
ATOM   1507 C CE2 . PHE C 2 5  ? 5.491   -4.313  5.260   1.00 64.45 ? 6   PHE P CE2 1 
ATOM   1508 C CZ  . PHE C 2 5  ? 5.844   -3.011  5.667   1.00 58.56 ? 6   PHE P CZ  1 
ATOM   1509 N N   . LEU C 2 6  ? 5.190   -2.929  1.329   1.00 58.22 ? 7   LEU P N   1 
ATOM   1510 C CA  . LEU C 2 6  ? 6.573   -3.013  0.764   1.00 53.81 ? 7   LEU P CA  1 
ATOM   1511 C C   . LEU C 2 6  ? 7.587   -2.040  1.393   1.00 51.79 ? 7   LEU P C   1 
ATOM   1512 O O   . LEU C 2 6  ? 7.338   -0.834  1.474   1.00 53.65 ? 7   LEU P O   1 
ATOM   1513 C CB  . LEU C 2 6  ? 6.463   -2.565  -0.633  1.00 54.81 ? 7   LEU P CB  1 
ATOM   1514 C CG  . LEU C 2 6  ? 6.101   -3.676  -1.464  1.00 51.87 ? 7   LEU P CG  1 
ATOM   1515 C CD1 . LEU C 2 6  ? 5.394   -3.236  -2.752  1.00 52.41 ? 7   LEU P CD1 1 
ATOM   1516 C CD2 . LEU C 2 6  ? 7.340   -4.422  -1.810  1.00 66.98 ? 7   LEU P CD2 1 
ATOM   1517 N N   . GLY C 2 7  ? 8.685   -2.631  1.766   1.00 58.84 ? 8   GLY P N   1 
ATOM   1518 C CA  . GLY C 2 7  ? 9.832   -1.934  2.302   1.00 65.68 ? 8   GLY P CA  1 
ATOM   1519 C C   . GLY C 2 7  ? 11.110  -2.495  1.656   1.00 71.71 ? 8   GLY P C   1 
ATOM   1520 O O   . GLY C 2 7  ? 11.233  -3.709  1.437   1.00 68.34 ? 8   GLY P O   1 
ATOM   1521 N N   . LYS C 2 8  ? 11.977  -1.582  1.130   1.00 75.51 ? 9   LYS P N   1 
ATOM   1522 C CA  . LYS C 2 8  ? 13.405  -1.960  0.911   1.00 77.81 ? 9   LYS P CA  1 
ATOM   1523 C C   . LYS C 2 8  ? 14.464  -1.387  -0.061  1.00 80.72 ? 9   LYS P C   1 
ATOM   1524 O O   . LYS C 2 8  ? 15.717  -1.348  -0.114  1.00 80.34 ? 9   LYS P O   1 
ATOM   1525 C CB  . LYS C 2 8  ? 13.619  -3.715  0.899   1.00 77.13 ? 9   LYS P CB  1 
ATOM   1526 O OXT . LYS C 2 8  ? 13.746  -0.664  -0.798  1.00 82.08 ? 9   LYS P OXT 1 
HETATM 1527 O O   . HOH D 3 .  ? 5.846   13.092  4.843   1.00 28.35 ? 100 HOH A O   1 
HETATM 1528 O O   . HOH D 3 .  ? -10.667 13.309  1.132   1.00 32.65 ? 101 HOH A O   1 
HETATM 1529 O O   . HOH D 3 .  ? -15.388 5.084   21.590  1.00 59.42 ? 102 HOH A O   1 
HETATM 1530 O O   . HOH D 3 .  ? -6.017  -1.101  -2.975  1.00 28.51 ? 103 HOH A O   1 
HETATM 1531 O O   . HOH D 3 .  ? -15.338 -3.389  6.365   1.00 32.09 ? 104 HOH A O   1 
HETATM 1532 O O   . HOH D 3 .  ? -13.404 13.589  3.409   1.00 29.83 ? 105 HOH A O   1 
HETATM 1533 O O   . HOH D 3 .  ? -13.757 0.415   22.160  1.00 31.71 ? 106 HOH A O   1 
HETATM 1534 O O   . HOH D 3 .  ? -16.502 0.091   22.499  1.00 48.11 ? 107 HOH A O   1 
HETATM 1535 O O   . HOH D 3 .  ? -11.679 -3.671  0.431   1.00 40.29 ? 108 HOH A O   1 
HETATM 1536 O O   . HOH D 3 .  ? -6.588  -6.670  -5.245  1.00 46.10 ? 109 HOH A O   1 
HETATM 1537 O O   . HOH D 3 .  ? -3.126  12.085  13.292  1.00 33.43 ? 110 HOH A O   1 
HETATM 1538 O O   . HOH D 3 .  ? -9.938  -5.708  6.419   1.00 48.78 ? 111 HOH A O   1 
HETATM 1539 O O   . HOH D 3 .  ? -6.956  8.621   17.232  1.00 48.75 ? 112 HOH A O   1 
HETATM 1540 O O   . HOH D 3 .  ? 3.117   -0.860  17.839  1.00 38.14 ? 113 HOH A O   1 
HETATM 1541 O O   . HOH D 3 .  ? 9.813   6.166   8.120   1.00 41.28 ? 114 HOH A O   1 
HETATM 1542 O O   . HOH D 3 .  ? 10.373  6.499   5.500   1.00 35.06 ? 115 HOH A O   1 
HETATM 1543 O O   . HOH D 3 .  ? -9.174  16.308  11.503  1.00 43.00 ? 116 HOH A O   1 
HETATM 1544 O O   . HOH D 3 .  ? -4.565  -14.181 25.010  1.00 57.79 ? 117 HOH A O   1 
HETATM 1545 O O   . HOH D 3 .  ? -7.697  17.123  -5.473  1.00 36.01 ? 118 HOH A O   1 
HETATM 1546 O O   . HOH D 3 .  ? -1.221  23.027  1.605   1.00 44.54 ? 119 HOH A O   1 
HETATM 1547 O O   . HOH D 3 .  ? 0.842   9.832   14.053  1.00 55.92 ? 120 HOH A O   1 
HETATM 1548 O O   . HOH D 3 .  ? -17.492 -10.080 5.581   1.00 55.92 ? 121 HOH A O   1 
HETATM 1549 O O   . HOH D 3 .  ? 2.037   -4.100  16.690  1.00 45.49 ? 122 HOH A O   1 
HETATM 1550 O O   . HOH D 3 .  ? -0.596  16.020  9.311   1.00 48.30 ? 123 HOH A O   1 
HETATM 1551 O O   . HOH D 3 .  ? -0.463  12.085  13.814  1.00 48.61 ? 124 HOH A O   1 
HETATM 1552 O O   . HOH D 3 .  ? -1.273  -0.073  23.844  1.00 45.85 ? 125 HOH A O   1 
HETATM 1553 O O   . HOH D 3 .  ? -19.777 -12.664 18.408  1.00 53.53 ? 126 HOH A O   1 
HETATM 1554 O O   . HOH D 3 .  ? -21.473 -0.635  3.809   1.00 40.47 ? 127 HOH A O   1 
HETATM 1555 O O   . HOH D 3 .  ? 11.050  5.754   12.323  1.00 54.30 ? 128 HOH A O   1 
HETATM 1556 O O   . HOH D 3 .  ? -2.228  20.847  -1.373  1.00 52.47 ? 129 HOH A O   1 
HETATM 1557 O O   . HOH D 3 .  ? -1.846  21.122  5.506   1.00 46.91 ? 130 HOH A O   1 
HETATM 1558 O O   . HOH D 3 .  ? -15.228 4.607   19.211  1.00 59.19 ? 131 HOH A O   1 
HETATM 1559 O O   . HOH D 3 .  ? 3.467   -4.249  19.722  1.00 51.64 ? 132 HOH A O   1 
HETATM 1560 O O   . HOH D 3 .  ? -5.910  10.913  17.640  1.00 56.27 ? 133 HOH A O   1 
HETATM 1561 O O   . HOH D 3 .  ? -2.145  19.661  8.705   1.00 54.52 ? 134 HOH A O   1 
HETATM 1562 O O   . HOH D 3 .  ? -5.439  15.991  19.344  1.00 52.27 ? 135 HOH A O   1 
HETATM 1563 O O   . HOH D 3 .  ? 7.249   7.430   9.218   1.00 43.91 ? 136 HOH A O   1 
HETATM 1564 O O   . HOH D 3 .  ? -12.078 0.931   20.419  1.00 61.00 ? 137 HOH A O   1 
HETATM 1565 O O   . HOH D 3 .  ? -6.233  15.114  13.303  1.00 50.05 ? 138 HOH A O   1 
HETATM 1566 O O   . HOH D 3 .  ? -3.366  13.867  18.263  1.00 49.61 ? 139 HOH A O   1 
HETATM 1567 O O   . HOH D 3 .  ? -1.507  14.785  14.275  1.00 47.33 ? 140 HOH A O   1 
HETATM 1568 O O   . HOH D 3 .  ? -13.061 16.253  2.806   1.00 48.07 ? 141 HOH A O   1 
HETATM 1569 O O   . HOH D 3 .  ? -10.393 16.141  1.868   1.00 50.49 ? 142 HOH A O   1 
HETATM 1570 O O   . HOH D 3 .  ? 3.527   11.388  12.737  1.00 47.26 ? 143 HOH A O   1 
HETATM 1571 O O   . HOH D 3 .  ? 10.214  8.885   -0.124  1.00 51.13 ? 144 HOH A O   1 
HETATM 1572 O O   . HOH D 3 .  ? -18.301 -13.301 11.119  1.00 49.08 ? 145 HOH A O   1 
HETATM 1573 O O   . HOH D 3 .  ? 3.634   -1.914  25.286  1.00 50.18 ? 146 HOH A O   1 
HETATM 1574 O O   . HOH D 3 .  ? 1.665   -6.746  24.306  1.00 49.92 ? 147 HOH A O   1 
HETATM 1575 O O   . HOH D 3 .  ? 7.886   -0.951  25.138  1.00 49.38 ? 148 HOH A O   1 
HETATM 1576 O O   . HOH D 3 .  ? -14.807 2.522   20.584  1.00 52.36 ? 149 HOH A O   1 
HETATM 1577 O O   . HOH D 3 .  ? -17.537 -16.880 3.433   1.00 49.47 ? 150 HOH A O   1 
HETATM 1578 O O   . HOH D 3 .  ? -1.058  -6.033  20.503  1.00 49.55 ? 151 HOH A O   1 
HETATM 1579 O O   . HOH D 3 .  ? -1.608  -7.891  22.083  1.00 47.78 ? 152 HOH A O   1 
HETATM 1580 O O   . HOH E 3 .  ? 4.958   3.792   2.814   1.00 27.67 ? 100 HOH B O   1 
HETATM 1581 O O   . HOH E 3 .  ? 4.111   17.628  -14.478 1.00 29.00 ? 101 HOH B O   1 
HETATM 1582 O O   . HOH E 3 .  ? -1.008  -3.714  -17.546 1.00 30.26 ? 102 HOH B O   1 
HETATM 1583 O O   . HOH E 3 .  ? 13.593  7.464   -6.883  1.00 28.94 ? 103 HOH B O   1 
HETATM 1584 O O   . HOH E 3 .  ? 5.900   1.208   3.432   1.00 36.74 ? 104 HOH B O   1 
HETATM 1585 O O   . HOH E 3 .  ? -6.402  18.368  3.646   1.00 45.19 ? 105 HOH B O   1 
HETATM 1586 O O   . HOH E 3 .  ? 4.828   -4.644  -15.963 1.00 36.51 ? 106 HOH B O   1 
HETATM 1587 O O   . HOH E 3 .  ? -12.235 7.202   -0.651  1.00 32.73 ? 107 HOH B O   1 
HETATM 1588 O O   . HOH E 3 .  ? 11.353  2.159   -6.617  1.00 37.45 ? 108 HOH B O   1 
HETATM 1589 O O   . HOH E 3 .  ? -4.965  17.208  -12.817 1.00 49.91 ? 109 HOH B O   1 
HETATM 1590 O O   . HOH E 3 .  ? 10.258  5.654   -19.817 1.00 38.49 ? 110 HOH B O   1 
HETATM 1591 O O   . HOH E 3 .  ? 8.803   11.825  -17.069 1.00 38.99 ? 111 HOH B O   1 
HETATM 1592 O O   . HOH E 3 .  ? -9.235  4.662   -9.655  1.00 45.03 ? 112 HOH B O   1 
HETATM 1593 O O   . HOH E 3 .  ? 15.677  11.249  -11.379 1.00 45.08 ? 113 HOH B O   1 
HETATM 1594 O O   . HOH E 3 .  ? 8.773   -6.143  -21.799 1.00 38.01 ? 114 HOH B O   1 
HETATM 1595 O O   . HOH E 3 .  ? -4.940  8.307   -15.048 1.00 40.30 ? 115 HOH B O   1 
HETATM 1596 O O   . HOH E 3 .  ? 12.250  -13.705 -5.828  1.00 43.86 ? 116 HOH B O   1 
HETATM 1597 O O   . HOH E 3 .  ? -11.337 -2.656  -7.071  1.00 33.15 ? 117 HOH B O   1 
HETATM 1598 O O   . HOH E 3 .  ? 3.615   13.728  -1.081  1.00 35.92 ? 118 HOH B O   1 
HETATM 1599 O O   . HOH E 3 .  ? -11.003 -2.616  -9.326  1.00 38.98 ? 119 HOH B O   1 
HETATM 1600 O O   . HOH E 3 .  ? -9.707  3.958   -6.711  1.00 37.61 ? 120 HOH B O   1 
HETATM 1601 O O   . HOH E 3 .  ? 4.896   16.513  -2.243  1.00 55.84 ? 121 HOH B O   1 
HETATM 1602 O O   . HOH E 3 .  ? -6.572  6.595   -15.218 1.00 39.21 ? 122 HOH B O   1 
HETATM 1603 O O   . HOH E 3 .  ? -11.997 -3.886  -5.348  1.00 56.45 ? 123 HOH B O   1 
HETATM 1604 O O   . HOH E 3 .  ? 11.861  9.979   -5.873  1.00 40.82 ? 124 HOH B O   1 
HETATM 1605 O O   . HOH E 3 .  ? 12.825  -9.805  -12.298 1.00 45.57 ? 125 HOH B O   1 
HETATM 1606 O O   . HOH E 3 .  ? 10.197  13.329  -18.195 1.00 48.93 ? 126 HOH B O   1 
HETATM 1607 O O   . HOH E 3 .  ? -14.225 -0.912  -0.075  1.00 41.69 ? 127 HOH B O   1 
HETATM 1608 O O   . HOH E 3 .  ? 6.033   -10.628 -13.162 1.00 38.55 ? 128 HOH B O   1 
HETATM 1609 O O   . HOH E 3 .  ? 12.029  12.613  -19.446 1.00 54.35 ? 129 HOH B O   1 
HETATM 1610 O O   . HOH E 3 .  ? 21.131  1.793   -4.589  1.00 41.78 ? 130 HOH B O   1 
HETATM 1611 O O   . HOH E 3 .  ? 10.784  6.062   -0.682  1.00 43.53 ? 131 HOH B O   1 
HETATM 1612 O O   . HOH E 3 .  ? 16.560  10.976  -7.707  1.00 61.55 ? 132 HOH B O   1 
HETATM 1613 O O   . HOH E 3 .  ? 7.284   -13.498 -17.017 1.00 45.75 ? 133 HOH B O   1 
HETATM 1614 O O   . HOH E 3 .  ? 20.512  2.104   -13.779 1.00 57.11 ? 134 HOH B O   1 
HETATM 1615 O O   . HOH E 3 .  ? 0.795   18.998  -5.183  1.00 45.67 ? 135 HOH B O   1 
HETATM 1616 O O   . HOH E 3 .  ? 6.690   -10.494 7.478   1.00 58.55 ? 136 HOH B O   1 
HETATM 1617 O O   . HOH E 3 .  ? -0.193  9.106   -18.082 1.00 55.07 ? 137 HOH B O   1 
HETATM 1618 O O   . HOH E 3 .  ? 9.992   -13.976 3.465   1.00 52.30 ? 138 HOH B O   1 
HETATM 1619 O O   . HOH E 3 .  ? -12.390 8.190   -7.502  1.00 44.50 ? 139 HOH B O   1 
HETATM 1620 O O   . HOH E 3 .  ? 17.726  6.295   -2.337  1.00 43.95 ? 140 HOH B O   1 
HETATM 1621 O O   . HOH E 3 .  ? 11.204  2.736   -24.552 1.00 47.74 ? 141 HOH B O   1 
HETATM 1622 O O   . HOH E 3 .  ? -13.144 -2.839  -12.178 1.00 49.61 ? 142 HOH B O   1 
HETATM 1623 O O   . HOH E 3 .  ? -17.898 3.478   3.074   1.00 50.52 ? 143 HOH B O   1 
HETATM 1624 O O   . HOH E 3 .  ? 1.456   -0.173  -24.888 1.00 51.65 ? 144 HOH B O   1 
HETATM 1625 O O   . HOH E 3 .  ? -7.204  -4.817  -19.245 1.00 45.31 ? 145 HOH B O   1 
HETATM 1626 O O   . HOH E 3 .  ? 21.872  -3.967  -19.251 1.00 49.05 ? 146 HOH B O   1 
HETATM 1627 O O   . HOH E 3 .  ? 8.011   -15.274 4.620   1.00 48.43 ? 147 HOH B O   1 
HETATM 1628 O O   . HOH E 3 .  ? 15.348  -10.931 -10.994 1.00 52.16 ? 148 HOH B O   1 
HETATM 1629 O O   . HOH E 3 .  ? 16.150  -9.550  -16.865 1.00 46.89 ? 149 HOH B O   1 
HETATM 1630 O O   . HOH E 3 .  ? 22.423  8.496   -13.446 1.00 51.36 ? 150 HOH B O   1 
HETATM 1631 O O   . HOH E 3 .  ? 12.569  4.503   2.125   1.00 51.11 ? 151 HOH B O   1 
HETATM 1632 O O   . HOH E 3 .  ? 6.438   -12.659 6.580   1.00 49.88 ? 152 HOH B O   1 
HETATM 1633 O O   . HOH E 3 .  ? 16.480  2.797   -3.693  1.00 51.20 ? 153 HOH B O   1 
HETATM 1634 O O   . HOH E 3 .  ? -9.434  19.965  3.930   1.00 50.86 ? 154 HOH B O   1 
HETATM 1635 O O   . HOH E 3 .  ? 7.064   19.174  -7.306  1.00 44.20 ? 155 HOH B O   1 
HETATM 1636 O O   . HOH E 3 .  ? 3.865   19.102  -8.656  1.00 50.03 ? 156 HOH B O   1 
HETATM 1637 O O   . HOH F 3 .  ? 2.964   -6.761  0.594   1.00 39.96 ? 25  HOH P O   1 
HETATM 1638 O O   . HOH F 3 .  ? 9.873   -4.458  5.104   1.00 56.04 ? 93  HOH P O   1 
# 
loop_
_pdbx_poly_seq_scheme.asym_id 
_pdbx_poly_seq_scheme.entity_id 
_pdbx_poly_seq_scheme.seq_id 
_pdbx_poly_seq_scheme.mon_id 
_pdbx_poly_seq_scheme.ndb_seq_num 
_pdbx_poly_seq_scheme.pdb_seq_num 
_pdbx_poly_seq_scheme.auth_seq_num 
_pdbx_poly_seq_scheme.pdb_mon_id 
_pdbx_poly_seq_scheme.auth_mon_id 
_pdbx_poly_seq_scheme.pdb_strand_id 
_pdbx_poly_seq_scheme.pdb_ins_code 
_pdbx_poly_seq_scheme.hetero 
A 1 1  PRO 1  1  1  PRO PRO A . n 
A 1 2  GLN 2  2  2  GLN GLN A . n 
A 1 3  ILE 3  3  3  ILE ILE A . n 
A 1 4  THR 4  4  4  THR THR A . n 
A 1 5  LEU 5  5  5  LEU LEU A . n 
A 1 6  TRP 6  6  6  TRP TRP A . n 
A 1 7  LYS 7  7  7  LYS ALA A . n 
A 1 8  ARG 8  8  8  ARG ARG A . n 
A 1 9  PRO 9  9  9  PRO PRO A . n 
A 1 10 LEU 10 10 10 LEU LEU A . n 
A 1 11 VAL 11 11 11 VAL VAL A . n 
A 1 12 THR 12 12 12 THR THR A . n 
A 1 13 ILE 13 13 13 ILE ILE A . n 
A 1 14 ARG 14 14 14 ARG ARG A . n 
A 1 15 ILE 15 15 15 ILE ILE A . n 
A 1 16 GLY 16 16 16 GLY GLY A . n 
A 1 17 GLY 17 17 17 GLY GLY A . n 
A 1 18 GLN 18 18 18 GLN GLN A . n 
A 1 19 LEU 19 19 19 LEU ALA A . n 
A 1 20 LYS 20 20 20 LYS ALA A . n 
A 1 21 GLU 21 21 21 GLU GLU A . n 
A 1 22 ALA 22 22 22 ALA ALA A . n 
A 1 23 LEU 23 23 23 LEU LEU A . n 
A 1 24 LEU 24 24 24 LEU LEU A . n 
A 1 25 ASN 25 25 25 ASN ASN A . n 
A 1 26 THR 26 26 26 THR THR A . n 
A 1 27 GLY 27 27 27 GLY GLY A . n 
A 1 28 ALA 28 28 28 ALA ALA A . n 
A 1 29 ASP 29 29 29 ASP ASP A . n 
A 1 30 ASP 30 30 30 ASP ASP A . n 
A 1 31 THR 31 31 31 THR THR A . n 
A 1 32 VAL 32 32 32 VAL VAL A . n 
A 1 33 LEU 33 33 33 LEU LEU A . n 
A 1 34 GLU 34 34 34 GLU GLU A . n 
A 1 35 GLU 35 35 35 GLU GLU A . n 
A 1 36 MET 36 36 36 MET MET A . n 
A 1 37 ASN 37 37 37 ASN ASN A . n 
A 1 38 LEU 38 38 38 LEU LEU A . n 
A 1 39 PRO 39 39 39 PRO PRO A . n 
A 1 40 GLY 40 40 40 GLY GLY A . n 
A 1 41 LYS 41 41 41 LYS ALA A . n 
A 1 42 TRP 42 42 42 TRP TRP A . n 
A 1 43 LYS 43 43 43 LYS LYS A . n 
A 1 44 PRO 44 44 44 PRO PRO A . n 
A 1 45 LYS 45 45 45 LYS LYS A . n 
A 1 46 MET 46 46 46 MET MET A . n 
A 1 47 ILE 47 47 47 ILE ILE A . n 
A 1 48 GLY 48 48 48 GLY GLY A . n 
A 1 49 GLY 49 49 49 GLY GLY A . n 
A 1 50 ILE 50 50 50 ILE ILE A . n 
A 1 51 GLY 51 51 51 GLY GLY A . n 
A 1 52 GLY 52 52 52 GLY GLY A . n 
A 1 53 PHE 53 53 53 PHE PHE A . n 
A 1 54 ILE 54 54 54 ILE ILE A . n 
A 1 55 LYS 55 55 55 LYS LYS A . n 
A 1 56 VAL 56 56 56 VAL VAL A . n 
A 1 57 ARG 57 57 57 ARG ARG A . n 
A 1 58 GLN 58 58 58 GLN GLN A . n 
A 1 59 TYR 59 59 59 TYR TYR A . n 
A 1 60 ASP 60 60 60 ASP ASP A . n 
A 1 61 GLN 61 61 61 GLN GLN A . n 
A 1 62 ILE 62 62 62 ILE ILE A . n 
A 1 63 PRO 63 63 63 PRO PRO A . n 
A 1 64 VAL 64 64 64 VAL VAL A . n 
A 1 65 GLU 65 65 65 GLU GLU A . n 
A 1 66 ILE 66 66 66 ILE ILE A . n 
A 1 67 CYS 67 67 67 CYS CYS A . n 
A 1 68 GLY 68 68 68 GLY GLY A . n 
A 1 69 HIS 69 69 69 HIS HIS A . n 
A 1 70 LYS 70 70 70 LYS ALA A . n 
A 1 71 ALA 71 71 71 ALA ALA A . n 
A 1 72 ILE 72 72 72 ILE ILE A . n 
A 1 73 GLY 73 73 73 GLY GLY A . n 
A 1 74 THR 74 74 74 THR THR A . n 
A 1 75 VAL 75 75 75 VAL VAL A . n 
A 1 76 LEU 76 76 76 LEU LEU A . n 
A 1 77 VAL 77 77 77 VAL VAL A . n 
A 1 78 GLY 78 78 78 GLY GLY A . n 
A 1 79 PRO 79 79 79 PRO PRO A . n 
A 1 80 THR 80 80 80 THR THR A . n 
A 1 81 PRO 81 81 81 PRO PRO A . n 
A 1 82 VAL 82 82 82 VAL VAL A . n 
A 1 83 ASN 83 83 83 ASN ASN A . n 
A 1 84 ILE 84 84 84 ILE ILE A . n 
A 1 85 ILE 85 85 85 ILE ILE A . n 
A 1 86 GLY 86 86 86 GLY GLY A . n 
A 1 87 ARG 87 87 87 ARG ARG A . n 
A 1 88 ASN 88 88 88 ASN ASN A . n 
A 1 89 LEU 89 89 89 LEU LEU A . n 
A 1 90 LEU 90 90 90 LEU LEU A . n 
A 1 91 THR 91 91 91 THR THR A . n 
A 1 92 GLN 92 92 92 GLN GLN A . n 
A 1 93 ILE 93 93 93 ILE ILE A . n 
A 1 94 GLY 94 94 94 GLY GLY A . n 
A 1 95 CYS 95 95 95 CYS CYS A . n 
A 1 96 THR 96 96 96 THR THR A . n 
A 1 97 LEU 97 97 97 LEU LEU A . n 
A 1 98 ASN 98 98 98 ASN ASN A . n 
A 1 99 PHE 99 99 99 PHE PHE A . n 
B 1 1  PRO 1  1  1  PRO PRO B . n 
B 1 2  GLN 2  2  2  GLN GLN B . n 
B 1 3  ILE 3  3  3  ILE ILE B . n 
B 1 4  THR 4  4  4  THR THR B . n 
B 1 5  LEU 5  5  5  LEU LEU B . n 
B 1 6  TRP 6  6  6  TRP TRP B . n 
B 1 7  LYS 7  7  7  LYS ALA B . n 
B 1 8  ARG 8  8  8  ARG ARG B . n 
B 1 9  PRO 9  9  9  PRO PRO B . n 
B 1 10 LEU 10 10 10 LEU LEU B . n 
B 1 11 VAL 11 11 11 VAL VAL B . n 
B 1 12 THR 12 12 12 THR THR B . n 
B 1 13 ILE 13 13 13 ILE ILE B . n 
B 1 14 ARG 14 14 14 ARG ARG B . n 
B 1 15 ILE 15 15 15 ILE ILE B . n 
B 1 16 GLY 16 16 16 GLY GLY B . n 
B 1 17 GLY 17 17 17 GLY GLY B . n 
B 1 18 GLN 18 18 18 GLN GLN B . n 
B 1 19 LEU 19 19 19 LEU LEU B . n 
B 1 20 LYS 20 20 20 LYS LYS B . n 
B 1 21 GLU 21 21 21 GLU GLU B . n 
B 1 22 ALA 22 22 22 ALA ALA B . n 
B 1 23 LEU 23 23 23 LEU LEU B . n 
B 1 24 LEU 24 24 24 LEU LEU B . n 
B 1 25 ASN 25 25 25 ASN ASN B . n 
B 1 26 THR 26 26 26 THR THR B . n 
B 1 27 GLY 27 27 27 GLY GLY B . n 
B 1 28 ALA 28 28 28 ALA ALA B . n 
B 1 29 ASP 29 29 29 ASP ASP B . n 
B 1 30 ASP 30 30 30 ASP ASP B . n 
B 1 31 THR 31 31 31 THR THR B . n 
B 1 32 VAL 32 32 32 VAL VAL B . n 
B 1 33 LEU 33 33 33 LEU LEU B . n 
B 1 34 GLU 34 34 34 GLU GLU B . n 
B 1 35 GLU 35 35 35 GLU GLU B . n 
B 1 36 MET 36 36 36 MET MET B . n 
B 1 37 ASN 37 37 37 ASN ASN B . n 
B 1 38 LEU 38 38 38 LEU LEU B . n 
B 1 39 PRO 39 39 39 PRO PRO B . n 
B 1 40 GLY 40 40 40 GLY GLY B . n 
B 1 41 LYS 41 41 41 LYS ALA B . n 
B 1 42 TRP 42 42 42 TRP TRP B . n 
B 1 43 LYS 43 43 43 LYS ALA B . n 
B 1 44 PRO 44 44 44 PRO PRO B . n 
B 1 45 LYS 45 45 45 LYS ALA B . n 
B 1 46 MET 46 46 46 MET MET B . n 
B 1 47 ILE 47 47 47 ILE ILE B . n 
B 1 48 GLY 48 48 48 GLY GLY B . n 
B 1 49 GLY 49 49 49 GLY GLY B . n 
B 1 50 ILE 50 50 50 ILE ALA B . n 
B 1 51 GLY 51 51 51 GLY GLY B . n 
B 1 52 GLY 52 52 52 GLY GLY B . n 
B 1 53 PHE 53 53 53 PHE PHE B . n 
B 1 54 ILE 54 54 54 ILE ILE B . n 
B 1 55 LYS 55 55 55 LYS LYS B . n 
B 1 56 VAL 56 56 56 VAL VAL B . n 
B 1 57 ARG 57 57 57 ARG ARG B . n 
B 1 58 GLN 58 58 58 GLN GLN B . n 
B 1 59 TYR 59 59 59 TYR TYR B . n 
B 1 60 ASP 60 60 60 ASP ASP B . n 
B 1 61 GLN 61 61 61 GLN GLN B . n 
B 1 62 ILE 62 62 62 ILE ILE B . n 
B 1 63 PRO 63 63 63 PRO PRO B . n 
B 1 64 VAL 64 64 64 VAL VAL B . n 
B 1 65 GLU 65 65 65 GLU GLU B . n 
B 1 66 ILE 66 66 66 ILE ILE B . n 
B 1 67 CYS 67 67 67 CYS CYS B . n 
B 1 68 GLY 68 68 68 GLY GLY B . n 
B 1 69 HIS 69 69 69 HIS HIS B . n 
B 1 70 LYS 70 70 70 LYS ALA B . n 
B 1 71 ALA 71 71 71 ALA ALA B . n 
B 1 72 ILE 72 72 72 ILE ILE B . n 
B 1 73 GLY 73 73 73 GLY GLY B . n 
B 1 74 THR 74 74 74 THR THR B . n 
B 1 75 VAL 75 75 75 VAL VAL B . n 
B 1 76 LEU 76 76 76 LEU LEU B . n 
B 1 77 VAL 77 77 77 VAL VAL B . n 
B 1 78 GLY 78 78 78 GLY GLY B . n 
B 1 79 PRO 79 79 79 PRO PRO B . n 
B 1 80 THR 80 80 80 THR THR B . n 
B 1 81 PRO 81 81 81 PRO PRO B . n 
B 1 82 VAL 82 82 82 VAL VAL B . n 
B 1 83 ASN 83 83 83 ASN ASN B . n 
B 1 84 ILE 84 84 84 ILE ILE B . n 
B 1 85 ILE 85 85 85 ILE ILE B . n 
B 1 86 GLY 86 86 86 GLY GLY B . n 
B 1 87 ARG 87 87 87 ARG ARG B . n 
B 1 88 ASN 88 88 88 ASN ASN B . n 
B 1 89 LEU 89 89 89 LEU LEU B . n 
B 1 90 LEU 90 90 90 LEU LEU B . n 
B 1 91 THR 91 91 91 THR THR B . n 
B 1 92 GLN 92 92 92 GLN GLN B . n 
B 1 93 ILE 93 93 93 ILE ILE B . n 
B 1 94 GLY 94 94 94 GLY GLY B . n 
B 1 95 CYS 95 95 95 CYS CYS B . n 
B 1 96 THR 96 96 96 THR THR B . n 
B 1 97 LEU 97 97 97 LEU LEU B . n 
B 1 98 ASN 98 98 98 ASN ASN B . n 
B 1 99 PHE 99 99 99 PHE PHE B . n 
C 2 1  ARG 1  2  2  ARG ALA P . n 
C 2 2  GLN 2  3  3  GLN ALA P . n 
C 2 3  ALA 3  4  4  ALA ALA P . n 
C 2 4  ASN 4  5  5  ASN ASN P . n 
C 2 5  PHE 5  6  6  PHE PHE P . n 
C 2 6  LEU 6  7  7  LEU LEU P . n 
C 2 7  GLY 7  8  8  GLY GLY P . n 
C 2 8  LYS 8  9  9  LYS ALA P . n 
# 
loop_
_pdbx_nonpoly_scheme.asym_id 
_pdbx_nonpoly_scheme.entity_id 
_pdbx_nonpoly_scheme.mon_id 
_pdbx_nonpoly_scheme.ndb_seq_num 
_pdbx_nonpoly_scheme.pdb_seq_num 
_pdbx_nonpoly_scheme.auth_seq_num 
_pdbx_nonpoly_scheme.pdb_mon_id 
_pdbx_nonpoly_scheme.auth_mon_id 
_pdbx_nonpoly_scheme.pdb_strand_id 
_pdbx_nonpoly_scheme.pdb_ins_code 
D 3 HOH 1  100 2   HOH HOH A . 
D 3 HOH 2  101 3   HOH HOH A . 
D 3 HOH 3  102 5   HOH HOH A . 
D 3 HOH 4  103 6   HOH HOH A . 
D 3 HOH 5  104 13  HOH HOH A . 
D 3 HOH 6  105 14  HOH HOH A . 
D 3 HOH 7  106 16  HOH HOH A . 
D 3 HOH 8  107 19  HOH HOH A . 
D 3 HOH 9  108 23  HOH HOH A . 
D 3 HOH 10 109 24  HOH HOH A . 
D 3 HOH 11 110 27  HOH HOH A . 
D 3 HOH 12 111 30  HOH HOH A . 
D 3 HOH 13 112 33  HOH HOH A . 
D 3 HOH 14 113 37  HOH HOH A . 
D 3 HOH 15 114 38  HOH HOH A . 
D 3 HOH 16 115 39  HOH HOH A . 
D 3 HOH 17 116 44  HOH HOH A . 
D 3 HOH 18 117 51  HOH HOH A . 
D 3 HOH 19 118 52  HOH HOH A . 
D 3 HOH 20 119 55  HOH HOH A . 
D 3 HOH 21 120 62  HOH HOH A . 
D 3 HOH 22 121 64  HOH HOH A . 
D 3 HOH 23 122 65  HOH HOH A . 
D 3 HOH 24 123 68  HOH HOH A . 
D 3 HOH 25 124 70  HOH HOH A . 
D 3 HOH 26 125 71  HOH HOH A . 
D 3 HOH 27 126 73  HOH HOH A . 
D 3 HOH 28 127 74  HOH HOH A . 
D 3 HOH 29 128 75  HOH HOH A . 
D 3 HOH 30 129 89  HOH HOH A . 
D 3 HOH 31 130 90  HOH HOH A . 
D 3 HOH 32 131 91  HOH HOH A . 
D 3 HOH 33 132 92  HOH HOH A . 
D 3 HOH 34 133 94  HOH HOH A . 
D 3 HOH 35 134 95  HOH HOH A . 
D 3 HOH 36 135 96  HOH HOH A . 
D 3 HOH 37 136 97  HOH HOH A . 
D 3 HOH 38 137 98  HOH HOH A . 
D 3 HOH 39 138 101 HOH HOH A . 
D 3 HOH 40 139 102 HOH HOH A . 
D 3 HOH 41 140 103 HOH HOH A . 
D 3 HOH 42 141 104 HOH HOH A . 
D 3 HOH 43 142 105 HOH HOH A . 
D 3 HOH 44 143 107 HOH HOH A . 
D 3 HOH 45 144 108 HOH HOH A . 
D 3 HOH 46 145 109 HOH HOH A . 
D 3 HOH 47 146 110 HOH HOH A . 
D 3 HOH 48 147 111 HOH HOH A . 
D 3 HOH 49 148 112 HOH HOH A . 
D 3 HOH 50 149 113 HOH HOH A . 
D 3 HOH 51 150 114 HOH HOH A . 
D 3 HOH 52 151 115 HOH HOH A . 
D 3 HOH 53 152 116 HOH HOH A . 
E 3 HOH 1  100 1   HOH HOH B . 
E 3 HOH 2  101 4   HOH HOH B . 
E 3 HOH 3  102 7   HOH HOH B . 
E 3 HOH 4  103 8   HOH HOH B . 
E 3 HOH 5  104 9   HOH HOH B . 
E 3 HOH 6  105 10  HOH HOH B . 
E 3 HOH 7  106 11  HOH HOH B . 
E 3 HOH 8  107 12  HOH HOH B . 
E 3 HOH 9  108 15  HOH HOH B . 
E 3 HOH 10 109 17  HOH HOH B . 
E 3 HOH 11 110 18  HOH HOH B . 
E 3 HOH 12 111 20  HOH HOH B . 
E 3 HOH 13 112 21  HOH HOH B . 
E 3 HOH 14 113 22  HOH HOH B . 
E 3 HOH 15 114 26  HOH HOH B . 
E 3 HOH 16 115 28  HOH HOH B . 
E 3 HOH 17 116 29  HOH HOH B . 
E 3 HOH 18 117 31  HOH HOH B . 
E 3 HOH 19 118 32  HOH HOH B . 
E 3 HOH 20 119 36  HOH HOH B . 
E 3 HOH 21 120 40  HOH HOH B . 
E 3 HOH 22 121 41  HOH HOH B . 
E 3 HOH 23 122 42  HOH HOH B . 
E 3 HOH 24 123 43  HOH HOH B . 
E 3 HOH 25 124 45  HOH HOH B . 
E 3 HOH 26 125 46  HOH HOH B . 
E 3 HOH 27 126 47  HOH HOH B . 
E 3 HOH 28 127 48  HOH HOH B . 
E 3 HOH 29 128 49  HOH HOH B . 
E 3 HOH 30 129 50  HOH HOH B . 
E 3 HOH 31 130 53  HOH HOH B . 
E 3 HOH 32 131 54  HOH HOH B . 
E 3 HOH 33 132 56  HOH HOH B . 
E 3 HOH 34 133 58  HOH HOH B . 
E 3 HOH 35 134 59  HOH HOH B . 
E 3 HOH 36 135 60  HOH HOH B . 
E 3 HOH 37 136 66  HOH HOH B . 
E 3 HOH 38 137 67  HOH HOH B . 
E 3 HOH 39 138 69  HOH HOH B . 
E 3 HOH 40 139 72  HOH HOH B . 
E 3 HOH 41 140 76  HOH HOH B . 
E 3 HOH 42 141 77  HOH HOH B . 
E 3 HOH 43 142 78  HOH HOH B . 
E 3 HOH 44 143 79  HOH HOH B . 
E 3 HOH 45 144 80  HOH HOH B . 
E 3 HOH 46 145 81  HOH HOH B . 
E 3 HOH 47 146 83  HOH HOH B . 
E 3 HOH 48 147 84  HOH HOH B . 
E 3 HOH 49 148 85  HOH HOH B . 
E 3 HOH 50 149 86  HOH HOH B . 
E 3 HOH 51 150 87  HOH HOH B . 
E 3 HOH 52 151 88  HOH HOH B . 
E 3 HOH 53 152 99  HOH HOH B . 
E 3 HOH 54 153 100 HOH HOH B . 
E 3 HOH 55 154 106 HOH HOH B . 
E 3 HOH 56 155 117 HOH HOH B . 
E 3 HOH 57 156 118 HOH HOH B . 
F 3 HOH 1  25  25  HOH HOH P . 
F 3 HOH 2  93  93  HOH HOH P . 
# 
_pdbx_struct_assembly.id                   1 
_pdbx_struct_assembly.details              author_and_software_defined_assembly 
_pdbx_struct_assembly.method_details       PISA 
_pdbx_struct_assembly.oligomeric_details   trimeric 
_pdbx_struct_assembly.oligomeric_count     3 
# 
_pdbx_struct_assembly_gen.assembly_id       1 
_pdbx_struct_assembly_gen.oper_expression   1 
_pdbx_struct_assembly_gen.asym_id_list      A,B,C,D,E,F 
# 
loop_
_pdbx_struct_assembly_prop.biol_id 
_pdbx_struct_assembly_prop.type 
_pdbx_struct_assembly_prop.value 
_pdbx_struct_assembly_prop.details 
1 'ABSA (A^2)' 5000 ? 
1 MORE         -30  ? 
1 'SSA (A^2)'  9010 ? 
# 
_pdbx_struct_oper_list.id                   1 
_pdbx_struct_oper_list.type                 'identity operation' 
_pdbx_struct_oper_list.name                 1_555 
_pdbx_struct_oper_list.symmetry_operation   x,y,z 
_pdbx_struct_oper_list.matrix[1][1]         1.0000000000 
_pdbx_struct_oper_list.matrix[1][2]         0.0000000000 
_pdbx_struct_oper_list.matrix[1][3]         0.0000000000 
_pdbx_struct_oper_list.vector[1]            0.0000000000 
_pdbx_struct_oper_list.matrix[2][1]         0.0000000000 
_pdbx_struct_oper_list.matrix[2][2]         1.0000000000 
_pdbx_struct_oper_list.matrix[2][3]         0.0000000000 
_pdbx_struct_oper_list.vector[2]            0.0000000000 
_pdbx_struct_oper_list.matrix[3][1]         0.0000000000 
_pdbx_struct_oper_list.matrix[3][2]         0.0000000000 
_pdbx_struct_oper_list.matrix[3][3]         1.0000000000 
_pdbx_struct_oper_list.vector[3]            0.0000000000 
# 
loop_
_pdbx_audit_revision_history.ordinal 
_pdbx_audit_revision_history.data_content_type 
_pdbx_audit_revision_history.major_revision 
_pdbx_audit_revision_history.minor_revision 
_pdbx_audit_revision_history.revision_date 
1 'Structure model' 1 0 2005-03-29 
2 'Structure model' 1 1 2008-04-30 
3 'Structure model' 1 2 2011-07-13 
4 'Structure model' 1 3 2017-10-11 
5 'Structure model' 1 4 2021-10-27 
6 'Structure model' 1 5 2023-08-23 
# 
_pdbx_audit_revision_details.ordinal             1 
_pdbx_audit_revision_details.revision_ordinal    1 
_pdbx_audit_revision_details.data_content_type   'Structure model' 
_pdbx_audit_revision_details.provider            repository 
_pdbx_audit_revision_details.type                'Initial release' 
_pdbx_audit_revision_details.description         ? 
_pdbx_audit_revision_details.details             ? 
# 
loop_
_pdbx_audit_revision_group.ordinal 
_pdbx_audit_revision_group.revision_ordinal 
_pdbx_audit_revision_group.data_content_type 
_pdbx_audit_revision_group.group 
1 2 'Structure model' 'Version format compliance' 
2 3 'Structure model' 'Version format compliance' 
3 4 'Structure model' 'Refinement description'    
4 5 'Structure model' 'Database references'       
5 6 'Structure model' 'Data collection'           
6 6 'Structure model' 'Refinement description'    
# 
loop_
_pdbx_audit_revision_category.ordinal 
_pdbx_audit_revision_category.revision_ordinal 
_pdbx_audit_revision_category.data_content_type 
_pdbx_audit_revision_category.category 
1 4 'Structure model' software                      
2 5 'Structure model' database_2                    
3 5 'Structure model' struct_ref_seq_dif            
4 6 'Structure model' chem_comp_atom                
5 6 'Structure model' chem_comp_bond                
6 6 'Structure model' pdbx_initial_refinement_model 
# 
loop_
_pdbx_audit_revision_item.ordinal 
_pdbx_audit_revision_item.revision_ordinal 
_pdbx_audit_revision_item.data_content_type 
_pdbx_audit_revision_item.item 
1 5 'Structure model' '_database_2.pdbx_DOI'                
2 5 'Structure model' '_database_2.pdbx_database_accession' 
3 5 'Structure model' '_struct_ref_seq_dif.details'         
# 
loop_
_software.name 
_software.classification 
_software.version 
_software.citation_id 
_software.pdbx_ordinal 
REFMAC    refinement     5.1.19 ? 1 
SCALEPACK 'data scaling' .      ? 2 
AMoRE     phasing        .      ? 3 
# 
loop_
_pdbx_validate_rmsd_bond.id 
_pdbx_validate_rmsd_bond.PDB_model_num 
_pdbx_validate_rmsd_bond.auth_atom_id_1 
_pdbx_validate_rmsd_bond.auth_asym_id_1 
_pdbx_validate_rmsd_bond.auth_comp_id_1 
_pdbx_validate_rmsd_bond.auth_seq_id_1 
_pdbx_validate_rmsd_bond.PDB_ins_code_1 
_pdbx_validate_rmsd_bond.label_alt_id_1 
_pdbx_validate_rmsd_bond.auth_atom_id_2 
_pdbx_validate_rmsd_bond.auth_asym_id_2 
_pdbx_validate_rmsd_bond.auth_comp_id_2 
_pdbx_validate_rmsd_bond.auth_seq_id_2 
_pdbx_validate_rmsd_bond.PDB_ins_code_2 
_pdbx_validate_rmsd_bond.label_alt_id_2 
_pdbx_validate_rmsd_bond.bond_value 
_pdbx_validate_rmsd_bond.bond_target_value 
_pdbx_validate_rmsd_bond.bond_deviation 
_pdbx_validate_rmsd_bond.bond_standard_deviation 
_pdbx_validate_rmsd_bond.linker_flag 
1  1 CA A LYS 7  ? ? CB  A LYS 7  ? ? 1.679 1.535 0.144  0.022 N 
2  1 CE A LYS 55 ? ? NZ  A LYS 55 ? ? 1.648 1.486 0.162  0.025 N 
3  1 CB A GLU 65 ? ? CG  A GLU 65 ? ? 1.646 1.517 0.129  0.019 N 
4  1 CG A GLU 65 ? ? CD  A GLU 65 ? ? 1.606 1.515 0.091  0.015 N 
5  1 CG B TRP 6  ? ? CD1 B TRP 6  ? ? 1.447 1.363 0.084  0.014 N 
6  1 CG B GLU 21 ? ? CD  B GLU 21 ? ? 1.617 1.515 0.102  0.015 N 
7  1 CD B GLU 21 ? ? OE2 B GLU 21 ? ? 1.339 1.252 0.087  0.011 N 
8  1 C  B GLY 40 ? ? N   B LYS 41 ? ? 1.190 1.336 -0.146 0.023 Y 
9  1 N  B LYS 41 ? ? CA  B LYS 41 ? ? 1.321 1.459 -0.138 0.020 N 
10 1 CA B LYS 45 ? ? CB  B LYS 45 ? ? 1.675 1.535 0.140  0.022 N 
11 1 CA B ALA 71 ? ? CB  B ALA 71 ? ? 1.660 1.520 0.140  0.021 N 
12 1 CB B THR 96 ? ? CG2 B THR 96 ? ? 1.724 1.519 0.205  0.033 N 
13 1 C  B PHE 99 ? ? O   B PHE 99 ? ? 1.425 1.229 0.196  0.019 N 
14 1 C  B PHE 99 ? ? OXT B PHE 99 ? ? 1.392 1.229 0.163  0.019 N 
15 1 CA P LYS 9  ? ? CB  P LYS 9  ? ? 1.769 1.535 0.234  0.022 N 
# 
loop_
_pdbx_validate_rmsd_angle.id 
_pdbx_validate_rmsd_angle.PDB_model_num 
_pdbx_validate_rmsd_angle.auth_atom_id_1 
_pdbx_validate_rmsd_angle.auth_asym_id_1 
_pdbx_validate_rmsd_angle.auth_comp_id_1 
_pdbx_validate_rmsd_angle.auth_seq_id_1 
_pdbx_validate_rmsd_angle.PDB_ins_code_1 
_pdbx_validate_rmsd_angle.label_alt_id_1 
_pdbx_validate_rmsd_angle.auth_atom_id_2 
_pdbx_validate_rmsd_angle.auth_asym_id_2 
_pdbx_validate_rmsd_angle.auth_comp_id_2 
_pdbx_validate_rmsd_angle.auth_seq_id_2 
_pdbx_validate_rmsd_angle.PDB_ins_code_2 
_pdbx_validate_rmsd_angle.label_alt_id_2 
_pdbx_validate_rmsd_angle.auth_atom_id_3 
_pdbx_validate_rmsd_angle.auth_asym_id_3 
_pdbx_validate_rmsd_angle.auth_comp_id_3 
_pdbx_validate_rmsd_angle.auth_seq_id_3 
_pdbx_validate_rmsd_angle.PDB_ins_code_3 
_pdbx_validate_rmsd_angle.label_alt_id_3 
_pdbx_validate_rmsd_angle.angle_value 
_pdbx_validate_rmsd_angle.angle_target_value 
_pdbx_validate_rmsd_angle.angle_deviation 
_pdbx_validate_rmsd_angle.angle_standard_deviation 
_pdbx_validate_rmsd_angle.linker_flag 
1  1 NE A ARG 14 ? ? CZ A ARG 14 ? ? NH2 A ARG 14 ? ? 123.70 120.30 3.40   0.50 N 
2  1 NE B ARG 8  ? ? CZ B ARG 8  ? ? NH1 B ARG 8  ? ? 124.00 120.30 3.70   0.50 N 
3  1 NE B ARG 8  ? ? CZ B ARG 8  ? ? NH2 B ARG 8  ? ? 116.88 120.30 -3.42  0.50 N 
4  1 C  B LEU 38 ? ? N  B PRO 39 ? ? CA  B PRO 39 ? ? 128.92 119.30 9.62   1.50 Y 
5  1 C  B LEU 38 ? ? N  B PRO 39 ? ? CD  B PRO 39 ? ? 114.99 128.40 -13.41 2.10 Y 
6  1 O  B PRO 39 ? ? C  B PRO 39 ? ? N   B GLY 40 ? ? 112.78 123.20 -10.42 1.70 Y 
7  1 N  B PHE 53 ? ? CA B PHE 53 ? ? C   B PHE 53 ? ? 127.41 111.00 16.41  2.70 N 
8  1 C  B GLY 78 ? ? N  B PRO 79 ? ? CA  B PRO 79 ? ? 131.07 119.30 11.77  1.50 Y 
9  1 CA B LEU 97 ? ? CB B LEU 97 ? ? CG  B LEU 97 ? ? 131.27 115.30 15.97  2.30 N 
10 1 O  P ARG 2  ? ? C  P ARG 2  ? ? N   P GLN 3  ? ? 135.20 122.70 12.50  1.60 Y 
11 1 O  P ALA 4  ? ? C  P ALA 4  ? ? N   P ASN 5  ? ? 111.11 122.70 -11.59 1.60 Y 
12 1 N  P LYS 9  ? ? CA P LYS 9  ? ? C   P LYS 9  ? ? 130.76 111.00 19.76  2.70 N 
13 1 CA P LYS 9  ? ? C  P LYS 9  ? ? O   P LYS 9  ? ? 136.20 120.10 16.10  2.10 N 
# 
loop_
_pdbx_validate_torsion.id 
_pdbx_validate_torsion.PDB_model_num 
_pdbx_validate_torsion.auth_comp_id 
_pdbx_validate_torsion.auth_asym_id 
_pdbx_validate_torsion.auth_seq_id 
_pdbx_validate_torsion.PDB_ins_code 
_pdbx_validate_torsion.label_alt_id 
_pdbx_validate_torsion.phi 
_pdbx_validate_torsion.psi 
1 1 GLU A 35 ? ? -22.93  118.26 
2 1 GLN A 61 ? ? 34.26   58.25  
3 1 GLU B 35 ? ? -31.84  125.84 
4 1 PHE B 53 ? ? -107.67 68.80  
5 1 ALA P 4  ? ? -100.17 74.40  
6 1 ASN P 5  ? ? -61.30  34.43  
# 
_pdbx_validate_main_chain_plane.id                       1 
_pdbx_validate_main_chain_plane.PDB_model_num            1 
_pdbx_validate_main_chain_plane.auth_comp_id             ALA 
_pdbx_validate_main_chain_plane.auth_asym_id             P 
_pdbx_validate_main_chain_plane.auth_seq_id              4 
_pdbx_validate_main_chain_plane.PDB_ins_code             ? 
_pdbx_validate_main_chain_plane.label_alt_id             ? 
_pdbx_validate_main_chain_plane.improper_torsion_angle   24.33 
# 
_pdbx_validate_polymer_linkage.id               1 
_pdbx_validate_polymer_linkage.PDB_model_num    1 
_pdbx_validate_polymer_linkage.auth_atom_id_1   C 
_pdbx_validate_polymer_linkage.auth_asym_id_1   B 
_pdbx_validate_polymer_linkage.auth_comp_id_1   GLY 
_pdbx_validate_polymer_linkage.auth_seq_id_1    40 
_pdbx_validate_polymer_linkage.PDB_ins_code_1   ? 
_pdbx_validate_polymer_linkage.label_alt_id_1   ? 
_pdbx_validate_polymer_linkage.auth_atom_id_2   N 
_pdbx_validate_polymer_linkage.auth_asym_id_2   B 
_pdbx_validate_polymer_linkage.auth_comp_id_2   LYS 
_pdbx_validate_polymer_linkage.auth_seq_id_2    41 
_pdbx_validate_polymer_linkage.PDB_ins_code_2   ? 
_pdbx_validate_polymer_linkage.label_alt_id_2   ? 
_pdbx_validate_polymer_linkage.dist             1.19 
# 
loop_
_pdbx_unobs_or_zero_occ_atoms.id 
_pdbx_unobs_or_zero_occ_atoms.PDB_model_num 
_pdbx_unobs_or_zero_occ_atoms.polymer_flag 
_pdbx_unobs_or_zero_occ_atoms.occupancy_flag 
_pdbx_unobs_or_zero_occ_atoms.auth_asym_id 
_pdbx_unobs_or_zero_occ_atoms.auth_comp_id 
_pdbx_unobs_or_zero_occ_atoms.auth_seq_id 
_pdbx_unobs_or_zero_occ_atoms.PDB_ins_code 
_pdbx_unobs_or_zero_occ_atoms.auth_atom_id 
_pdbx_unobs_or_zero_occ_atoms.label_alt_id 
_pdbx_unobs_or_zero_occ_atoms.label_asym_id 
_pdbx_unobs_or_zero_occ_atoms.label_comp_id 
_pdbx_unobs_or_zero_occ_atoms.label_seq_id 
_pdbx_unobs_or_zero_occ_atoms.label_atom_id 
1  1 Y 1 A LYS 7  ? CG  ? A LYS 7  CG  
2  1 Y 1 A LYS 7  ? CD  ? A LYS 7  CD  
3  1 Y 1 A LYS 7  ? CE  ? A LYS 7  CE  
4  1 Y 1 A LYS 7  ? NZ  ? A LYS 7  NZ  
5  1 Y 1 A LEU 19 ? CG  ? A LEU 19 CG  
6  1 Y 1 A LEU 19 ? CD1 ? A LEU 19 CD1 
7  1 Y 1 A LEU 19 ? CD2 ? A LEU 19 CD2 
8  1 Y 1 A LYS 20 ? CG  ? A LYS 20 CG  
9  1 Y 1 A LYS 20 ? CD  ? A LYS 20 CD  
10 1 Y 1 A LYS 20 ? CE  ? A LYS 20 CE  
11 1 Y 1 A LYS 20 ? NZ  ? A LYS 20 NZ  
12 1 Y 1 A LYS 41 ? CG  ? A LYS 41 CG  
13 1 Y 1 A LYS 41 ? CD  ? A LYS 41 CD  
14 1 Y 1 A LYS 41 ? CE  ? A LYS 41 CE  
15 1 Y 1 A LYS 41 ? NZ  ? A LYS 41 NZ  
16 1 Y 1 A LYS 70 ? CG  ? A LYS 70 CG  
17 1 Y 1 A LYS 70 ? CD  ? A LYS 70 CD  
18 1 Y 1 A LYS 70 ? CE  ? A LYS 70 CE  
19 1 Y 1 A LYS 70 ? NZ  ? A LYS 70 NZ  
20 1 Y 1 B LYS 7  ? CG  ? B LYS 7  CG  
21 1 Y 1 B LYS 7  ? CD  ? B LYS 7  CD  
22 1 Y 1 B LYS 7  ? CE  ? B LYS 7  CE  
23 1 Y 1 B LYS 7  ? NZ  ? B LYS 7  NZ  
24 1 Y 1 B LYS 41 ? CG  ? B LYS 41 CG  
25 1 Y 1 B LYS 41 ? CD  ? B LYS 41 CD  
26 1 Y 1 B LYS 41 ? CE  ? B LYS 41 CE  
27 1 Y 1 B LYS 41 ? NZ  ? B LYS 41 NZ  
28 1 Y 1 B LYS 43 ? CG  ? B LYS 43 CG  
29 1 Y 1 B LYS 43 ? CD  ? B LYS 43 CD  
30 1 Y 1 B LYS 43 ? CE  ? B LYS 43 CE  
31 1 Y 1 B LYS 43 ? NZ  ? B LYS 43 NZ  
32 1 Y 1 B LYS 45 ? CG  ? B LYS 45 CG  
33 1 Y 1 B LYS 45 ? CD  ? B LYS 45 CD  
34 1 Y 1 B LYS 45 ? CE  ? B LYS 45 CE  
35 1 Y 1 B LYS 45 ? NZ  ? B LYS 45 NZ  
36 1 Y 1 B ILE 50 ? CG1 ? B ILE 50 CG1 
37 1 Y 1 B ILE 50 ? CG2 ? B ILE 50 CG2 
38 1 Y 1 B ILE 50 ? CD1 ? B ILE 50 CD1 
39 1 Y 1 B LYS 70 ? CG  ? B LYS 70 CG  
40 1 Y 1 B LYS 70 ? CD  ? B LYS 70 CD  
41 1 Y 1 B LYS 70 ? CE  ? B LYS 70 CE  
42 1 Y 1 B LYS 70 ? NZ  ? B LYS 70 NZ  
43 1 Y 1 P ARG 2  ? CG  ? C ARG 1  CG  
44 1 Y 1 P ARG 2  ? CD  ? C ARG 1  CD  
45 1 Y 1 P ARG 2  ? NE  ? C ARG 1  NE  
46 1 Y 1 P ARG 2  ? CZ  ? C ARG 1  CZ  
47 1 Y 1 P ARG 2  ? NH1 ? C ARG 1  NH1 
48 1 Y 1 P ARG 2  ? NH2 ? C ARG 1  NH2 
49 1 Y 1 P GLN 3  ? CG  ? C GLN 2  CG  
50 1 Y 1 P GLN 3  ? CD  ? C GLN 2  CD  
51 1 Y 1 P GLN 3  ? OE1 ? C GLN 2  OE1 
52 1 Y 1 P GLN 3  ? NE2 ? C GLN 2  NE2 
53 1 Y 1 P LYS 9  ? CG  ? C LYS 8  CG  
54 1 Y 1 P LYS 9  ? CD  ? C LYS 8  CD  
55 1 Y 1 P LYS 9  ? CE  ? C LYS 8  CE  
56 1 Y 1 P LYS 9  ? NZ  ? C LYS 8  NZ  
# 
loop_
_chem_comp_atom.comp_id 
_chem_comp_atom.atom_id 
_chem_comp_atom.type_symbol 
_chem_comp_atom.pdbx_aromatic_flag 
_chem_comp_atom.pdbx_stereo_config 
_chem_comp_atom.pdbx_ordinal 
ALA N    N N N 1   
ALA CA   C N S 2   
ALA C    C N N 3   
ALA O    O N N 4   
ALA CB   C N N 5   
ALA OXT  O N N 6   
ALA H    H N N 7   
ALA H2   H N N 8   
ALA HA   H N N 9   
ALA HB1  H N N 10  
ALA HB2  H N N 11  
ALA HB3  H N N 12  
ALA HXT  H N N 13  
ARG N    N N N 14  
ARG CA   C N S 15  
ARG C    C N N 16  
ARG O    O N N 17  
ARG CB   C N N 18  
ARG CG   C N N 19  
ARG CD   C N N 20  
ARG NE   N N N 21  
ARG CZ   C N N 22  
ARG NH1  N N N 23  
ARG NH2  N N N 24  
ARG OXT  O N N 25  
ARG H    H N N 26  
ARG H2   H N N 27  
ARG HA   H N N 28  
ARG HB2  H N N 29  
ARG HB3  H N N 30  
ARG HG2  H N N 31  
ARG HG3  H N N 32  
ARG HD2  H N N 33  
ARG HD3  H N N 34  
ARG HE   H N N 35  
ARG HH11 H N N 36  
ARG HH12 H N N 37  
ARG HH21 H N N 38  
ARG HH22 H N N 39  
ARG HXT  H N N 40  
ASN N    N N N 41  
ASN CA   C N S 42  
ASN C    C N N 43  
ASN O    O N N 44  
ASN CB   C N N 45  
ASN CG   C N N 46  
ASN OD1  O N N 47  
ASN ND2  N N N 48  
ASN OXT  O N N 49  
ASN H    H N N 50  
ASN H2   H N N 51  
ASN HA   H N N 52  
ASN HB2  H N N 53  
ASN HB3  H N N 54  
ASN HD21 H N N 55  
ASN HD22 H N N 56  
ASN HXT  H N N 57  
ASP N    N N N 58  
ASP CA   C N S 59  
ASP C    C N N 60  
ASP O    O N N 61  
ASP CB   C N N 62  
ASP CG   C N N 63  
ASP OD1  O N N 64  
ASP OD2  O N N 65  
ASP OXT  O N N 66  
ASP H    H N N 67  
ASP H2   H N N 68  
ASP HA   H N N 69  
ASP HB2  H N N 70  
ASP HB3  H N N 71  
ASP HD2  H N N 72  
ASP HXT  H N N 73  
CYS N    N N N 74  
CYS CA   C N R 75  
CYS C    C N N 76  
CYS O    O N N 77  
CYS CB   C N N 78  
CYS SG   S N N 79  
CYS OXT  O N N 80  
CYS H    H N N 81  
CYS H2   H N N 82  
CYS HA   H N N 83  
CYS HB2  H N N 84  
CYS HB3  H N N 85  
CYS HG   H N N 86  
CYS HXT  H N N 87  
GLN N    N N N 88  
GLN CA   C N S 89  
GLN C    C N N 90  
GLN O    O N N 91  
GLN CB   C N N 92  
GLN CG   C N N 93  
GLN CD   C N N 94  
GLN OE1  O N N 95  
GLN NE2  N N N 96  
GLN OXT  O N N 97  
GLN H    H N N 98  
GLN H2   H N N 99  
GLN HA   H N N 100 
GLN HB2  H N N 101 
GLN HB3  H N N 102 
GLN HG2  H N N 103 
GLN HG3  H N N 104 
GLN HE21 H N N 105 
GLN HE22 H N N 106 
GLN HXT  H N N 107 
GLU N    N N N 108 
GLU CA   C N S 109 
GLU C    C N N 110 
GLU O    O N N 111 
GLU CB   C N N 112 
GLU CG   C N N 113 
GLU CD   C N N 114 
GLU OE1  O N N 115 
GLU OE2  O N N 116 
GLU OXT  O N N 117 
GLU H    H N N 118 
GLU H2   H N N 119 
GLU HA   H N N 120 
GLU HB2  H N N 121 
GLU HB3  H N N 122 
GLU HG2  H N N 123 
GLU HG3  H N N 124 
GLU HE2  H N N 125 
GLU HXT  H N N 126 
GLY N    N N N 127 
GLY CA   C N N 128 
GLY C    C N N 129 
GLY O    O N N 130 
GLY OXT  O N N 131 
GLY H    H N N 132 
GLY H2   H N N 133 
GLY HA2  H N N 134 
GLY HA3  H N N 135 
GLY HXT  H N N 136 
HIS N    N N N 137 
HIS CA   C N S 138 
HIS C    C N N 139 
HIS O    O N N 140 
HIS CB   C N N 141 
HIS CG   C Y N 142 
HIS ND1  N Y N 143 
HIS CD2  C Y N 144 
HIS CE1  C Y N 145 
HIS NE2  N Y N 146 
HIS OXT  O N N 147 
HIS H    H N N 148 
HIS H2   H N N 149 
HIS HA   H N N 150 
HIS HB2  H N N 151 
HIS HB3  H N N 152 
HIS HD1  H N N 153 
HIS HD2  H N N 154 
HIS HE1  H N N 155 
HIS HE2  H N N 156 
HIS HXT  H N N 157 
HOH O    O N N 158 
HOH H1   H N N 159 
HOH H2   H N N 160 
ILE N    N N N 161 
ILE CA   C N S 162 
ILE C    C N N 163 
ILE O    O N N 164 
ILE CB   C N S 165 
ILE CG1  C N N 166 
ILE CG2  C N N 167 
ILE CD1  C N N 168 
ILE OXT  O N N 169 
ILE H    H N N 170 
ILE H2   H N N 171 
ILE HA   H N N 172 
ILE HB   H N N 173 
ILE HG12 H N N 174 
ILE HG13 H N N 175 
ILE HG21 H N N 176 
ILE HG22 H N N 177 
ILE HG23 H N N 178 
ILE HD11 H N N 179 
ILE HD12 H N N 180 
ILE HD13 H N N 181 
ILE HXT  H N N 182 
LEU N    N N N 183 
LEU CA   C N S 184 
LEU C    C N N 185 
LEU O    O N N 186 
LEU CB   C N N 187 
LEU CG   C N N 188 
LEU CD1  C N N 189 
LEU CD2  C N N 190 
LEU OXT  O N N 191 
LEU H    H N N 192 
LEU H2   H N N 193 
LEU HA   H N N 194 
LEU HB2  H N N 195 
LEU HB3  H N N 196 
LEU HG   H N N 197 
LEU HD11 H N N 198 
LEU HD12 H N N 199 
LEU HD13 H N N 200 
LEU HD21 H N N 201 
LEU HD22 H N N 202 
LEU HD23 H N N 203 
LEU HXT  H N N 204 
LYS N    N N N 205 
LYS CA   C N S 206 
LYS C    C N N 207 
LYS O    O N N 208 
LYS CB   C N N 209 
LYS CG   C N N 210 
LYS CD   C N N 211 
LYS CE   C N N 212 
LYS NZ   N N N 213 
LYS OXT  O N N 214 
LYS H    H N N 215 
LYS H2   H N N 216 
LYS HA   H N N 217 
LYS HB2  H N N 218 
LYS HB3  H N N 219 
LYS HG2  H N N 220 
LYS HG3  H N N 221 
LYS HD2  H N N 222 
LYS HD3  H N N 223 
LYS HE2  H N N 224 
LYS HE3  H N N 225 
LYS HZ1  H N N 226 
LYS HZ2  H N N 227 
LYS HZ3  H N N 228 
LYS HXT  H N N 229 
MET N    N N N 230 
MET CA   C N S 231 
MET C    C N N 232 
MET O    O N N 233 
MET CB   C N N 234 
MET CG   C N N 235 
MET SD   S N N 236 
MET CE   C N N 237 
MET OXT  O N N 238 
MET H    H N N 239 
MET H2   H N N 240 
MET HA   H N N 241 
MET HB2  H N N 242 
MET HB3  H N N 243 
MET HG2  H N N 244 
MET HG3  H N N 245 
MET HE1  H N N 246 
MET HE2  H N N 247 
MET HE3  H N N 248 
MET HXT  H N N 249 
PHE N    N N N 250 
PHE CA   C N S 251 
PHE C    C N N 252 
PHE O    O N N 253 
PHE CB   C N N 254 
PHE CG   C Y N 255 
PHE CD1  C Y N 256 
PHE CD2  C Y N 257 
PHE CE1  C Y N 258 
PHE CE2  C Y N 259 
PHE CZ   C Y N 260 
PHE OXT  O N N 261 
PHE H    H N N 262 
PHE H2   H N N 263 
PHE HA   H N N 264 
PHE HB2  H N N 265 
PHE HB3  H N N 266 
PHE HD1  H N N 267 
PHE HD2  H N N 268 
PHE HE1  H N N 269 
PHE HE2  H N N 270 
PHE HZ   H N N 271 
PHE HXT  H N N 272 
PRO N    N N N 273 
PRO CA   C N S 274 
PRO C    C N N 275 
PRO O    O N N 276 
PRO CB   C N N 277 
PRO CG   C N N 278 
PRO CD   C N N 279 
PRO OXT  O N N 280 
PRO H    H N N 281 
PRO HA   H N N 282 
PRO HB2  H N N 283 
PRO HB3  H N N 284 
PRO HG2  H N N 285 
PRO HG3  H N N 286 
PRO HD2  H N N 287 
PRO HD3  H N N 288 
PRO HXT  H N N 289 
THR N    N N N 290 
THR CA   C N S 291 
THR C    C N N 292 
THR O    O N N 293 
THR CB   C N R 294 
THR OG1  O N N 295 
THR CG2  C N N 296 
THR OXT  O N N 297 
THR H    H N N 298 
THR H2   H N N 299 
THR HA   H N N 300 
THR HB   H N N 301 
THR HG1  H N N 302 
THR HG21 H N N 303 
THR HG22 H N N 304 
THR HG23 H N N 305 
THR HXT  H N N 306 
TRP N    N N N 307 
TRP CA   C N S 308 
TRP C    C N N 309 
TRP O    O N N 310 
TRP CB   C N N 311 
TRP CG   C Y N 312 
TRP CD1  C Y N 313 
TRP CD2  C Y N 314 
TRP NE1  N Y N 315 
TRP CE2  C Y N 316 
TRP CE3  C Y N 317 
TRP CZ2  C Y N 318 
TRP CZ3  C Y N 319 
TRP CH2  C Y N 320 
TRP OXT  O N N 321 
TRP H    H N N 322 
TRP H2   H N N 323 
TRP HA   H N N 324 
TRP HB2  H N N 325 
TRP HB3  H N N 326 
TRP HD1  H N N 327 
TRP HE1  H N N 328 
TRP HE3  H N N 329 
TRP HZ2  H N N 330 
TRP HZ3  H N N 331 
TRP HH2  H N N 332 
TRP HXT  H N N 333 
TYR N    N N N 334 
TYR CA   C N S 335 
TYR C    C N N 336 
TYR O    O N N 337 
TYR CB   C N N 338 
TYR CG   C Y N 339 
TYR CD1  C Y N 340 
TYR CD2  C Y N 341 
TYR CE1  C Y N 342 
TYR CE2  C Y N 343 
TYR CZ   C Y N 344 
TYR OH   O N N 345 
TYR OXT  O N N 346 
TYR H    H N N 347 
TYR H2   H N N 348 
TYR HA   H N N 349 
TYR HB2  H N N 350 
TYR HB3  H N N 351 
TYR HD1  H N N 352 
TYR HD2  H N N 353 
TYR HE1  H N N 354 
TYR HE2  H N N 355 
TYR HH   H N N 356 
TYR HXT  H N N 357 
VAL N    N N N 358 
VAL CA   C N S 359 
VAL C    C N N 360 
VAL O    O N N 361 
VAL CB   C N N 362 
VAL CG1  C N N 363 
VAL CG2  C N N 364 
VAL OXT  O N N 365 
VAL H    H N N 366 
VAL H2   H N N 367 
VAL HA   H N N 368 
VAL HB   H N N 369 
VAL HG11 H N N 370 
VAL HG12 H N N 371 
VAL HG13 H N N 372 
VAL HG21 H N N 373 
VAL HG22 H N N 374 
VAL HG23 H N N 375 
VAL HXT  H N N 376 
# 
loop_
_chem_comp_bond.comp_id 
_chem_comp_bond.atom_id_1 
_chem_comp_bond.atom_id_2 
_chem_comp_bond.value_order 
_chem_comp_bond.pdbx_aromatic_flag 
_chem_comp_bond.pdbx_stereo_config 
_chem_comp_bond.pdbx_ordinal 
ALA N   CA   sing N N 1   
ALA N   H    sing N N 2   
ALA N   H2   sing N N 3   
ALA CA  C    sing N N 4   
ALA CA  CB   sing N N 5   
ALA CA  HA   sing N N 6   
ALA C   O    doub N N 7   
ALA C   OXT  sing N N 8   
ALA CB  HB1  sing N N 9   
ALA CB  HB2  sing N N 10  
ALA CB  HB3  sing N N 11  
ALA OXT HXT  sing N N 12  
ARG N   CA   sing N N 13  
ARG N   H    sing N N 14  
ARG N   H2   sing N N 15  
ARG CA  C    sing N N 16  
ARG CA  CB   sing N N 17  
ARG CA  HA   sing N N 18  
ARG C   O    doub N N 19  
ARG C   OXT  sing N N 20  
ARG CB  CG   sing N N 21  
ARG CB  HB2  sing N N 22  
ARG CB  HB3  sing N N 23  
ARG CG  CD   sing N N 24  
ARG CG  HG2  sing N N 25  
ARG CG  HG3  sing N N 26  
ARG CD  NE   sing N N 27  
ARG CD  HD2  sing N N 28  
ARG CD  HD3  sing N N 29  
ARG NE  CZ   sing N N 30  
ARG NE  HE   sing N N 31  
ARG CZ  NH1  sing N N 32  
ARG CZ  NH2  doub N N 33  
ARG NH1 HH11 sing N N 34  
ARG NH1 HH12 sing N N 35  
ARG NH2 HH21 sing N N 36  
ARG NH2 HH22 sing N N 37  
ARG OXT HXT  sing N N 38  
ASN N   CA   sing N N 39  
ASN N   H    sing N N 40  
ASN N   H2   sing N N 41  
ASN CA  C    sing N N 42  
ASN CA  CB   sing N N 43  
ASN CA  HA   sing N N 44  
ASN C   O    doub N N 45  
ASN C   OXT  sing N N 46  
ASN CB  CG   sing N N 47  
ASN CB  HB2  sing N N 48  
ASN CB  HB3  sing N N 49  
ASN CG  OD1  doub N N 50  
ASN CG  ND2  sing N N 51  
ASN ND2 HD21 sing N N 52  
ASN ND2 HD22 sing N N 53  
ASN OXT HXT  sing N N 54  
ASP N   CA   sing N N 55  
ASP N   H    sing N N 56  
ASP N   H2   sing N N 57  
ASP CA  C    sing N N 58  
ASP CA  CB   sing N N 59  
ASP CA  HA   sing N N 60  
ASP C   O    doub N N 61  
ASP C   OXT  sing N N 62  
ASP CB  CG   sing N N 63  
ASP CB  HB2  sing N N 64  
ASP CB  HB3  sing N N 65  
ASP CG  OD1  doub N N 66  
ASP CG  OD2  sing N N 67  
ASP OD2 HD2  sing N N 68  
ASP OXT HXT  sing N N 69  
CYS N   CA   sing N N 70  
CYS N   H    sing N N 71  
CYS N   H2   sing N N 72  
CYS CA  C    sing N N 73  
CYS CA  CB   sing N N 74  
CYS CA  HA   sing N N 75  
CYS C   O    doub N N 76  
CYS C   OXT  sing N N 77  
CYS CB  SG   sing N N 78  
CYS CB  HB2  sing N N 79  
CYS CB  HB3  sing N N 80  
CYS SG  HG   sing N N 81  
CYS OXT HXT  sing N N 82  
GLN N   CA   sing N N 83  
GLN N   H    sing N N 84  
GLN N   H2   sing N N 85  
GLN CA  C    sing N N 86  
GLN CA  CB   sing N N 87  
GLN CA  HA   sing N N 88  
GLN C   O    doub N N 89  
GLN C   OXT  sing N N 90  
GLN CB  CG   sing N N 91  
GLN CB  HB2  sing N N 92  
GLN CB  HB3  sing N N 93  
GLN CG  CD   sing N N 94  
GLN CG  HG2  sing N N 95  
GLN CG  HG3  sing N N 96  
GLN CD  OE1  doub N N 97  
GLN CD  NE2  sing N N 98  
GLN NE2 HE21 sing N N 99  
GLN NE2 HE22 sing N N 100 
GLN OXT HXT  sing N N 101 
GLU N   CA   sing N N 102 
GLU N   H    sing N N 103 
GLU N   H2   sing N N 104 
GLU CA  C    sing N N 105 
GLU CA  CB   sing N N 106 
GLU CA  HA   sing N N 107 
GLU C   O    doub N N 108 
GLU C   OXT  sing N N 109 
GLU CB  CG   sing N N 110 
GLU CB  HB2  sing N N 111 
GLU CB  HB3  sing N N 112 
GLU CG  CD   sing N N 113 
GLU CG  HG2  sing N N 114 
GLU CG  HG3  sing N N 115 
GLU CD  OE1  doub N N 116 
GLU CD  OE2  sing N N 117 
GLU OE2 HE2  sing N N 118 
GLU OXT HXT  sing N N 119 
GLY N   CA   sing N N 120 
GLY N   H    sing N N 121 
GLY N   H2   sing N N 122 
GLY CA  C    sing N N 123 
GLY CA  HA2  sing N N 124 
GLY CA  HA3  sing N N 125 
GLY C   O    doub N N 126 
GLY C   OXT  sing N N 127 
GLY OXT HXT  sing N N 128 
HIS N   CA   sing N N 129 
HIS N   H    sing N N 130 
HIS N   H2   sing N N 131 
HIS CA  C    sing N N 132 
HIS CA  CB   sing N N 133 
HIS CA  HA   sing N N 134 
HIS C   O    doub N N 135 
HIS C   OXT  sing N N 136 
HIS CB  CG   sing N N 137 
HIS CB  HB2  sing N N 138 
HIS CB  HB3  sing N N 139 
HIS CG  ND1  sing Y N 140 
HIS CG  CD2  doub Y N 141 
HIS ND1 CE1  doub Y N 142 
HIS ND1 HD1  sing N N 143 
HIS CD2 NE2  sing Y N 144 
HIS CD2 HD2  sing N N 145 
HIS CE1 NE2  sing Y N 146 
HIS CE1 HE1  sing N N 147 
HIS NE2 HE2  sing N N 148 
HIS OXT HXT  sing N N 149 
HOH O   H1   sing N N 150 
HOH O   H2   sing N N 151 
ILE N   CA   sing N N 152 
ILE N   H    sing N N 153 
ILE N   H2   sing N N 154 
ILE CA  C    sing N N 155 
ILE CA  CB   sing N N 156 
ILE CA  HA   sing N N 157 
ILE C   O    doub N N 158 
ILE C   OXT  sing N N 159 
ILE CB  CG1  sing N N 160 
ILE CB  CG2  sing N N 161 
ILE CB  HB   sing N N 162 
ILE CG1 CD1  sing N N 163 
ILE CG1 HG12 sing N N 164 
ILE CG1 HG13 sing N N 165 
ILE CG2 HG21 sing N N 166 
ILE CG2 HG22 sing N N 167 
ILE CG2 HG23 sing N N 168 
ILE CD1 HD11 sing N N 169 
ILE CD1 HD12 sing N N 170 
ILE CD1 HD13 sing N N 171 
ILE OXT HXT  sing N N 172 
LEU N   CA   sing N N 173 
LEU N   H    sing N N 174 
LEU N   H2   sing N N 175 
LEU CA  C    sing N N 176 
LEU CA  CB   sing N N 177 
LEU CA  HA   sing N N 178 
LEU C   O    doub N N 179 
LEU C   OXT  sing N N 180 
LEU CB  CG   sing N N 181 
LEU CB  HB2  sing N N 182 
LEU CB  HB3  sing N N 183 
LEU CG  CD1  sing N N 184 
LEU CG  CD2  sing N N 185 
LEU CG  HG   sing N N 186 
LEU CD1 HD11 sing N N 187 
LEU CD1 HD12 sing N N 188 
LEU CD1 HD13 sing N N 189 
LEU CD2 HD21 sing N N 190 
LEU CD2 HD22 sing N N 191 
LEU CD2 HD23 sing N N 192 
LEU OXT HXT  sing N N 193 
LYS N   CA   sing N N 194 
LYS N   H    sing N N 195 
LYS N   H2   sing N N 196 
LYS CA  C    sing N N 197 
LYS CA  CB   sing N N 198 
LYS CA  HA   sing N N 199 
LYS C   O    doub N N 200 
LYS C   OXT  sing N N 201 
LYS CB  CG   sing N N 202 
LYS CB  HB2  sing N N 203 
LYS CB  HB3  sing N N 204 
LYS CG  CD   sing N N 205 
LYS CG  HG2  sing N N 206 
LYS CG  HG3  sing N N 207 
LYS CD  CE   sing N N 208 
LYS CD  HD2  sing N N 209 
LYS CD  HD3  sing N N 210 
LYS CE  NZ   sing N N 211 
LYS CE  HE2  sing N N 212 
LYS CE  HE3  sing N N 213 
LYS NZ  HZ1  sing N N 214 
LYS NZ  HZ2  sing N N 215 
LYS NZ  HZ3  sing N N 216 
LYS OXT HXT  sing N N 217 
MET N   CA   sing N N 218 
MET N   H    sing N N 219 
MET N   H2   sing N N 220 
MET CA  C    sing N N 221 
MET CA  CB   sing N N 222 
MET CA  HA   sing N N 223 
MET C   O    doub N N 224 
MET C   OXT  sing N N 225 
MET CB  CG   sing N N 226 
MET CB  HB2  sing N N 227 
MET CB  HB3  sing N N 228 
MET CG  SD   sing N N 229 
MET CG  HG2  sing N N 230 
MET CG  HG3  sing N N 231 
MET SD  CE   sing N N 232 
MET CE  HE1  sing N N 233 
MET CE  HE2  sing N N 234 
MET CE  HE3  sing N N 235 
MET OXT HXT  sing N N 236 
PHE N   CA   sing N N 237 
PHE N   H    sing N N 238 
PHE N   H2   sing N N 239 
PHE CA  C    sing N N 240 
PHE CA  CB   sing N N 241 
PHE CA  HA   sing N N 242 
PHE C   O    doub N N 243 
PHE C   OXT  sing N N 244 
PHE CB  CG   sing N N 245 
PHE CB  HB2  sing N N 246 
PHE CB  HB3  sing N N 247 
PHE CG  CD1  doub Y N 248 
PHE CG  CD2  sing Y N 249 
PHE CD1 CE1  sing Y N 250 
PHE CD1 HD1  sing N N 251 
PHE CD2 CE2  doub Y N 252 
PHE CD2 HD2  sing N N 253 
PHE CE1 CZ   doub Y N 254 
PHE CE1 HE1  sing N N 255 
PHE CE2 CZ   sing Y N 256 
PHE CE2 HE2  sing N N 257 
PHE CZ  HZ   sing N N 258 
PHE OXT HXT  sing N N 259 
PRO N   CA   sing N N 260 
PRO N   CD   sing N N 261 
PRO N   H    sing N N 262 
PRO CA  C    sing N N 263 
PRO CA  CB   sing N N 264 
PRO CA  HA   sing N N 265 
PRO C   O    doub N N 266 
PRO C   OXT  sing N N 267 
PRO CB  CG   sing N N 268 
PRO CB  HB2  sing N N 269 
PRO CB  HB3  sing N N 270 
PRO CG  CD   sing N N 271 
PRO CG  HG2  sing N N 272 
PRO CG  HG3  sing N N 273 
PRO CD  HD2  sing N N 274 
PRO CD  HD3  sing N N 275 
PRO OXT HXT  sing N N 276 
THR N   CA   sing N N 277 
THR N   H    sing N N 278 
THR N   H2   sing N N 279 
THR CA  C    sing N N 280 
THR CA  CB   sing N N 281 
THR CA  HA   sing N N 282 
THR C   O    doub N N 283 
THR C   OXT  sing N N 284 
THR CB  OG1  sing N N 285 
THR CB  CG2  sing N N 286 
THR CB  HB   sing N N 287 
THR OG1 HG1  sing N N 288 
THR CG2 HG21 sing N N 289 
THR CG2 HG22 sing N N 290 
THR CG2 HG23 sing N N 291 
THR OXT HXT  sing N N 292 
TRP N   CA   sing N N 293 
TRP N   H    sing N N 294 
TRP N   H2   sing N N 295 
TRP CA  C    sing N N 296 
TRP CA  CB   sing N N 297 
TRP CA  HA   sing N N 298 
TRP C   O    doub N N 299 
TRP C   OXT  sing N N 300 
TRP CB  CG   sing N N 301 
TRP CB  HB2  sing N N 302 
TRP CB  HB3  sing N N 303 
TRP CG  CD1  doub Y N 304 
TRP CG  CD2  sing Y N 305 
TRP CD1 NE1  sing Y N 306 
TRP CD1 HD1  sing N N 307 
TRP CD2 CE2  doub Y N 308 
TRP CD2 CE3  sing Y N 309 
TRP NE1 CE2  sing Y N 310 
TRP NE1 HE1  sing N N 311 
TRP CE2 CZ2  sing Y N 312 
TRP CE3 CZ3  doub Y N 313 
TRP CE3 HE3  sing N N 314 
TRP CZ2 CH2  doub Y N 315 
TRP CZ2 HZ2  sing N N 316 
TRP CZ3 CH2  sing Y N 317 
TRP CZ3 HZ3  sing N N 318 
TRP CH2 HH2  sing N N 319 
TRP OXT HXT  sing N N 320 
TYR N   CA   sing N N 321 
TYR N   H    sing N N 322 
TYR N   H2   sing N N 323 
TYR CA  C    sing N N 324 
TYR CA  CB   sing N N 325 
TYR CA  HA   sing N N 326 
TYR C   O    doub N N 327 
TYR C   OXT  sing N N 328 
TYR CB  CG   sing N N 329 
TYR CB  HB2  sing N N 330 
TYR CB  HB3  sing N N 331 
TYR CG  CD1  doub Y N 332 
TYR CG  CD2  sing Y N 333 
TYR CD1 CE1  sing Y N 334 
TYR CD1 HD1  sing N N 335 
TYR CD2 CE2  doub Y N 336 
TYR CD2 HD2  sing N N 337 
TYR CE1 CZ   doub Y N 338 
TYR CE1 HE1  sing N N 339 
TYR CE2 CZ   sing Y N 340 
TYR CE2 HE2  sing N N 341 
TYR CZ  OH   sing N N 342 
TYR OH  HH   sing N N 343 
TYR OXT HXT  sing N N 344 
VAL N   CA   sing N N 345 
VAL N   H    sing N N 346 
VAL N   H2   sing N N 347 
VAL CA  C    sing N N 348 
VAL CA  CB   sing N N 349 
VAL CA  HA   sing N N 350 
VAL C   O    doub N N 351 
VAL C   OXT  sing N N 352 
VAL CB  CG1  sing N N 353 
VAL CB  CG2  sing N N 354 
VAL CB  HB   sing N N 355 
VAL CG1 HG11 sing N N 356 
VAL CG1 HG12 sing N N 357 
VAL CG1 HG13 sing N N 358 
VAL CG2 HG21 sing N N 359 
VAL CG2 HG22 sing N N 360 
VAL CG2 HG23 sing N N 361 
VAL OXT HXT  sing N N 362 
# 
_pdbx_entity_nonpoly.entity_id   3 
_pdbx_entity_nonpoly.name        water 
_pdbx_entity_nonpoly.comp_id     HOH 
# 
_pdbx_initial_refinement_model.id               1 
_pdbx_initial_refinement_model.entity_id_list   ? 
_pdbx_initial_refinement_model.type             'experimental model' 
_pdbx_initial_refinement_model.source_name      PDB 
_pdbx_initial_refinement_model.accession_code   1MTR 
_pdbx_initial_refinement_model.details          ? 
# 
